data_3TT1
#
_entry.id   3TT1
#
_cell.length_a   102.859
_cell.length_b   162.761
_cell.length_c   210.081
_cell.angle_alpha   90.00
_cell.angle_beta   90.00
_cell.angle_gamma   90.00
#
_symmetry.space_group_name_H-M   'P 21 21 21'
#
loop_
_entity.id
_entity.type
_entity.pdbx_description
1 polymer 'Leucine transporter LeuT'
2 polymer 'mouse monoclonal 1gG2a Fab fragment, heavy chain'
3 polymer 'mouse monoclonal 1gG2a Fab fragment, kappa light chain'
4 non-polymer 'SODIUM ION'
5 non-polymer 'octyl 1-thio-beta-D-glucopyranoside'
6 water water
#
loop_
_entity_poly.entity_id
_entity_poly.type
_entity_poly.pdbx_seq_one_letter_code
_entity_poly.pdbx_strand_id
1 'polypeptide(L)'
;MEVKREHWATRLGLILAMAGNAVGLGNFLRFPVQAAENGGGAFMIPYIIAFLLVGIPLMWIEWAMGRYGGAQGHGTTPAI
FYLLWRNRFAKILGVFGLWIPLVVAIYFVYIESWTLGFAIKFLVGLVPEPPPNATDPDSILRPFKEFLYSYIGVPKGDEP
ILKPSLFAYIVFLITMFINVSILIRGISKGIERFAKIAMPTLFILAVFLVIRVFLLETPNGTAADGLNFLWTPDFEKLKD
PGVWIAAVGQIFFTLSLGFGAIITYASYVRKDQDIVLSGLTAATLNEAAEVILGGSISIPAAVAFFGVANAVAIAKAGAF
NLGFITLPAIFSQTAGGTFLGFLWFFLLFFAGLTSSIAIMQPMIAFLEDELKLSRKHAVLWTAAIVFFSAHLVMFLNKSL
DEMDFWAGTIGVVFFGLTELIIFFWIFGADKAWEEINRGGIIKVPRIYYYVMRYITPAFLAVLLVVWAREYIPKIMEETH
WTVWITRFYIIGLFLFLTFLVFLAERRRNHESAGTLVPR
;
A,B
2 'polypeptide(L)'
;DIVLTQSPASLAVSLGQRATISCKASQSVDYDGDSYMNWYQQKPGQPPKLLIYGASNLESGIPARFSGSGSGTDFTLNIH
PVEEEDAATYYCQQSNEDPYTFGGGTKLEIKRADAAPTVSIFPPSSEQLTSGGASVVCFLNNFYPKDINVKWKIDGSERQ
NGVLNSWTDQDSKDSTYSMSSTLTLTKDEYERHNSYTCEATHKTSTSPIVKSFNRNEC
;
L,M
3 'polypeptide(L)'
;QVQLQQSGAELARPGASVKLSCKASGYTFTDYYINWMKQRTGQGLEWIGEIYPGVGTTYYDEKFKGKATLTADKSSRSAY
MQLSSLTSEDSAVYFCARRTVTMGRYAMDYWGQGTSVTVSSAKTTAPSVYPLAPVCGDTTGSSVTLGCLVKGYFPEPVTL
TWNSGSLSSGVHTFPAVLQSDLYTLSSSVTVTSSTWPSQSITCNVAHPASSTKVDKKIE
;
H,I
#
# COMPACT_ATOMS: atom_id res chain seq x y z
N ARG A 5 13.18 -12.91 2.71
CA ARG A 5 14.16 -12.76 1.63
C ARG A 5 15.11 -13.96 1.59
N GLU A 6 15.23 -14.56 0.41
CA GLU A 6 16.05 -15.77 0.24
C GLU A 6 17.55 -15.51 0.37
N HIS A 7 18.28 -16.54 0.79
CA HIS A 7 19.73 -16.48 0.94
C HIS A 7 20.40 -17.62 0.19
N TRP A 8 21.70 -17.48 -0.07
CA TRP A 8 22.48 -18.58 -0.61
C TRP A 8 22.50 -19.72 0.40
N ALA A 9 22.22 -20.92 -0.07
CA ALA A 9 22.14 -22.09 0.82
C ALA A 9 23.51 -22.48 1.38
N THR A 10 24.55 -22.36 0.56
CA THR A 10 25.88 -22.81 0.94
C THR A 10 26.99 -21.85 0.54
N ARG A 11 28.15 -21.98 1.19
CA ARG A 11 29.32 -21.19 0.84
C ARG A 11 29.75 -21.50 -0.59
N LEU A 12 29.82 -22.78 -0.92
CA LEU A 12 30.26 -23.22 -2.23
C LEU A 12 29.32 -22.72 -3.33
N GLY A 13 28.02 -22.87 -3.09
CA GLY A 13 27.02 -22.41 -4.03
C GLY A 13 27.18 -20.94 -4.36
N LEU A 14 27.42 -20.14 -3.32
CA LEU A 14 27.65 -18.72 -3.51
C LEU A 14 28.85 -18.46 -4.42
N ILE A 15 29.97 -19.10 -4.11
CA ILE A 15 31.19 -18.90 -4.87
C ILE A 15 31.05 -19.36 -6.32
N LEU A 16 30.46 -20.53 -6.52
CA LEU A 16 30.28 -21.07 -7.86
C LEU A 16 29.32 -20.22 -8.69
N ALA A 17 28.39 -19.55 -8.02
CA ALA A 17 27.43 -18.68 -8.70
C ALA A 17 28.10 -17.36 -9.09
N MET A 18 28.89 -16.81 -8.16
CA MET A 18 29.65 -15.59 -8.43
C MET A 18 30.69 -15.82 -9.51
N ALA A 19 31.42 -16.93 -9.38
CA ALA A 19 32.43 -17.30 -10.38
C ALA A 19 31.76 -17.56 -11.72
N GLY A 20 30.57 -18.17 -11.67
CA GLY A 20 29.81 -18.44 -12.87
C GLY A 20 29.50 -17.18 -13.64
N ASN A 21 29.23 -16.10 -12.90
CA ASN A 21 28.97 -14.80 -13.50
C ASN A 21 30.21 -14.25 -14.20
N ALA A 22 31.34 -14.27 -13.50
CA ALA A 22 32.59 -13.75 -14.04
C ALA A 22 33.05 -14.54 -15.26
N VAL A 23 33.09 -15.87 -15.12
CA VAL A 23 33.45 -16.73 -16.25
C VAL A 23 32.49 -16.48 -17.40
N GLY A 24 33.04 -16.20 -18.57
CA GLY A 24 32.22 -15.91 -19.74
C GLY A 24 32.96 -16.18 -21.03
N LEU A 25 32.38 -15.75 -22.15
CA LEU A 25 32.99 -15.96 -23.45
C LEU A 25 34.29 -15.19 -23.56
N GLY A 26 34.44 -14.14 -22.76
CA GLY A 26 35.63 -13.32 -22.76
C GLY A 26 36.85 -14.10 -22.29
N ASN A 27 36.62 -15.10 -21.45
CA ASN A 27 37.70 -15.92 -20.93
C ASN A 27 38.32 -16.77 -22.04
N PHE A 28 37.53 -17.10 -23.04
CA PHE A 28 37.95 -18.01 -24.10
C PHE A 28 38.21 -17.30 -25.42
N LEU A 29 37.60 -16.15 -25.61
CA LEU A 29 37.69 -15.42 -26.89
C LEU A 29 38.42 -14.08 -26.76
N ARG A 30 37.94 -13.24 -25.86
CA ARG A 30 38.47 -11.88 -25.75
C ARG A 30 39.90 -11.84 -25.19
N PHE A 31 40.18 -12.67 -24.19
CA PHE A 31 41.49 -12.65 -23.54
C PHE A 31 42.64 -13.07 -24.45
N PRO A 32 42.50 -14.22 -25.14
CA PRO A 32 43.58 -14.66 -26.03
C PRO A 32 43.90 -13.59 -27.07
N VAL A 33 42.87 -12.95 -27.61
CA VAL A 33 43.05 -11.90 -28.60
C VAL A 33 43.74 -10.68 -28.00
N GLN A 34 43.28 -10.26 -26.84
CA GLN A 34 43.86 -9.10 -26.15
C GLN A 34 45.31 -9.37 -25.74
N ALA A 35 45.55 -10.54 -25.16
CA ALA A 35 46.88 -10.91 -24.71
C ALA A 35 47.87 -10.96 -25.87
N ALA A 36 47.45 -11.56 -26.98
CA ALA A 36 48.30 -11.69 -28.16
C ALA A 36 48.60 -10.33 -28.81
N GLU A 37 47.62 -9.44 -28.76
CA GLU A 37 47.76 -8.12 -29.38
C GLU A 37 48.55 -7.14 -28.50
N ASN A 38 48.55 -7.37 -27.20
CA ASN A 38 49.14 -6.40 -26.28
C ASN A 38 50.38 -6.88 -25.53
N GLY A 39 51.26 -7.60 -26.23
CA GLY A 39 52.55 -7.97 -25.68
C GLY A 39 52.73 -9.43 -25.32
N GLY A 40 51.73 -10.26 -25.63
CA GLY A 40 51.80 -11.67 -25.33
C GLY A 40 52.03 -11.94 -23.85
N GLY A 41 53.20 -12.51 -23.54
CA GLY A 41 53.55 -12.79 -22.16
C GLY A 41 53.78 -11.51 -21.37
N ALA A 42 54.26 -10.49 -22.06
CA ALA A 42 54.50 -9.19 -21.44
C ALA A 42 53.19 -8.57 -20.96
N PHE A 43 52.09 -9.00 -21.56
CA PHE A 43 50.77 -8.48 -21.23
C PHE A 43 50.36 -8.88 -19.81
N MET A 44 51.03 -9.90 -19.27
CA MET A 44 50.71 -10.38 -17.93
C MET A 44 51.10 -9.39 -16.83
N ILE A 45 52.12 -8.58 -17.11
CA ILE A 45 52.59 -7.61 -16.13
C ILE A 45 51.51 -6.56 -15.80
N PRO A 46 50.97 -5.89 -16.84
CA PRO A 46 49.90 -4.92 -16.59
C PRO A 46 48.61 -5.61 -16.17
N TYR A 47 48.40 -6.82 -16.69
CA TYR A 47 47.22 -7.61 -16.38
C TYR A 47 47.13 -7.92 -14.89
N ILE A 48 48.22 -8.40 -14.32
CA ILE A 48 48.28 -8.72 -12.90
C ILE A 48 48.17 -7.47 -12.02
N ILE A 49 48.83 -6.40 -12.44
CA ILE A 49 48.75 -5.13 -11.72
C ILE A 49 47.32 -4.62 -11.71
N ALA A 50 46.66 -4.69 -12.86
CA ALA A 50 45.28 -4.24 -12.97
C ALA A 50 44.36 -5.10 -12.11
N PHE A 51 44.69 -6.38 -12.01
CA PHE A 51 43.92 -7.31 -11.19
C PHE A 51 44.05 -6.96 -9.71
N LEU A 52 45.17 -6.37 -9.34
CA LEU A 52 45.46 -6.05 -7.95
C LEU A 52 44.97 -4.66 -7.55
N LEU A 53 45.15 -3.69 -8.44
CA LEU A 53 44.84 -2.29 -8.11
C LEU A 53 43.44 -1.86 -8.51
N VAL A 54 42.78 -2.66 -9.34
CA VAL A 54 41.44 -2.30 -9.83
C VAL A 54 40.46 -3.46 -9.73
N GLY A 55 40.90 -4.65 -10.15
CA GLY A 55 40.03 -5.81 -10.18
C GLY A 55 39.52 -6.24 -8.81
N ILE A 56 40.42 -6.73 -7.97
CA ILE A 56 40.06 -7.24 -6.65
C ILE A 56 39.33 -6.22 -5.77
N PRO A 57 39.93 -5.02 -5.60
CA PRO A 57 39.32 -4.03 -4.71
C PRO A 57 37.87 -3.67 -5.08
N LEU A 58 37.62 -3.47 -6.37
CA LEU A 58 36.26 -3.13 -6.80
C LEU A 58 35.30 -4.30 -6.59
N MET A 59 35.79 -5.51 -6.76
CA MET A 59 34.98 -6.70 -6.52
C MET A 59 34.54 -6.78 -5.06
N TRP A 60 35.50 -6.66 -4.15
CA TRP A 60 35.20 -6.64 -2.72
C TRP A 60 34.17 -5.58 -2.39
N ILE A 61 34.32 -4.41 -3.00
CA ILE A 61 33.40 -3.30 -2.76
C ILE A 61 31.98 -3.64 -3.19
N GLU A 62 31.82 -4.18 -4.39
CA GLU A 62 30.50 -4.56 -4.88
C GLU A 62 29.90 -5.66 -4.01
N TRP A 63 30.72 -6.65 -3.66
CA TRP A 63 30.30 -7.70 -2.74
C TRP A 63 29.79 -7.11 -1.45
N ALA A 64 30.54 -6.15 -0.90
CA ALA A 64 30.19 -5.53 0.37
C ALA A 64 28.93 -4.67 0.28
N MET A 65 28.83 -3.89 -0.79
CA MET A 65 27.66 -3.05 -1.00
C MET A 65 26.40 -3.89 -1.14
N GLY A 66 26.54 -5.06 -1.76
CA GLY A 66 25.43 -5.98 -1.93
C GLY A 66 24.97 -6.54 -0.60
N ARG A 67 25.91 -7.06 0.18
CA ARG A 67 25.59 -7.65 1.48
C ARG A 67 25.03 -6.59 2.44
N TYR A 68 25.53 -5.36 2.31
CA TYR A 68 25.07 -4.26 3.15
C TYR A 68 23.60 -3.95 2.91
N GLY A 69 23.24 -3.83 1.63
CA GLY A 69 21.86 -3.53 1.27
C GLY A 69 20.93 -4.69 1.54
N GLY A 70 21.41 -5.91 1.31
CA GLY A 70 20.60 -7.10 1.51
C GLY A 70 20.07 -7.20 2.93
N ALA A 71 20.88 -6.76 3.89
CA ALA A 71 20.51 -6.82 5.30
C ALA A 71 19.30 -5.95 5.60
N GLN A 72 19.00 -5.01 4.71
CA GLN A 72 17.85 -4.13 4.86
C GLN A 72 16.78 -4.41 3.81
N GLY A 73 16.96 -5.51 3.07
CA GLY A 73 15.97 -5.95 2.11
C GLY A 73 16.06 -5.26 0.77
N HIS A 74 17.27 -4.93 0.35
CA HIS A 74 17.49 -4.29 -0.95
C HIS A 74 18.64 -4.95 -1.70
N GLY A 75 18.41 -5.26 -2.97
CA GLY A 75 19.41 -5.92 -3.78
C GLY A 75 19.83 -5.15 -5.02
N THR A 76 19.21 -3.99 -5.24
CA THR A 76 19.51 -3.15 -6.39
C THR A 76 20.05 -1.79 -6.00
N THR A 77 20.83 -1.19 -6.88
CA THR A 77 21.57 0.04 -6.58
C THR A 77 20.71 1.30 -6.33
N PRO A 78 19.55 1.42 -7.00
CA PRO A 78 18.72 2.60 -6.72
C PRO A 78 18.43 2.74 -5.23
N ALA A 79 18.19 1.61 -4.57
CA ALA A 79 17.91 1.62 -3.13
C ALA A 79 19.21 1.68 -2.32
N ILE A 80 20.18 0.85 -2.70
CA ILE A 80 21.44 0.75 -1.97
C ILE A 80 22.24 2.06 -2.01
N PHE A 81 22.30 2.70 -3.17
CA PHE A 81 22.97 3.99 -3.29
C PHE A 81 22.33 5.01 -2.34
N TYR A 82 21.00 4.90 -2.19
CA TYR A 82 20.26 5.82 -1.35
C TYR A 82 20.54 5.58 0.13
N LEU A 83 20.84 4.33 0.47
CA LEU A 83 21.19 3.98 1.85
C LEU A 83 22.56 4.56 2.21
N LEU A 84 23.51 4.41 1.28
CA LEU A 84 24.87 4.88 1.50
C LEU A 84 24.96 6.39 1.38
N TRP A 85 23.95 6.97 0.72
CA TRP A 85 23.94 8.40 0.46
C TRP A 85 22.50 8.91 0.38
N ARG A 86 21.98 9.40 1.50
CA ARG A 86 20.62 9.92 1.55
C ARG A 86 20.49 11.20 0.72
N ASN A 87 20.24 11.02 -0.57
CA ASN A 87 20.15 12.13 -1.51
C ASN A 87 19.33 11.74 -2.73
N ARG A 88 18.42 12.63 -3.15
CA ARG A 88 17.56 12.37 -4.30
C ARG A 88 18.37 11.94 -5.53
N PHE A 89 19.52 12.54 -5.72
CA PHE A 89 20.36 12.27 -6.88
C PHE A 89 20.93 10.86 -6.85
N ALA A 90 21.14 10.33 -5.65
CA ALA A 90 21.71 9.00 -5.48
C ALA A 90 20.82 7.90 -6.08
N LYS A 91 19.51 8.08 -5.97
CA LYS A 91 18.56 7.11 -6.50
C LYS A 91 18.58 7.09 -8.02
N ILE A 92 18.81 8.25 -8.64
CA ILE A 92 18.88 8.33 -10.09
C ILE A 92 20.16 7.69 -10.61
N LEU A 93 21.29 8.02 -10.00
CA LEU A 93 22.56 7.37 -10.34
C LEU A 93 22.44 5.86 -10.19
N GLY A 94 21.58 5.42 -9.28
CA GLY A 94 21.38 4.02 -9.02
C GLY A 94 20.59 3.33 -10.12
N VAL A 95 19.83 4.12 -10.88
CA VAL A 95 19.03 3.58 -11.97
C VAL A 95 19.92 2.89 -13.00
N PHE A 96 21.14 3.37 -13.15
CA PHE A 96 22.13 2.76 -14.03
C PHE A 96 22.39 1.31 -13.62
N GLY A 97 22.28 1.03 -12.34
CA GLY A 97 22.48 -0.32 -11.83
C GLY A 97 21.40 -1.28 -12.30
N LEU A 98 20.32 -0.72 -12.83
CA LEU A 98 19.25 -1.52 -13.42
C LEU A 98 19.31 -1.43 -14.93
N TRP A 99 19.65 -0.25 -15.43
CA TRP A 99 19.69 0.00 -16.86
C TRP A 99 20.79 -0.81 -17.54
N ILE A 100 21.98 -0.79 -16.95
CA ILE A 100 23.13 -1.49 -17.53
C ILE A 100 22.87 -2.99 -17.71
N PRO A 101 22.54 -3.70 -16.63
CA PRO A 101 22.33 -5.14 -16.75
C PRO A 101 21.13 -5.50 -17.63
N LEU A 102 20.14 -4.62 -17.67
CA LEU A 102 18.94 -4.84 -18.48
C LEU A 102 19.27 -4.75 -19.97
N VAL A 103 19.85 -3.63 -20.38
CA VAL A 103 20.24 -3.43 -21.77
C VAL A 103 21.19 -4.52 -22.24
N VAL A 104 22.15 -4.86 -21.41
CA VAL A 104 23.11 -5.91 -21.75
C VAL A 104 22.41 -7.24 -21.98
N ALA A 105 21.43 -7.55 -21.13
CA ALA A 105 20.68 -8.79 -21.24
C ALA A 105 19.87 -8.84 -22.53
N ILE A 106 19.52 -7.67 -23.03
CA ILE A 106 18.68 -7.57 -24.23
C ILE A 106 19.40 -8.12 -25.46
N TYR A 107 20.72 -7.94 -25.52
CA TYR A 107 21.49 -8.42 -26.66
C TYR A 107 22.38 -9.61 -26.33
N PHE A 108 22.64 -9.81 -25.04
CA PHE A 108 23.53 -10.89 -24.61
C PHE A 108 22.87 -12.26 -24.63
N VAL A 109 21.60 -12.33 -24.24
CA VAL A 109 20.86 -13.59 -24.27
C VAL A 109 20.72 -14.07 -25.71
N TYR A 110 20.67 -13.13 -26.65
CA TYR A 110 20.59 -13.47 -28.06
C TYR A 110 21.94 -14.00 -28.56
N ILE A 111 23.02 -13.31 -28.19
CA ILE A 111 24.36 -13.78 -28.51
C ILE A 111 24.56 -15.16 -27.93
N GLU A 112 24.05 -15.36 -26.71
CA GLU A 112 24.14 -16.64 -26.03
C GLU A 112 23.42 -17.74 -26.81
N SER A 113 22.25 -17.42 -27.33
CA SER A 113 21.44 -18.41 -28.05
C SER A 113 22.20 -18.94 -29.27
N TRP A 114 23.06 -18.10 -29.84
CA TRP A 114 23.85 -18.51 -31.00
C TRP A 114 24.64 -19.77 -30.70
N THR A 115 25.40 -19.73 -29.60
CA THR A 115 26.24 -20.85 -29.21
C THR A 115 25.42 -22.13 -29.06
N LEU A 116 24.22 -22.01 -28.50
CA LEU A 116 23.32 -23.15 -28.37
C LEU A 116 22.94 -23.68 -29.74
N GLY A 117 22.57 -22.77 -30.64
CA GLY A 117 22.19 -23.15 -31.99
C GLY A 117 23.30 -23.87 -32.72
N PHE A 118 24.52 -23.36 -32.61
CA PHE A 118 25.69 -23.98 -33.21
C PHE A 118 25.93 -25.35 -32.59
N ALA A 119 25.78 -25.41 -31.26
CA ALA A 119 25.93 -26.68 -30.55
C ALA A 119 24.93 -27.71 -31.07
N ILE A 120 23.70 -27.27 -31.26
CA ILE A 120 22.66 -28.16 -31.78
C ILE A 120 22.99 -28.61 -33.20
N LYS A 121 23.59 -27.72 -33.97
CA LYS A 121 23.94 -28.04 -35.36
C LYS A 121 25.11 -29.02 -35.42
N PHE A 122 26.18 -28.73 -34.70
CA PHE A 122 27.36 -29.60 -34.66
C PHE A 122 26.99 -30.99 -34.14
N LEU A 123 26.05 -31.04 -33.21
CA LEU A 123 25.63 -32.30 -32.62
C LEU A 123 24.89 -33.17 -33.63
N VAL A 124 24.08 -32.53 -34.47
CA VAL A 124 23.30 -33.25 -35.46
C VAL A 124 24.09 -33.50 -36.75
N GLY A 125 25.31 -32.98 -36.79
CA GLY A 125 26.15 -33.15 -37.96
C GLY A 125 25.64 -32.36 -39.15
N LEU A 126 25.00 -31.23 -38.85
CA LEU A 126 24.46 -30.36 -39.89
C LEU A 126 25.45 -29.24 -40.24
N VAL A 127 26.67 -29.36 -39.73
CA VAL A 127 27.72 -28.39 -40.01
C VAL A 127 28.24 -28.53 -41.44
N PRO A 128 28.74 -27.43 -42.02
CA PRO A 128 29.29 -27.44 -43.39
C PRO A 128 30.54 -28.30 -43.49
N GLU A 129 30.92 -28.66 -44.72
CA GLU A 129 32.08 -29.50 -44.94
C GLU A 129 32.91 -29.00 -46.11
N THR A 135 42.38 -27.33 -48.77
CA THR A 135 42.97 -26.52 -49.84
C THR A 135 43.54 -25.22 -49.26
N ASP A 136 42.95 -24.10 -49.67
CA ASP A 136 43.38 -22.78 -49.19
C ASP A 136 42.65 -22.41 -47.91
N PRO A 137 43.08 -21.33 -47.24
CA PRO A 137 42.43 -20.93 -45.98
C PRO A 137 41.03 -20.36 -46.20
N ASP A 138 40.64 -20.13 -47.44
CA ASP A 138 39.34 -19.52 -47.72
C ASP A 138 38.24 -20.54 -48.00
N SER A 139 38.52 -21.51 -48.86
CA SER A 139 37.52 -22.53 -49.20
C SER A 139 37.20 -23.38 -47.98
N ILE A 140 37.97 -23.20 -46.91
CA ILE A 140 37.72 -23.90 -45.65
C ILE A 140 36.94 -23.01 -44.69
N LEU A 141 37.27 -21.73 -44.67
CA LEU A 141 36.58 -20.77 -43.81
C LEU A 141 35.24 -20.34 -44.39
N ARG A 142 35.19 -20.19 -45.72
CA ARG A 142 33.99 -19.70 -46.40
C ARG A 142 32.70 -20.43 -46.02
N PRO A 143 32.69 -21.76 -46.12
CA PRO A 143 31.49 -22.53 -45.78
C PRO A 143 30.95 -22.19 -44.39
N PHE A 144 31.83 -21.80 -43.49
CA PHE A 144 31.43 -21.48 -42.11
C PHE A 144 30.98 -20.03 -41.96
N LYS A 145 31.64 -19.12 -42.65
CA LYS A 145 31.20 -17.73 -42.66
C LYS A 145 29.79 -17.64 -43.23
N GLU A 146 29.57 -18.31 -44.35
CA GLU A 146 28.26 -18.35 -44.98
C GLU A 146 27.23 -19.01 -44.07
N PHE A 147 27.68 -19.96 -43.27
CA PHE A 147 26.81 -20.64 -42.33
C PHE A 147 26.37 -19.70 -41.21
N LEU A 148 27.33 -18.97 -40.66
CA LEU A 148 27.07 -18.02 -39.58
C LEU A 148 26.18 -16.88 -40.04
N TYR A 149 26.51 -16.30 -41.19
CA TYR A 149 25.78 -15.16 -41.72
C TYR A 149 24.35 -15.50 -42.10
N SER A 150 24.13 -16.75 -42.49
CA SER A 150 22.77 -17.23 -42.79
C SER A 150 22.00 -17.41 -41.50
N TYR A 151 22.71 -17.76 -40.43
CA TYR A 151 22.10 -17.98 -39.13
C TYR A 151 21.59 -16.67 -38.51
N ILE A 152 22.51 -15.78 -38.19
CA ILE A 152 22.16 -14.52 -37.55
C ILE A 152 21.56 -13.52 -38.55
N GLY A 153 21.65 -13.86 -39.83
CA GLY A 153 21.01 -13.07 -40.87
C GLY A 153 21.73 -11.80 -41.28
N VAL A 154 23.05 -11.90 -41.46
CA VAL A 154 23.84 -10.75 -41.91
C VAL A 154 23.39 -10.32 -43.30
N PRO A 155 23.07 -9.02 -43.44
CA PRO A 155 22.51 -8.44 -44.67
C PRO A 155 23.42 -8.61 -45.88
N LYS A 156 22.89 -9.17 -46.95
CA LYS A 156 23.62 -9.27 -48.21
C LYS A 156 23.28 -8.09 -49.11
N GLY A 157 22.54 -7.13 -48.54
CA GLY A 157 22.13 -5.95 -49.28
C GLY A 157 22.40 -4.66 -48.54
N ASP A 158 22.10 -3.54 -49.20
CA ASP A 158 22.35 -2.22 -48.63
C ASP A 158 21.53 -1.95 -47.37
N GLU A 159 20.29 -2.43 -47.37
CA GLU A 159 19.39 -2.22 -46.23
C GLU A 159 20.00 -2.67 -44.91
N PRO A 160 19.74 -1.92 -43.83
CA PRO A 160 20.26 -2.23 -42.50
C PRO A 160 19.34 -3.18 -41.74
N ILE A 161 18.93 -4.25 -42.41
CA ILE A 161 18.00 -5.21 -41.81
C ILE A 161 18.60 -6.60 -41.71
N LEU A 162 18.60 -7.16 -40.51
CA LEU A 162 19.03 -8.53 -40.30
C LEU A 162 17.87 -9.48 -40.59
N LYS A 163 18.17 -10.63 -41.16
CA LYS A 163 17.15 -11.62 -41.47
C LYS A 163 17.48 -12.97 -40.85
N PRO A 164 17.39 -13.05 -39.50
CA PRO A 164 17.73 -14.27 -38.76
C PRO A 164 16.92 -15.46 -39.26
N SER A 165 17.56 -16.62 -39.34
CA SER A 165 16.86 -17.84 -39.75
C SER A 165 15.77 -18.19 -38.75
N LEU A 166 14.78 -18.95 -39.19
CA LEU A 166 13.74 -19.42 -38.29
C LEU A 166 14.34 -20.26 -37.18
N PHE A 167 15.37 -21.03 -37.52
CA PHE A 167 16.08 -21.83 -36.55
C PHE A 167 16.71 -20.95 -35.48
N ALA A 168 17.36 -19.88 -35.93
CA ALA A 168 17.99 -18.92 -35.02
C ALA A 168 16.96 -18.31 -34.06
N TYR A 169 15.80 -17.97 -34.59
CA TYR A 169 14.74 -17.36 -33.78
C TYR A 169 14.17 -18.36 -32.78
N ILE A 170 13.89 -19.57 -33.24
CA ILE A 170 13.34 -20.61 -32.37
C ILE A 170 14.30 -20.99 -31.24
N VAL A 171 15.60 -20.89 -31.52
CA VAL A 171 16.61 -21.19 -30.52
C VAL A 171 16.65 -20.11 -29.45
N PHE A 172 16.42 -18.87 -29.87
CA PHE A 172 16.38 -17.75 -28.93
C PHE A 172 15.24 -17.91 -27.92
N LEU A 173 14.09 -18.40 -28.40
CA LEU A 173 12.97 -18.68 -27.52
C LEU A 173 13.31 -19.81 -26.54
N ILE A 174 13.98 -20.83 -27.04
CA ILE A 174 14.43 -21.95 -26.20
C ILE A 174 15.43 -21.46 -25.16
N THR A 175 16.34 -20.58 -25.58
CA THR A 175 17.34 -20.03 -24.68
C THR A 175 16.69 -19.15 -23.61
N MET A 176 15.75 -18.30 -24.03
CA MET A 176 15.00 -17.48 -23.09
C MET A 176 14.28 -18.37 -22.09
N PHE A 177 13.73 -19.47 -22.57
CA PHE A 177 13.01 -20.41 -21.74
C PHE A 177 13.91 -21.07 -20.70
N ILE A 178 15.09 -21.53 -21.14
CA ILE A 178 16.06 -22.13 -20.25
C ILE A 178 16.44 -21.17 -19.13
N ASN A 179 16.68 -19.91 -19.49
CA ASN A 179 16.98 -18.88 -18.51
C ASN A 179 15.87 -18.74 -17.48
N VAL A 180 14.63 -18.62 -17.97
CA VAL A 180 13.48 -18.45 -17.10
C VAL A 180 13.32 -19.66 -16.16
N SER A 181 13.54 -20.85 -16.70
CA SER A 181 13.41 -22.08 -15.93
C SER A 181 14.31 -22.10 -14.70
N ILE A 182 15.49 -21.51 -14.84
CA ILE A 182 16.45 -21.44 -13.74
C ILE A 182 16.09 -20.33 -12.76
N LEU A 183 15.87 -19.13 -13.28
CA LEU A 183 15.58 -17.95 -12.47
C LEU A 183 14.29 -18.09 -11.67
N ILE A 184 13.28 -18.70 -12.29
CA ILE A 184 11.96 -18.79 -11.68
C ILE A 184 11.93 -19.70 -10.45
N ARG A 185 13.01 -20.44 -10.24
CA ARG A 185 13.12 -21.32 -9.07
C ARG A 185 13.82 -20.61 -7.91
N GLY A 186 14.28 -19.38 -8.15
CA GLY A 186 14.86 -18.56 -7.11
C GLY A 186 16.36 -18.66 -7.02
N ILE A 187 16.93 -18.22 -5.91
CA ILE A 187 18.37 -18.18 -5.71
C ILE A 187 18.97 -19.55 -5.41
N SER A 188 18.65 -20.11 -4.24
CA SER A 188 19.26 -21.37 -3.81
C SER A 188 18.79 -22.56 -4.63
N LYS A 189 17.50 -22.63 -4.92
CA LYS A 189 16.93 -23.78 -5.63
C LYS A 189 17.00 -23.62 -7.15
N GLY A 190 17.45 -22.45 -7.60
CA GLY A 190 17.52 -22.17 -9.01
C GLY A 190 18.92 -21.83 -9.49
N ILE A 191 19.35 -20.59 -9.24
CA ILE A 191 20.67 -20.13 -9.65
C ILE A 191 21.79 -20.94 -9.01
N GLU A 192 21.71 -21.13 -7.70
CA GLU A 192 22.74 -21.85 -6.96
C GLU A 192 22.79 -23.33 -7.37
N ARG A 193 21.63 -23.96 -7.47
CA ARG A 193 21.57 -25.37 -7.85
C ARG A 193 22.17 -25.57 -9.23
N PHE A 194 21.89 -24.64 -10.14
CA PHE A 194 22.43 -24.71 -11.49
C PHE A 194 23.93 -24.46 -11.48
N ALA A 195 24.35 -23.48 -10.69
CA ALA A 195 25.76 -23.12 -10.58
C ALA A 195 26.63 -24.31 -10.16
N LYS A 196 26.12 -25.10 -9.22
CA LYS A 196 26.85 -26.25 -8.72
C LYS A 196 27.02 -27.33 -9.79
N ILE A 197 26.15 -27.32 -10.79
CA ILE A 197 26.22 -28.28 -11.88
C ILE A 197 26.98 -27.72 -13.06
N ALA A 198 26.64 -26.50 -13.45
CA ALA A 198 27.20 -25.87 -14.64
C ALA A 198 28.70 -25.62 -14.53
N MET A 199 29.14 -25.13 -13.37
CA MET A 199 30.54 -24.76 -13.20
C MET A 199 31.52 -25.93 -13.34
N PRO A 200 31.26 -27.04 -12.62
CA PRO A 200 32.11 -28.22 -12.81
C PRO A 200 32.07 -28.71 -14.25
N THR A 201 30.85 -28.80 -14.81
CA THR A 201 30.68 -29.17 -16.21
C THR A 201 31.51 -28.28 -17.11
N LEU A 202 31.47 -26.97 -16.84
CA LEU A 202 32.17 -25.98 -17.64
C LEU A 202 33.68 -26.19 -17.61
N PHE A 203 34.22 -26.45 -16.43
CA PHE A 203 35.66 -26.67 -16.28
C PHE A 203 36.12 -27.99 -16.90
N ILE A 204 35.24 -28.98 -16.89
CA ILE A 204 35.55 -30.28 -17.47
C ILE A 204 35.67 -30.17 -19.00
N LEU A 205 34.73 -29.46 -19.61
CA LEU A 205 34.74 -29.25 -21.05
C LEU A 205 35.98 -28.45 -21.46
N ALA A 206 36.30 -27.43 -20.68
CA ALA A 206 37.47 -26.60 -20.95
C ALA A 206 38.76 -27.42 -20.90
N VAL A 207 38.97 -28.12 -19.79
CA VAL A 207 40.16 -28.95 -19.62
C VAL A 207 40.29 -29.99 -20.73
N PHE A 208 39.18 -30.68 -21.01
CA PHE A 208 39.16 -31.68 -22.07
C PHE A 208 39.60 -31.08 -23.40
N LEU A 209 39.04 -29.93 -23.74
CA LEU A 209 39.40 -29.24 -24.98
C LEU A 209 40.87 -28.84 -24.99
N VAL A 210 41.35 -28.29 -23.87
CA VAL A 210 42.75 -27.90 -23.75
C VAL A 210 43.68 -29.07 -24.06
N ILE A 211 43.36 -30.24 -23.51
CA ILE A 211 44.14 -31.43 -23.76
C ILE A 211 44.08 -31.85 -25.22
N ARG A 212 42.87 -31.98 -25.74
CA ARG A 212 42.67 -32.40 -27.12
C ARG A 212 43.33 -31.43 -28.11
N VAL A 213 43.24 -30.14 -27.82
CA VAL A 213 43.87 -29.12 -28.66
C VAL A 213 45.39 -29.20 -28.61
N PHE A 214 45.91 -29.49 -27.43
CA PHE A 214 47.36 -29.56 -27.22
C PHE A 214 48.00 -30.68 -28.06
N LEU A 215 47.18 -31.65 -28.46
CA LEU A 215 47.67 -32.78 -29.24
C LEU A 215 47.56 -32.55 -30.74
N LEU A 216 47.30 -31.29 -31.13
CA LEU A 216 47.18 -30.93 -32.54
C LEU A 216 48.54 -30.63 -33.15
N GLU A 217 48.79 -31.20 -34.33
CA GLU A 217 50.03 -30.94 -35.05
C GLU A 217 49.83 -31.03 -36.56
N THR A 218 50.34 -30.02 -37.28
CA THR A 218 50.36 -30.04 -38.73
C THR A 218 51.70 -29.46 -39.18
N PRO A 219 52.11 -29.74 -40.43
CA PRO A 219 53.38 -29.27 -40.95
C PRO A 219 53.57 -27.76 -40.78
N ASN A 220 52.47 -27.03 -40.60
CA ASN A 220 52.51 -25.59 -40.46
C ASN A 220 52.82 -25.13 -39.04
N GLY A 221 52.54 -25.99 -38.06
CA GLY A 221 52.83 -25.67 -36.67
C GLY A 221 52.20 -26.65 -35.69
N THR A 222 52.50 -26.47 -34.42
CA THR A 222 51.94 -27.30 -33.36
C THR A 222 51.21 -26.45 -32.35
N ALA A 223 50.33 -27.06 -31.57
CA ALA A 223 49.58 -26.34 -30.54
C ALA A 223 50.53 -25.75 -29.51
N ALA A 224 51.65 -26.43 -29.29
CA ALA A 224 52.65 -25.97 -28.35
C ALA A 224 53.33 -24.70 -28.83
N ASP A 225 53.36 -24.52 -30.15
CA ASP A 225 53.91 -23.30 -30.73
C ASP A 225 53.09 -22.09 -30.28
N GLY A 226 51.77 -22.19 -30.44
CA GLY A 226 50.88 -21.12 -30.02
C GLY A 226 51.03 -20.78 -28.56
N LEU A 227 51.24 -21.81 -27.73
CA LEU A 227 51.46 -21.62 -26.30
C LEU A 227 52.80 -20.92 -26.06
N ASN A 228 53.78 -21.21 -26.91
CA ASN A 228 55.09 -20.58 -26.82
C ASN A 228 55.14 -19.25 -27.57
N PHE A 229 53.96 -18.70 -27.85
CA PHE A 229 53.85 -17.38 -28.45
C PHE A 229 53.02 -16.46 -27.56
N LEU A 230 51.92 -16.98 -27.05
CA LEU A 230 51.07 -16.22 -26.13
C LEU A 230 51.81 -15.87 -24.85
N TRP A 231 52.83 -16.66 -24.52
CA TRP A 231 53.52 -16.49 -23.24
C TRP A 231 54.98 -16.06 -23.39
N THR A 232 55.45 -15.91 -24.63
CA THR A 232 56.77 -15.34 -24.86
C THR A 232 56.68 -13.82 -24.85
N PRO A 233 57.22 -13.20 -23.80
CA PRO A 233 57.10 -11.76 -23.55
C PRO A 233 58.00 -10.91 -24.44
N ASP A 234 57.41 -9.97 -25.15
CA ASP A 234 58.19 -9.04 -25.97
C ASP A 234 58.81 -7.97 -25.08
N PHE A 235 58.05 -7.55 -24.06
CA PHE A 235 58.52 -6.57 -23.08
C PHE A 235 58.91 -5.23 -23.69
N GLU A 236 58.34 -4.93 -24.86
CA GLU A 236 58.58 -3.65 -25.51
C GLU A 236 57.28 -2.86 -25.59
N LYS A 237 56.17 -3.58 -25.54
CA LYS A 237 54.85 -2.96 -25.63
C LYS A 237 54.51 -2.23 -24.35
N LEU A 238 55.19 -2.58 -23.26
CA LEU A 238 54.94 -1.96 -21.96
C LEU A 238 55.10 -0.45 -22.02
N LYS A 239 56.05 0.01 -22.84
CA LYS A 239 56.25 1.45 -23.03
C LYS A 239 54.98 2.08 -23.59
N ASP A 240 54.32 1.35 -24.48
CA ASP A 240 53.06 1.82 -25.07
C ASP A 240 51.95 1.82 -24.02
N PRO A 241 51.45 3.01 -23.68
CA PRO A 241 50.39 3.19 -22.68
C PRO A 241 49.08 2.55 -23.10
N GLY A 242 48.97 2.18 -24.38
CA GLY A 242 47.78 1.53 -24.88
C GLY A 242 47.57 0.16 -24.27
N VAL A 243 48.68 -0.50 -23.92
CA VAL A 243 48.64 -1.84 -23.33
C VAL A 243 48.10 -1.80 -21.91
N TRP A 244 48.50 -0.79 -21.15
CA TRP A 244 48.00 -0.63 -19.78
C TRP A 244 46.51 -0.37 -19.77
N ILE A 245 46.04 0.43 -20.72
CA ILE A 245 44.61 0.70 -20.86
C ILE A 245 43.87 -0.55 -21.30
N ALA A 246 44.51 -1.34 -22.15
CA ALA A 246 43.92 -2.58 -22.62
C ALA A 246 43.83 -3.61 -21.49
N ALA A 247 44.84 -3.63 -20.65
CA ALA A 247 44.89 -4.58 -19.54
C ALA A 247 43.84 -4.25 -18.48
N VAL A 248 43.77 -2.98 -18.07
CA VAL A 248 42.80 -2.54 -17.09
C VAL A 248 41.38 -2.80 -17.61
N GLY A 249 41.18 -2.61 -18.90
CA GLY A 249 39.90 -2.89 -19.53
C GLY A 249 39.54 -4.35 -19.43
N GLN A 250 40.45 -5.20 -19.91
CA GLN A 250 40.25 -6.65 -19.86
C GLN A 250 39.90 -7.13 -18.44
N ILE A 251 40.69 -6.69 -17.46
CA ILE A 251 40.46 -7.04 -16.07
C ILE A 251 39.07 -6.58 -15.61
N PHE A 252 38.70 -5.38 -16.02
CA PHE A 252 37.40 -4.82 -15.63
C PHE A 252 36.25 -5.62 -16.25
N PHE A 253 36.42 -6.01 -17.51
CA PHE A 253 35.39 -6.76 -18.22
C PHE A 253 35.25 -8.19 -17.72
N THR A 254 36.39 -8.84 -17.49
CA THR A 254 36.39 -10.25 -17.11
C THR A 254 35.72 -10.50 -15.76
N LEU A 255 35.90 -9.57 -14.83
CA LEU A 255 35.31 -9.72 -13.49
C LEU A 255 33.86 -9.28 -13.44
N SER A 256 33.33 -8.86 -14.59
CA SER A 256 31.94 -8.43 -14.70
C SER A 256 31.61 -7.32 -13.71
N LEU A 257 32.55 -6.41 -13.51
CA LEU A 257 32.36 -5.28 -12.61
C LEU A 257 31.53 -4.19 -13.29
N GLY A 258 30.76 -3.45 -12.48
CA GLY A 258 30.01 -2.32 -12.99
C GLY A 258 28.65 -2.65 -13.56
N PHE A 259 28.29 -3.93 -13.57
CA PHE A 259 27.01 -4.36 -14.10
C PHE A 259 25.91 -4.26 -13.04
N GLY A 260 26.31 -4.26 -11.77
CA GLY A 260 25.36 -4.28 -10.67
C GLY A 260 24.85 -5.69 -10.42
N ALA A 261 25.40 -6.65 -11.17
CA ALA A 261 25.02 -8.05 -11.03
C ALA A 261 25.60 -8.64 -9.76
N ILE A 262 26.87 -8.33 -9.49
CA ILE A 262 27.55 -8.80 -8.30
C ILE A 262 26.84 -8.29 -7.05
N ILE A 263 26.48 -7.01 -7.07
CA ILE A 263 25.77 -6.39 -5.96
C ILE A 263 24.48 -7.15 -5.65
N THR A 264 23.72 -7.46 -6.69
CA THR A 264 22.47 -8.19 -6.53
C THR A 264 22.73 -9.59 -5.97
N TYR A 265 23.76 -10.25 -6.47
CA TYR A 265 24.11 -11.58 -5.99
C TYR A 265 24.51 -11.54 -4.53
N ALA A 266 25.30 -10.54 -4.17
CA ALA A 266 25.82 -10.41 -2.81
C ALA A 266 24.72 -10.03 -1.82
N SER A 267 23.61 -9.50 -2.31
CA SER A 267 22.52 -9.06 -1.46
C SER A 267 21.78 -10.25 -0.85
N TYR A 268 22.13 -11.44 -1.33
CA TYR A 268 21.54 -12.68 -0.81
C TYR A 268 22.51 -13.38 0.14
N VAL A 269 23.61 -12.70 0.43
CA VAL A 269 24.56 -13.17 1.44
C VAL A 269 24.12 -12.68 2.81
N ARG A 270 24.15 -13.57 3.80
CA ARG A 270 23.74 -13.20 5.15
C ARG A 270 24.60 -12.05 5.68
N LYS A 271 24.02 -11.23 6.55
CA LYS A 271 24.59 -9.92 6.88
C LYS A 271 26.06 -9.92 7.26
N ASP A 272 26.50 -10.93 8.02
CA ASP A 272 27.90 -11.00 8.41
C ASP A 272 28.58 -12.29 7.98
N GLN A 273 28.13 -12.85 6.86
CA GLN A 273 28.77 -14.00 6.24
C GLN A 273 29.96 -13.53 5.40
N ASP A 274 31.04 -14.30 5.41
CA ASP A 274 32.29 -13.93 4.74
C ASP A 274 32.10 -13.54 3.28
N ILE A 275 32.83 -12.52 2.85
CA ILE A 275 32.80 -12.07 1.46
C ILE A 275 34.22 -11.80 0.96
N VAL A 276 35.15 -11.66 1.89
CA VAL A 276 36.54 -11.37 1.54
C VAL A 276 37.21 -12.57 0.89
N LEU A 277 37.22 -13.69 1.60
CA LEU A 277 37.79 -14.93 1.07
C LEU A 277 36.93 -15.49 -0.05
N SER A 278 35.62 -15.45 0.14
CA SER A 278 34.67 -15.95 -0.86
C SER A 278 34.83 -15.21 -2.18
N GLY A 279 34.90 -13.88 -2.10
CA GLY A 279 35.06 -13.05 -3.28
C GLY A 279 36.41 -13.30 -3.95
N LEU A 280 37.45 -13.42 -3.14
CA LEU A 280 38.79 -13.69 -3.65
C LEU A 280 38.81 -15.03 -4.39
N THR A 281 38.10 -16.01 -3.85
CA THR A 281 38.02 -17.34 -4.45
C THR A 281 37.35 -17.29 -5.82
N ALA A 282 36.16 -16.70 -5.88
CA ALA A 282 35.42 -16.58 -7.12
C ALA A 282 36.28 -15.91 -8.19
N ALA A 283 36.98 -14.84 -7.80
CA ALA A 283 37.85 -14.13 -8.72
C ALA A 283 38.99 -15.01 -9.22
N THR A 284 39.50 -15.86 -8.33
CA THR A 284 40.60 -16.76 -8.68
C THR A 284 40.13 -17.83 -9.65
N LEU A 285 38.91 -18.34 -9.43
CA LEU A 285 38.33 -19.33 -10.33
C LEU A 285 38.24 -18.76 -11.75
N ASN A 286 37.84 -17.49 -11.84
CA ASN A 286 37.70 -16.84 -13.14
C ASN A 286 39.04 -16.60 -13.83
N GLU A 287 40.06 -16.25 -13.06
CA GLU A 287 41.38 -15.99 -13.62
C GLU A 287 42.03 -17.28 -14.10
N ALA A 288 41.70 -18.39 -13.43
CA ALA A 288 42.21 -19.69 -13.84
C ALA A 288 41.54 -20.13 -15.14
N ALA A 289 40.25 -19.88 -15.23
CA ALA A 289 39.47 -20.23 -16.41
C ALA A 289 39.83 -19.35 -17.60
N GLU A 290 40.48 -18.21 -17.32
CA GLU A 290 40.84 -17.27 -18.36
C GLU A 290 42.26 -17.49 -18.88
N VAL A 291 43.26 -17.30 -18.01
CA VAL A 291 44.65 -17.38 -18.44
C VAL A 291 45.12 -18.82 -18.68
N ILE A 292 44.67 -19.74 -17.84
CA ILE A 292 45.11 -21.13 -17.94
C ILE A 292 44.29 -21.92 -18.95
N LEU A 293 42.98 -21.98 -18.74
CA LEU A 293 42.10 -22.73 -19.63
C LEU A 293 41.77 -21.96 -20.90
N GLY A 294 41.35 -20.71 -20.73
CA GLY A 294 40.96 -19.88 -21.86
C GLY A 294 42.08 -19.60 -22.83
N GLY A 295 43.24 -19.25 -22.29
CA GLY A 295 44.40 -18.94 -23.11
C GLY A 295 45.18 -20.18 -23.51
N SER A 296 44.47 -21.27 -23.76
CA SER A 296 45.10 -22.52 -24.16
C SER A 296 44.25 -23.31 -25.16
N ILE A 297 43.18 -22.68 -25.65
CA ILE A 297 42.30 -23.33 -26.62
C ILE A 297 42.30 -22.60 -27.96
N SER A 298 41.84 -21.36 -27.96
CA SER A 298 41.67 -20.58 -29.19
C SER A 298 42.96 -20.43 -29.98
N ILE A 299 43.84 -19.56 -29.51
CA ILE A 299 45.08 -19.25 -30.22
C ILE A 299 45.92 -20.47 -30.57
N PRO A 300 46.22 -21.32 -29.58
CA PRO A 300 47.04 -22.51 -29.85
C PRO A 300 46.47 -23.36 -30.97
N ALA A 301 45.17 -23.59 -30.95
CA ALA A 301 44.51 -24.38 -32.00
C ALA A 301 44.61 -23.70 -33.36
N ALA A 302 44.43 -22.39 -33.37
CA ALA A 302 44.52 -21.61 -34.60
C ALA A 302 45.95 -21.63 -35.14
N VAL A 303 46.91 -21.34 -34.27
CA VAL A 303 48.32 -21.37 -34.64
C VAL A 303 48.73 -22.75 -35.15
N ALA A 304 48.14 -23.78 -34.58
CA ALA A 304 48.46 -25.15 -34.95
C ALA A 304 48.34 -25.40 -36.45
N PHE A 305 47.37 -24.74 -37.09
CA PHE A 305 47.10 -24.97 -38.51
C PHE A 305 47.67 -23.87 -39.40
N PHE A 306 47.38 -22.61 -39.08
CA PHE A 306 47.88 -21.50 -39.85
C PHE A 306 49.39 -21.34 -39.69
N GLY A 307 49.88 -21.64 -38.49
CA GLY A 307 51.31 -21.59 -38.21
C GLY A 307 51.67 -20.46 -37.26
N VAL A 308 52.93 -20.46 -36.82
CA VAL A 308 53.43 -19.35 -36.01
C VAL A 308 53.19 -18.07 -36.79
N ALA A 309 53.53 -18.13 -38.07
CA ALA A 309 53.16 -17.11 -39.02
C ALA A 309 51.64 -16.87 -38.94
N ASN A 310 51.21 -15.65 -39.22
CA ASN A 310 49.78 -15.32 -39.19
C ASN A 310 49.23 -15.11 -37.79
N ALA A 311 49.96 -15.60 -36.78
CA ALA A 311 49.49 -15.51 -35.39
C ALA A 311 48.85 -14.15 -35.09
N VAL A 312 49.49 -13.09 -35.57
CA VAL A 312 48.95 -11.74 -35.39
C VAL A 312 47.61 -11.60 -36.08
N ALA A 313 47.55 -12.00 -37.34
CA ALA A 313 46.33 -11.91 -38.15
C ALA A 313 45.12 -12.54 -37.47
N ILE A 314 45.30 -13.76 -36.97
CA ILE A 314 44.21 -14.47 -36.31
C ILE A 314 43.68 -13.66 -35.13
N ALA A 315 44.58 -13.15 -34.31
CA ALA A 315 44.20 -12.31 -33.18
C ALA A 315 43.56 -11.02 -33.68
N LYS A 316 44.18 -10.42 -34.68
CA LYS A 316 43.71 -9.16 -35.25
C LYS A 316 42.34 -9.33 -35.93
N ALA A 317 42.09 -10.52 -36.46
CA ALA A 317 40.85 -10.79 -37.18
C ALA A 317 39.62 -10.62 -36.30
N GLY A 318 39.84 -10.43 -35.01
CA GLY A 318 38.75 -10.22 -34.07
C GLY A 318 38.50 -11.41 -33.18
N ALA A 319 37.94 -11.16 -32.00
CA ALA A 319 37.62 -12.22 -31.05
C ALA A 319 36.39 -13.01 -31.50
N PHE A 320 35.52 -12.36 -32.25
CA PHE A 320 34.29 -12.98 -32.72
C PHE A 320 34.55 -13.98 -33.85
N ASN A 321 35.28 -13.55 -34.87
CA ASN A 321 35.60 -14.43 -36.00
C ASN A 321 36.38 -15.66 -35.56
N LEU A 322 37.15 -15.50 -34.48
CA LEU A 322 37.98 -16.59 -33.97
C LEU A 322 37.15 -17.74 -33.44
N GLY A 323 36.09 -17.41 -32.69
CA GLY A 323 35.27 -18.42 -32.04
C GLY A 323 34.13 -18.97 -32.87
N PHE A 324 33.60 -18.15 -33.77
CA PHE A 324 32.42 -18.56 -34.54
C PHE A 324 32.74 -18.97 -35.98
N ILE A 325 33.95 -18.65 -36.44
CA ILE A 325 34.34 -18.99 -37.80
C ILE A 325 35.62 -19.82 -37.86
N THR A 326 36.71 -19.25 -37.37
CA THR A 326 38.02 -19.89 -37.48
C THR A 326 38.09 -21.28 -36.84
N LEU A 327 37.75 -21.37 -35.56
CA LEU A 327 37.84 -22.64 -34.84
C LEU A 327 36.93 -23.73 -35.41
N PRO A 328 35.64 -23.43 -35.62
CA PRO A 328 34.74 -24.44 -36.20
C PRO A 328 35.31 -25.03 -37.49
N ALA A 329 35.85 -24.18 -38.36
CA ALA A 329 36.46 -24.64 -39.61
C ALA A 329 37.67 -25.50 -39.32
N ILE A 330 38.47 -25.06 -38.36
CA ILE A 330 39.64 -25.81 -37.92
C ILE A 330 39.24 -27.20 -37.44
N PHE A 331 38.19 -27.26 -36.63
CA PHE A 331 37.69 -28.52 -36.10
C PHE A 331 37.21 -29.45 -37.21
N SER A 332 36.47 -28.90 -38.17
CA SER A 332 35.93 -29.69 -39.27
C SER A 332 37.04 -30.28 -40.13
N GLN A 333 38.28 -29.93 -39.82
CA GLN A 333 39.43 -30.46 -40.55
C GLN A 333 40.09 -31.63 -39.82
N THR A 334 40.15 -31.54 -38.49
CA THR A 334 40.72 -32.61 -37.68
C THR A 334 39.77 -33.79 -37.61
N ALA A 335 40.30 -34.94 -37.15
CA ALA A 335 39.49 -36.13 -37.00
C ALA A 335 38.49 -35.98 -35.86
N GLY A 336 37.22 -36.29 -36.14
CA GLY A 336 36.17 -36.20 -35.15
C GLY A 336 35.97 -34.78 -34.64
N GLY A 337 36.45 -33.81 -35.41
CA GLY A 337 36.34 -32.42 -35.03
C GLY A 337 34.91 -31.92 -34.89
N THR A 338 33.97 -32.66 -35.49
CA THR A 338 32.56 -32.30 -35.42
C THR A 338 32.08 -32.35 -33.96
N PHE A 339 32.34 -33.48 -33.30
CA PHE A 339 32.02 -33.62 -31.89
C PHE A 339 32.88 -32.67 -31.06
N LEU A 340 34.05 -32.34 -31.60
CA LEU A 340 34.98 -31.46 -30.92
C LEU A 340 34.46 -30.01 -30.96
N GLY A 341 33.78 -29.67 -32.04
CA GLY A 341 33.20 -28.35 -32.20
C GLY A 341 31.93 -28.20 -31.38
N PHE A 342 31.20 -29.30 -31.22
CA PHE A 342 30.02 -29.33 -30.37
C PHE A 342 30.39 -29.02 -28.92
N LEU A 343 31.52 -29.57 -28.47
CA LEU A 343 31.98 -29.33 -27.11
C LEU A 343 32.41 -27.89 -26.93
N TRP A 344 32.94 -27.29 -27.99
CA TRP A 344 33.36 -25.90 -27.96
C TRP A 344 32.19 -24.94 -27.73
N PHE A 345 31.11 -25.17 -28.46
CA PHE A 345 29.94 -24.29 -28.35
C PHE A 345 29.09 -24.61 -27.13
N PHE A 346 29.11 -25.86 -26.69
CA PHE A 346 28.40 -26.24 -25.47
C PHE A 346 29.11 -25.63 -24.27
N LEU A 347 30.41 -25.45 -24.41
CA LEU A 347 31.21 -24.77 -23.40
C LEU A 347 30.84 -23.29 -23.36
N LEU A 348 30.82 -22.67 -24.54
CA LEU A 348 30.49 -21.25 -24.65
C LEU A 348 29.05 -20.97 -24.24
N PHE A 349 28.18 -21.97 -24.40
CA PHE A 349 26.78 -21.83 -24.03
C PHE A 349 26.58 -21.79 -22.52
N PHE A 350 27.25 -22.72 -21.82
CA PHE A 350 27.21 -22.72 -20.37
C PHE A 350 27.92 -21.48 -19.83
N ALA A 351 28.97 -21.06 -20.52
CA ALA A 351 29.68 -19.86 -20.13
C ALA A 351 28.74 -18.66 -20.12
N GLY A 352 27.90 -18.57 -21.12
CA GLY A 352 26.95 -17.47 -21.23
C GLY A 352 25.72 -17.66 -20.37
N LEU A 353 25.24 -18.89 -20.29
CA LEU A 353 24.02 -19.19 -19.54
C LEU A 353 24.15 -18.80 -18.07
N THR A 354 25.32 -19.05 -17.50
CA THR A 354 25.55 -18.75 -16.08
C THR A 354 25.68 -17.25 -15.83
N SER A 355 25.91 -16.49 -16.89
CA SER A 355 26.09 -15.05 -16.79
C SER A 355 24.80 -14.28 -17.12
N SER A 356 24.04 -14.81 -18.08
CA SER A 356 22.78 -14.16 -18.47
C SER A 356 21.80 -14.15 -17.32
N ILE A 357 21.77 -15.23 -16.54
CA ILE A 357 20.90 -15.30 -15.38
C ILE A 357 21.37 -14.32 -14.30
N ALA A 358 22.66 -14.01 -14.30
CA ALA A 358 23.23 -13.11 -13.33
C ALA A 358 22.92 -11.64 -13.64
N ILE A 359 22.76 -11.32 -14.92
CA ILE A 359 22.45 -9.95 -15.32
C ILE A 359 20.95 -9.71 -15.46
N MET A 360 20.17 -10.79 -15.47
CA MET A 360 18.71 -10.67 -15.50
C MET A 360 18.15 -10.61 -14.07
N GLN A 361 18.94 -11.05 -13.10
CA GLN A 361 18.51 -11.06 -11.71
C GLN A 361 18.31 -9.66 -11.11
N PRO A 362 19.21 -8.72 -11.41
CA PRO A 362 19.05 -7.36 -10.87
C PRO A 362 17.66 -6.80 -11.13
N MET A 363 17.15 -6.94 -12.35
CA MET A 363 15.82 -6.47 -12.67
C MET A 363 14.78 -7.22 -11.85
N ILE A 364 14.93 -8.54 -11.79
CA ILE A 364 14.03 -9.37 -11.01
C ILE A 364 14.01 -8.96 -9.55
N ALA A 365 15.18 -8.71 -8.99
CA ALA A 365 15.32 -8.29 -7.60
C ALA A 365 14.55 -7.01 -7.32
N PHE A 366 14.70 -6.02 -8.20
CA PHE A 366 14.00 -4.75 -8.05
C PHE A 366 12.49 -4.97 -7.94
N LEU A 367 11.93 -5.68 -8.90
CA LEU A 367 10.49 -5.94 -8.92
C LEU A 367 10.00 -6.60 -7.64
N GLU A 368 10.80 -7.51 -7.09
CA GLU A 368 10.45 -8.21 -5.87
C GLU A 368 10.58 -7.30 -4.66
N ASP A 369 11.74 -6.68 -4.50
CA ASP A 369 12.06 -5.91 -3.31
C ASP A 369 11.30 -4.59 -3.25
N GLU A 370 11.30 -3.84 -4.34
CA GLU A 370 10.76 -2.49 -4.34
C GLU A 370 9.28 -2.42 -4.72
N LEU A 371 8.88 -3.21 -5.71
CA LEU A 371 7.49 -3.21 -6.15
C LEU A 371 6.70 -4.37 -5.58
N LYS A 372 7.39 -5.23 -4.84
CA LYS A 372 6.75 -6.32 -4.11
C LYS A 372 6.02 -7.32 -5.00
N LEU A 373 6.63 -7.66 -6.13
CA LEU A 373 6.10 -8.69 -7.02
C LEU A 373 6.55 -10.07 -6.56
N SER A 374 5.73 -11.08 -6.83
CA SER A 374 6.13 -12.46 -6.57
C SER A 374 7.26 -12.83 -7.51
N ARG A 375 8.07 -13.81 -7.12
CA ARG A 375 9.18 -14.24 -7.95
C ARG A 375 8.67 -14.60 -9.35
N LYS A 376 7.58 -15.35 -9.41
CA LYS A 376 6.99 -15.75 -10.68
C LYS A 376 6.69 -14.55 -11.57
N HIS A 377 6.09 -13.51 -10.98
CA HIS A 377 5.72 -12.32 -11.72
C HIS A 377 6.93 -11.46 -12.08
N ALA A 378 7.90 -11.41 -11.16
CA ALA A 378 9.13 -10.67 -11.40
C ALA A 378 9.92 -11.29 -12.55
N VAL A 379 10.09 -12.60 -12.50
CA VAL A 379 10.84 -13.32 -13.53
C VAL A 379 10.16 -13.20 -14.90
N LEU A 380 8.87 -13.49 -14.94
CA LEU A 380 8.15 -13.47 -16.21
C LEU A 380 8.08 -12.08 -16.84
N TRP A 381 7.82 -11.06 -16.01
CA TRP A 381 7.78 -9.70 -16.51
C TRP A 381 9.15 -9.25 -17.02
N THR A 382 10.20 -9.66 -16.32
CA THR A 382 11.55 -9.37 -16.78
C THR A 382 11.81 -10.09 -18.10
N ALA A 383 11.43 -11.36 -18.14
CA ALA A 383 11.58 -12.17 -19.35
C ALA A 383 10.87 -11.53 -20.53
N ALA A 384 9.69 -10.96 -20.26
CA ALA A 384 8.90 -10.29 -21.29
C ALA A 384 9.62 -9.05 -21.81
N ILE A 385 10.08 -8.21 -20.89
CA ILE A 385 10.78 -6.98 -21.26
C ILE A 385 12.03 -7.30 -22.09
N VAL A 386 12.73 -8.36 -21.70
CA VAL A 386 13.94 -8.76 -22.41
C VAL A 386 13.61 -9.33 -23.79
N PHE A 387 12.73 -10.32 -23.81
CA PHE A 387 12.34 -10.97 -25.06
C PHE A 387 11.85 -9.96 -26.09
N PHE A 388 10.97 -9.06 -25.66
CA PHE A 388 10.45 -8.02 -26.54
C PHE A 388 11.56 -7.12 -27.08
N SER A 389 12.34 -6.55 -26.16
CA SER A 389 13.41 -5.63 -26.52
C SER A 389 14.44 -6.25 -27.46
N ALA A 390 14.66 -7.56 -27.32
CA ALA A 390 15.66 -8.25 -28.12
C ALA A 390 15.36 -8.20 -29.62
N HIS A 391 14.10 -7.95 -29.96
CA HIS A 391 13.70 -7.89 -31.36
C HIS A 391 14.37 -6.72 -32.09
N LEU A 392 14.75 -5.70 -31.33
CA LEU A 392 15.45 -4.57 -31.90
C LEU A 392 16.88 -4.99 -32.28
N VAL A 393 17.46 -5.86 -31.47
CA VAL A 393 18.81 -6.36 -31.70
C VAL A 393 18.84 -7.43 -32.79
N MET A 394 17.76 -8.20 -32.89
CA MET A 394 17.68 -9.30 -33.85
C MET A 394 17.50 -8.83 -35.29
N PHE A 395 16.79 -7.72 -35.48
CA PHE A 395 16.41 -7.29 -36.81
C PHE A 395 17.09 -6.01 -37.29
N LEU A 396 17.66 -5.26 -36.35
CA LEU A 396 18.29 -3.98 -36.69
C LEU A 396 19.81 -4.08 -36.63
N ASN A 397 20.46 -3.86 -37.77
CA ASN A 397 21.91 -3.98 -37.86
C ASN A 397 22.65 -2.92 -37.03
N LYS A 398 23.69 -3.36 -36.34
CA LYS A 398 24.53 -2.48 -35.52
C LYS A 398 23.83 -2.01 -34.25
N SER A 399 22.64 -2.55 -33.99
CA SER A 399 21.92 -2.24 -32.76
C SER A 399 22.63 -2.89 -31.57
N LEU A 400 23.02 -4.14 -31.74
CA LEU A 400 23.78 -4.87 -30.74
C LEU A 400 25.04 -4.10 -30.37
N ASP A 401 25.76 -3.64 -31.39
CA ASP A 401 27.00 -2.89 -31.19
C ASP A 401 26.75 -1.61 -30.39
N GLU A 402 25.65 -0.94 -30.68
CA GLU A 402 25.33 0.32 -30.03
C GLU A 402 25.03 0.13 -28.55
N MET A 403 24.26 -0.91 -28.24
CA MET A 403 23.94 -1.22 -26.84
C MET A 403 25.20 -1.63 -26.09
N ASP A 404 25.97 -2.53 -26.69
CA ASP A 404 27.19 -3.03 -26.08
C ASP A 404 28.15 -1.91 -25.69
N PHE A 405 28.16 -0.84 -26.47
CA PHE A 405 29.04 0.30 -26.21
C PHE A 405 28.57 1.16 -25.05
N TRP A 406 27.35 1.68 -25.16
CA TRP A 406 26.83 2.59 -24.14
C TRP A 406 26.66 1.93 -22.78
N ALA A 407 26.08 0.74 -22.77
CA ALA A 407 25.84 0.03 -21.52
C ALA A 407 27.00 -0.88 -21.13
N GLY A 408 27.42 -1.74 -22.05
CA GLY A 408 28.42 -2.75 -21.75
C GLY A 408 29.87 -2.29 -21.76
N THR A 409 30.12 -1.08 -22.23
CA THR A 409 31.48 -0.55 -22.29
C THR A 409 31.64 0.72 -21.46
N ILE A 410 31.06 1.82 -21.95
CA ILE A 410 31.15 3.10 -21.26
C ILE A 410 30.40 3.05 -19.93
N GLY A 411 29.18 2.50 -19.97
CA GLY A 411 28.33 2.44 -18.80
C GLY A 411 28.95 1.74 -17.61
N VAL A 412 29.47 0.54 -17.85
CA VAL A 412 30.01 -0.27 -16.76
C VAL A 412 31.17 0.41 -16.04
N VAL A 413 32.05 1.07 -16.79
CA VAL A 413 33.20 1.75 -16.20
C VAL A 413 32.76 2.95 -15.39
N PHE A 414 31.90 3.78 -15.97
CA PHE A 414 31.36 4.94 -15.29
C PHE A 414 30.66 4.53 -14.00
N PHE A 415 29.84 3.49 -14.09
CA PHE A 415 29.10 3.01 -12.92
C PHE A 415 30.04 2.46 -11.87
N GLY A 416 31.11 1.80 -12.33
CA GLY A 416 32.12 1.26 -11.45
C GLY A 416 32.77 2.34 -10.61
N LEU A 417 33.14 3.43 -11.27
CA LEU A 417 33.73 4.57 -10.58
C LEU A 417 32.70 5.26 -9.69
N THR A 418 31.44 5.21 -10.11
CA THR A 418 30.36 5.83 -9.35
C THR A 418 30.13 5.14 -8.02
N GLU A 419 29.95 3.83 -8.05
CA GLU A 419 29.67 3.07 -6.84
C GLU A 419 30.85 3.07 -5.88
N LEU A 420 32.05 3.24 -6.42
CA LEU A 420 33.25 3.29 -5.60
C LEU A 420 33.33 4.61 -4.83
N ILE A 421 32.96 5.70 -5.50
CA ILE A 421 32.98 7.02 -4.87
C ILE A 421 31.89 7.14 -3.81
N ILE A 422 30.72 6.59 -4.09
CA ILE A 422 29.60 6.64 -3.15
C ILE A 422 29.90 5.87 -1.87
N PHE A 423 30.49 4.68 -2.03
CA PHE A 423 30.71 3.79 -0.91
C PHE A 423 31.94 4.17 -0.07
N PHE A 424 33.02 4.58 -0.73
CA PHE A 424 34.28 4.82 -0.05
C PHE A 424 34.55 6.29 0.27
N TRP A 425 33.76 7.20 -0.31
CA TRP A 425 33.94 8.63 -0.07
C TRP A 425 32.73 9.25 0.63
N ILE A 426 31.58 9.17 -0.03
CA ILE A 426 30.35 9.74 0.52
C ILE A 426 29.91 8.99 1.77
N PHE A 427 29.86 7.67 1.68
CA PHE A 427 29.43 6.84 2.79
C PHE A 427 30.43 6.89 3.96
N GLY A 428 31.72 6.96 3.63
CA GLY A 428 32.75 7.01 4.63
C GLY A 428 33.80 5.93 4.43
N ALA A 429 35.06 6.35 4.27
CA ALA A 429 36.15 5.42 4.03
C ALA A 429 36.29 4.41 5.16
N ASP A 430 36.27 4.89 6.40
CA ASP A 430 36.40 4.01 7.55
C ASP A 430 35.23 3.05 7.67
N LYS A 431 34.02 3.58 7.59
CA LYS A 431 32.80 2.77 7.66
C LYS A 431 32.80 1.71 6.56
N ALA A 432 33.19 2.12 5.35
CA ALA A 432 33.23 1.20 4.21
C ALA A 432 34.24 0.08 4.43
N TRP A 433 35.39 0.43 5.00
CA TRP A 433 36.44 -0.54 5.27
C TRP A 433 35.97 -1.59 6.26
N GLU A 434 35.39 -1.12 7.37
CA GLU A 434 34.90 -2.03 8.41
C GLU A 434 33.75 -2.89 7.92
N GLU A 435 32.99 -2.36 6.97
CA GLU A 435 31.89 -3.11 6.36
C GLU A 435 32.42 -4.28 5.54
N ILE A 436 33.42 -4.00 4.71
CA ILE A 436 34.03 -5.01 3.86
C ILE A 436 34.60 -6.18 4.65
N ASN A 437 35.32 -5.86 5.73
CA ASN A 437 36.07 -6.87 6.48
C ASN A 437 35.25 -7.69 7.48
N ARG A 438 34.08 -7.19 7.84
CA ARG A 438 33.25 -7.87 8.84
C ARG A 438 32.90 -9.31 8.43
N GLY A 439 33.15 -10.24 9.34
CA GLY A 439 32.81 -11.64 9.12
C GLY A 439 33.80 -12.34 8.21
N GLY A 440 34.80 -11.60 7.76
CA GLY A 440 35.79 -12.14 6.84
C GLY A 440 36.64 -13.24 7.43
N ILE A 441 36.68 -14.38 6.75
CA ILE A 441 37.54 -15.49 7.15
C ILE A 441 38.99 -15.05 7.18
N ILE A 442 39.33 -14.13 6.28
CA ILE A 442 40.62 -13.45 6.30
C ILE A 442 40.35 -11.96 6.16
N LYS A 443 41.27 -11.14 6.67
CA LYS A 443 41.11 -9.69 6.55
C LYS A 443 41.79 -9.14 5.30
N VAL A 444 41.13 -8.17 4.67
CA VAL A 444 41.71 -7.49 3.52
C VAL A 444 43.00 -6.79 3.91
N PRO A 445 44.08 -7.06 3.15
CA PRO A 445 45.38 -6.43 3.39
C PRO A 445 45.25 -4.92 3.62
N ARG A 446 45.81 -4.44 4.71
CA ARG A 446 45.67 -3.05 5.11
C ARG A 446 46.03 -2.07 4.00
N ILE A 447 46.97 -2.46 3.14
CA ILE A 447 47.41 -1.61 2.04
C ILE A 447 46.25 -1.23 1.13
N TYR A 448 45.25 -2.11 1.04
CA TYR A 448 44.11 -1.89 0.16
C TYR A 448 43.22 -0.72 0.59
N TYR A 449 43.38 -0.28 1.83
CA TYR A 449 42.62 0.86 2.32
C TYR A 449 42.97 2.11 1.52
N TYR A 450 44.25 2.25 1.19
CA TYR A 450 44.74 3.37 0.40
C TYR A 450 44.47 3.14 -1.09
N VAL A 451 44.59 1.89 -1.51
CA VAL A 451 44.34 1.51 -2.90
C VAL A 451 42.91 1.83 -3.30
N MET A 452 41.95 1.35 -2.50
CA MET A 452 40.54 1.55 -2.78
C MET A 452 40.16 3.03 -2.75
N ARG A 453 40.79 3.78 -1.86
CA ARG A 453 40.43 5.19 -1.64
C ARG A 453 41.03 6.12 -2.69
N TYR A 454 42.25 5.83 -3.13
CA TYR A 454 42.94 6.73 -4.05
C TYR A 454 43.29 6.08 -5.40
N ILE A 455 43.94 4.93 -5.35
CA ILE A 455 44.43 4.27 -6.56
C ILE A 455 43.31 3.79 -7.49
N THR A 456 42.45 2.91 -6.98
CA THR A 456 41.41 2.31 -7.81
C THR A 456 40.57 3.35 -8.56
N PRO A 457 40.07 4.37 -7.85
CA PRO A 457 39.26 5.40 -8.53
C PRO A 457 40.07 6.19 -9.55
N ALA A 458 41.38 6.30 -9.32
CA ALA A 458 42.27 7.02 -10.24
C ALA A 458 42.39 6.28 -11.57
N PHE A 459 42.55 4.96 -11.50
CA PHE A 459 42.64 4.12 -12.69
C PHE A 459 41.36 4.18 -13.52
N LEU A 460 40.22 4.07 -12.84
CA LEU A 460 38.93 4.09 -13.53
C LEU A 460 38.67 5.43 -14.21
N ALA A 461 39.01 6.52 -13.52
CA ALA A 461 38.84 7.86 -14.09
C ALA A 461 39.67 8.00 -15.37
N VAL A 462 40.89 7.50 -15.33
CA VAL A 462 41.77 7.54 -16.49
C VAL A 462 41.24 6.69 -17.63
N LEU A 463 40.72 5.51 -17.28
CA LEU A 463 40.15 4.61 -18.28
C LEU A 463 38.95 5.25 -18.96
N LEU A 464 38.18 6.03 -18.20
CA LEU A 464 37.03 6.73 -18.75
C LEU A 464 37.45 7.90 -19.64
N VAL A 465 38.36 8.72 -19.14
CA VAL A 465 38.85 9.88 -19.89
C VAL A 465 39.48 9.45 -21.22
N VAL A 466 40.20 8.33 -21.18
CA VAL A 466 40.86 7.81 -22.37
C VAL A 466 39.85 7.24 -23.37
N TRP A 467 39.01 6.32 -22.89
CA TRP A 467 37.99 5.71 -23.75
C TRP A 467 37.02 6.74 -24.32
N ALA A 468 36.75 7.79 -23.55
CA ALA A 468 35.85 8.85 -24.00
C ALA A 468 36.48 9.67 -25.12
N ARG A 469 37.65 10.23 -24.84
CA ARG A 469 38.34 11.08 -25.82
C ARG A 469 38.72 10.31 -27.09
N GLU A 470 38.60 8.99 -27.04
CA GLU A 470 39.05 8.14 -28.15
C GLU A 470 37.91 7.43 -28.88
N TYR A 471 36.74 7.37 -28.26
CA TYR A 471 35.64 6.58 -28.82
C TYR A 471 34.35 7.36 -29.11
N ILE A 472 33.96 8.25 -28.22
CA ILE A 472 32.68 8.95 -28.34
C ILE A 472 32.51 9.80 -29.62
N PRO A 473 33.52 10.62 -29.96
CA PRO A 473 33.41 11.42 -31.19
C PRO A 473 33.16 10.57 -32.44
N LYS A 474 33.81 9.41 -32.51
CA LYS A 474 33.62 8.51 -33.64
C LYS A 474 32.21 7.93 -33.68
N ILE A 475 31.74 7.46 -32.53
CA ILE A 475 30.40 6.88 -32.41
C ILE A 475 29.31 7.91 -32.75
N MET A 476 29.54 9.17 -32.38
CA MET A 476 28.55 10.21 -32.56
C MET A 476 28.46 10.71 -34.00
N GLU A 477 29.58 10.65 -34.73
CA GLU A 477 29.64 11.23 -36.07
C GLU A 477 29.64 10.20 -37.21
N GLU A 478 30.50 9.20 -37.09
CA GLU A 478 30.71 8.24 -38.18
C GLU A 478 29.54 7.27 -38.39
N THR A 479 28.86 6.91 -37.30
CA THR A 479 27.85 5.85 -37.35
C THR A 479 26.63 6.17 -38.22
N HIS A 480 26.03 5.10 -38.76
CA HIS A 480 24.84 5.19 -39.59
C HIS A 480 23.68 5.80 -38.80
N TRP A 481 22.69 6.35 -39.50
CA TRP A 481 21.58 7.02 -38.83
C TRP A 481 20.69 6.06 -38.04
N THR A 482 20.68 4.80 -38.45
CA THR A 482 19.90 3.78 -37.76
C THR A 482 20.28 3.71 -36.29
N VAL A 483 21.49 4.17 -35.98
CA VAL A 483 22.01 4.15 -34.62
C VAL A 483 21.08 4.84 -33.61
N TRP A 484 20.32 5.82 -34.07
CA TRP A 484 19.43 6.58 -33.19
C TRP A 484 18.21 5.78 -32.73
N ILE A 485 17.74 4.86 -33.57
CA ILE A 485 16.60 4.03 -33.22
C ILE A 485 16.89 3.20 -31.97
N THR A 486 18.17 2.85 -31.78
CA THR A 486 18.58 2.11 -30.60
C THR A 486 18.79 3.08 -29.43
N ARG A 487 19.49 4.18 -29.68
CA ARG A 487 19.71 5.21 -28.68
C ARG A 487 18.38 5.67 -28.11
N PHE A 488 17.44 5.95 -29.00
CA PHE A 488 16.09 6.34 -28.60
C PHE A 488 15.47 5.30 -27.68
N TYR A 489 15.58 4.03 -28.06
CA TYR A 489 14.93 2.96 -27.33
C TYR A 489 15.55 2.71 -25.96
N ILE A 490 16.88 2.71 -25.89
CA ILE A 490 17.56 2.47 -24.61
C ILE A 490 17.44 3.68 -23.69
N ILE A 491 17.34 4.87 -24.26
CA ILE A 491 17.07 6.07 -23.47
C ILE A 491 15.68 5.95 -22.85
N GLY A 492 14.74 5.44 -23.64
CA GLY A 492 13.39 5.20 -23.16
C GLY A 492 13.38 4.19 -22.03
N LEU A 493 14.26 3.20 -22.12
CA LEU A 493 14.35 2.16 -21.10
C LEU A 493 14.85 2.74 -19.78
N PHE A 494 15.75 3.72 -19.85
CA PHE A 494 16.24 4.38 -18.65
C PHE A 494 15.14 5.22 -18.02
N LEU A 495 14.36 5.87 -18.87
CA LEU A 495 13.22 6.67 -18.42
C LEU A 495 12.17 5.77 -17.79
N PHE A 496 12.00 4.58 -18.38
CA PHE A 496 11.06 3.59 -17.87
C PHE A 496 11.44 3.11 -16.48
N LEU A 497 12.72 2.79 -16.29
CA LEU A 497 13.22 2.33 -15.00
C LEU A 497 13.17 3.47 -13.97
N THR A 498 13.41 4.69 -14.42
CA THR A 498 13.34 5.86 -13.55
C THR A 498 11.91 6.02 -13.02
N PHE A 499 10.94 5.67 -13.85
CA PHE A 499 9.54 5.76 -13.47
C PHE A 499 9.17 4.68 -12.46
N LEU A 500 9.69 3.48 -12.66
CA LEU A 500 9.46 2.39 -11.73
C LEU A 500 10.05 2.71 -10.36
N VAL A 501 11.24 3.29 -10.35
CA VAL A 501 11.87 3.70 -9.10
C VAL A 501 11.03 4.76 -8.41
N PHE A 502 10.42 5.62 -9.21
CA PHE A 502 9.54 6.66 -8.71
C PHE A 502 8.32 6.04 -8.01
N LEU A 503 7.66 5.11 -8.69
CA LEU A 503 6.50 4.42 -8.13
C LEU A 503 6.86 3.65 -6.86
N ALA A 504 8.09 3.14 -6.82
CA ALA A 504 8.56 2.37 -5.67
C ALA A 504 8.65 3.25 -4.43
N GLU A 505 9.22 4.44 -4.58
CA GLU A 505 9.33 5.39 -3.48
C GLU A 505 7.96 5.90 -3.06
N ARG A 506 7.05 5.98 -4.02
CA ARG A 506 5.70 6.44 -3.75
C ARG A 506 4.92 5.42 -2.91
N ARG A 507 5.14 4.15 -3.20
CA ARG A 507 4.47 3.08 -2.47
C ARG A 507 5.12 2.86 -1.11
N ARG B 5 -12.26 13.15 -5.08
CA ARG B 5 -12.20 13.14 -6.53
C ARG B 5 -12.91 14.36 -7.11
N GLU B 6 -12.20 15.13 -7.92
CA GLU B 6 -12.73 16.37 -8.48
C GLU B 6 -13.93 16.14 -9.41
N HIS B 7 -14.81 17.14 -9.47
CA HIS B 7 -15.99 17.10 -10.33
C HIS B 7 -16.06 18.35 -11.20
N TRP B 8 -16.84 18.28 -12.28
CA TRP B 8 -17.12 19.46 -13.07
C TRP B 8 -17.87 20.48 -12.22
N ALA B 9 -17.41 21.72 -12.24
CA ALA B 9 -18.01 22.76 -11.41
C ALA B 9 -19.42 23.14 -11.86
N THR B 10 -19.64 23.15 -13.17
CA THR B 10 -20.92 23.61 -13.72
C THR B 10 -21.43 22.72 -14.86
N ARG B 11 -22.71 22.82 -15.13
CA ARG B 11 -23.33 22.12 -16.25
C ARG B 11 -22.73 22.59 -17.57
N LEU B 12 -22.63 23.92 -17.72
CA LEU B 12 -22.11 24.52 -18.93
C LEU B 12 -20.66 24.12 -19.17
N GLY B 13 -19.85 24.21 -18.12
CA GLY B 13 -18.45 23.83 -18.20
C GLY B 13 -18.28 22.41 -18.71
N LEU B 14 -19.10 21.50 -18.20
CA LEU B 14 -19.08 20.10 -18.63
C LEU B 14 -19.36 19.99 -20.13
N ILE B 15 -20.43 20.64 -20.58
CA ILE B 15 -20.83 20.57 -21.97
C ILE B 15 -19.80 21.18 -22.90
N LEU B 16 -19.28 22.35 -22.54
CA LEU B 16 -18.28 23.04 -23.35
C LEU B 16 -16.96 22.26 -23.42
N ALA B 17 -16.68 21.49 -22.37
CA ALA B 17 -15.48 20.67 -22.34
C ALA B 17 -15.65 19.43 -23.21
N MET B 18 -16.82 18.80 -23.12
CA MET B 18 -17.15 17.65 -23.94
C MET B 18 -17.23 18.04 -25.41
N ALA B 19 -17.92 19.14 -25.69
CA ALA B 19 -18.03 19.66 -27.04
C ALA B 19 -16.65 20.05 -27.56
N GLY B 20 -15.83 20.60 -26.68
CA GLY B 20 -14.48 21.00 -27.03
C GLY B 20 -13.67 19.82 -27.53
N ASN B 21 -13.90 18.66 -26.92
CA ASN B 21 -13.24 17.43 -27.33
C ASN B 21 -13.67 17.00 -28.73
N ALA B 22 -14.99 16.98 -28.96
CA ALA B 22 -15.54 16.58 -30.25
C ALA B 22 -15.12 17.52 -31.36
N VAL B 23 -15.31 18.82 -31.16
CA VAL B 23 -14.88 19.81 -32.13
C VAL B 23 -13.38 19.65 -32.37
N GLY B 24 -13.00 19.53 -33.63
CA GLY B 24 -11.60 19.36 -33.99
C GLY B 24 -11.32 19.80 -35.41
N LEU B 25 -10.12 19.48 -35.89
CA LEU B 25 -9.72 19.87 -37.24
C LEU B 25 -10.58 19.16 -38.29
N GLY B 26 -11.17 18.03 -37.89
CA GLY B 26 -12.02 17.25 -38.78
C GLY B 26 -13.27 18.01 -39.15
N ASN B 27 -13.72 18.89 -38.26
CA ASN B 27 -14.91 19.69 -38.51
C ASN B 27 -14.69 20.68 -39.65
N PHE B 28 -13.44 21.10 -39.81
CA PHE B 28 -13.11 22.15 -40.79
C PHE B 28 -12.38 21.61 -42.02
N LEU B 29 -11.75 20.45 -41.88
CA LEU B 29 -10.94 19.89 -42.96
C LEU B 29 -11.49 18.57 -43.49
N ARG B 30 -11.70 17.61 -42.60
CA ARG B 30 -12.09 16.27 -43.01
C ARG B 30 -13.51 16.20 -43.56
N PHE B 31 -14.44 16.92 -42.91
CA PHE B 31 -15.84 16.87 -43.30
C PHE B 31 -16.11 17.44 -44.70
N PRO B 32 -15.62 18.65 -44.99
CA PRO B 32 -15.86 19.22 -46.32
C PRO B 32 -15.36 18.29 -47.42
N VAL B 33 -14.19 17.69 -47.21
CA VAL B 33 -13.61 16.76 -48.17
C VAL B 33 -14.46 15.52 -48.32
N GLN B 34 -14.87 14.93 -47.19
CA GLN B 34 -15.70 13.74 -47.20
C GLN B 34 -17.07 14.00 -47.82
N ALA B 35 -17.69 15.10 -47.43
CA ALA B 35 -19.01 15.46 -47.94
C ALA B 35 -18.98 15.67 -49.45
N ALA B 36 -17.96 16.39 -49.92
CA ALA B 36 -17.83 16.68 -51.34
C ALA B 36 -17.55 15.43 -52.17
N GLU B 37 -16.81 14.49 -51.59
CA GLU B 37 -16.43 13.26 -52.28
C GLU B 37 -17.54 12.21 -52.26
N ASN B 38 -18.42 12.28 -51.27
CA ASN B 38 -19.43 11.24 -51.09
C ASN B 38 -20.88 11.68 -51.31
N GLY B 39 -21.10 12.50 -52.33
CA GLY B 39 -22.45 12.85 -52.74
C GLY B 39 -22.90 14.26 -52.44
N GLY B 40 -21.99 15.08 -51.91
CA GLY B 40 -22.31 16.45 -51.57
C GLY B 40 -23.48 16.56 -50.61
N GLY B 41 -24.59 17.12 -51.08
CA GLY B 41 -25.78 17.26 -50.27
C GLY B 41 -26.42 15.91 -49.98
N ALA B 42 -26.27 14.99 -50.92
CA ALA B 42 -26.78 13.63 -50.75
C ALA B 42 -26.09 12.92 -49.60
N PHE B 43 -24.89 13.38 -49.27
CA PHE B 43 -24.10 12.78 -48.21
C PHE B 43 -24.74 13.00 -46.84
N MET B 44 -25.66 13.96 -46.77
CA MET B 44 -26.34 14.29 -45.52
C MET B 44 -27.30 13.20 -45.08
N ILE B 45 -27.84 12.45 -46.04
CA ILE B 45 -28.79 11.39 -45.73
C ILE B 45 -28.15 10.27 -44.88
N PRO B 46 -27.02 9.70 -45.37
CA PRO B 46 -26.33 8.68 -44.59
C PRO B 46 -25.68 9.29 -43.34
N TYR B 47 -25.25 10.54 -43.46
CA TYR B 47 -24.60 11.24 -42.35
C TYR B 47 -25.55 11.36 -41.16
N ILE B 48 -26.77 11.80 -41.41
CA ILE B 48 -27.77 11.97 -40.36
C ILE B 48 -28.19 10.63 -39.78
N ILE B 49 -28.37 9.63 -40.64
CA ILE B 49 -28.71 8.28 -40.20
C ILE B 49 -27.63 7.72 -39.29
N ALA B 50 -26.37 7.90 -39.70
CA ALA B 50 -25.24 7.43 -38.91
C ALA B 50 -25.16 8.16 -37.57
N PHE B 51 -25.55 9.42 -37.56
CA PHE B 51 -25.57 10.23 -36.35
C PHE B 51 -26.61 9.71 -35.37
N LEU B 52 -27.67 9.12 -35.92
CA LEU B 52 -28.79 8.65 -35.11
C LEU B 52 -28.63 7.20 -34.64
N LEU B 53 -28.13 6.34 -35.53
CA LEU B 53 -28.04 4.91 -35.23
C LEU B 53 -26.69 4.50 -34.65
N VAL B 54 -25.69 5.35 -34.75
CA VAL B 54 -24.35 5.01 -34.26
C VAL B 54 -23.75 6.12 -33.40
N GLY B 55 -23.86 7.36 -33.86
CA GLY B 55 -23.25 8.49 -33.17
C GLY B 55 -23.79 8.74 -31.79
N ILE B 56 -25.05 9.16 -31.71
CA ILE B 56 -25.68 9.49 -30.43
C ILE B 56 -25.67 8.35 -29.41
N PRO B 57 -26.17 7.17 -29.81
CA PRO B 57 -26.26 6.05 -28.86
C PRO B 57 -24.91 5.70 -28.22
N LEU B 58 -23.84 5.63 -29.01
CA LEU B 58 -22.53 5.31 -28.48
C LEU B 58 -22.02 6.40 -27.55
N MET B 59 -22.33 7.66 -27.89
CA MET B 59 -21.94 8.78 -27.03
C MET B 59 -22.58 8.67 -25.65
N TRP B 60 -23.89 8.47 -25.62
CA TRP B 60 -24.62 8.29 -24.37
C TRP B 60 -24.03 7.16 -23.55
N ILE B 61 -23.65 6.08 -24.23
CA ILE B 61 -23.08 4.91 -23.57
C ILE B 61 -21.74 5.25 -22.91
N GLU B 62 -20.87 5.92 -23.63
CA GLU B 62 -19.57 6.31 -23.09
C GLU B 62 -19.75 7.28 -21.92
N TRP B 63 -20.64 8.26 -22.09
CA TRP B 63 -21.00 9.18 -21.02
C TRP B 63 -21.44 8.42 -19.78
N ALA B 64 -22.31 7.43 -19.98
CA ALA B 64 -22.87 6.66 -18.88
C ALA B 64 -21.82 5.78 -18.20
N MET B 65 -20.99 5.12 -19.01
CA MET B 65 -19.93 4.27 -18.49
C MET B 65 -18.94 5.08 -17.67
N GLY B 66 -18.70 6.31 -18.09
CA GLY B 66 -17.81 7.22 -17.38
C GLY B 66 -18.37 7.60 -16.03
N ARG B 67 -19.62 8.06 -16.01
CA ARG B 67 -20.27 8.47 -14.77
C ARG B 67 -20.43 7.29 -13.82
N TYR B 68 -20.66 6.11 -14.37
CA TYR B 68 -20.81 4.90 -13.57
C TYR B 68 -19.53 4.59 -12.80
N GLY B 69 -18.41 4.59 -13.52
CA GLY B 69 -17.12 4.30 -12.93
C GLY B 69 -16.67 5.38 -11.96
N GLY B 70 -16.93 6.64 -12.32
CA GLY B 70 -16.53 7.77 -11.51
C GLY B 70 -17.07 7.67 -10.09
N ALA B 71 -18.29 7.16 -9.96
CA ALA B 71 -18.95 7.05 -8.67
C ALA B 71 -18.20 6.11 -7.74
N GLN B 72 -17.34 5.26 -8.31
CA GLN B 72 -16.55 4.33 -7.52
C GLN B 72 -15.06 4.70 -7.56
N GLY B 73 -14.76 5.88 -8.10
CA GLY B 73 -13.41 6.40 -8.11
C GLY B 73 -12.54 5.88 -9.24
N HIS B 74 -13.15 5.63 -10.39
CA HIS B 74 -12.42 5.14 -11.57
C HIS B 74 -12.83 5.94 -12.81
N GLY B 75 -11.83 6.38 -13.57
CA GLY B 75 -12.09 7.16 -14.77
C GLY B 75 -11.54 6.54 -16.04
N THR B 76 -10.87 5.40 -15.91
CA THR B 76 -10.28 4.72 -17.06
C THR B 76 -10.88 3.34 -17.27
N THR B 77 -10.84 2.86 -18.51
CA THR B 77 -11.52 1.64 -18.91
C THR B 77 -10.99 0.33 -18.30
N PRO B 78 -9.67 0.26 -18.03
CA PRO B 78 -9.18 -0.97 -17.41
C PRO B 78 -9.94 -1.30 -16.13
N ALA B 79 -10.25 -0.27 -15.35
CA ALA B 79 -11.00 -0.44 -14.10
C ALA B 79 -12.50 -0.56 -14.37
N ILE B 80 -13.02 0.35 -15.21
CA ILE B 80 -14.44 0.40 -15.50
C ILE B 80 -14.95 -0.86 -16.19
N PHE B 81 -14.19 -1.37 -17.17
CA PHE B 81 -14.55 -2.62 -17.83
C PHE B 81 -14.65 -3.75 -16.81
N TYR B 82 -13.77 -3.71 -15.82
CA TYR B 82 -13.71 -4.75 -14.80
C TYR B 82 -14.92 -4.67 -13.86
N LEU B 83 -15.43 -3.46 -13.67
CA LEU B 83 -16.62 -3.26 -12.85
C LEU B 83 -17.85 -3.83 -13.56
N LEU B 84 -17.96 -3.54 -14.86
CA LEU B 84 -19.09 -3.98 -15.65
C LEU B 84 -19.00 -5.46 -15.96
N TRP B 85 -17.79 -6.00 -15.84
CA TRP B 85 -17.52 -7.39 -16.18
C TRP B 85 -16.37 -7.93 -15.35
N ARG B 86 -16.70 -8.58 -14.23
CA ARG B 86 -15.69 -9.14 -13.34
C ARG B 86 -14.97 -10.32 -14.01
N ASN B 87 -13.94 -10.00 -14.78
CA ASN B 87 -13.20 -11.00 -15.53
C ASN B 87 -11.79 -10.50 -15.85
N ARG B 88 -10.80 -11.36 -15.67
CA ARG B 88 -9.41 -11.00 -15.91
C ARG B 88 -9.22 -10.39 -17.30
N PHE B 89 -9.93 -10.94 -18.29
CA PHE B 89 -9.79 -10.51 -19.66
C PHE B 89 -10.31 -9.08 -19.87
N ALA B 90 -11.29 -8.69 -19.06
CA ALA B 90 -11.90 -7.37 -19.17
C ALA B 90 -10.90 -6.25 -18.89
N LYS B 91 -9.98 -6.48 -17.97
CA LYS B 91 -8.97 -5.49 -17.62
C LYS B 91 -7.97 -5.28 -18.77
N ILE B 92 -7.68 -6.35 -19.50
CA ILE B 92 -6.76 -6.28 -20.63
C ILE B 92 -7.41 -5.53 -21.81
N LEU B 93 -8.64 -5.89 -22.13
CA LEU B 93 -9.39 -5.16 -23.15
C LEU B 93 -9.48 -3.68 -22.79
N GLY B 94 -9.46 -3.39 -21.50
CA GLY B 94 -9.55 -2.03 -21.02
C GLY B 94 -8.27 -1.26 -21.23
N VAL B 95 -7.16 -1.97 -21.39
CA VAL B 95 -5.87 -1.34 -21.61
C VAL B 95 -5.91 -0.50 -22.89
N PHE B 96 -6.70 -0.93 -23.86
CA PHE B 96 -6.88 -0.18 -25.10
C PHE B 96 -7.42 1.22 -24.82
N GLY B 97 -8.19 1.36 -23.75
CA GLY B 97 -8.75 2.64 -23.37
C GLY B 97 -7.68 3.61 -22.90
N LEU B 98 -6.49 3.08 -22.62
CA LEU B 98 -5.34 3.91 -22.26
C LEU B 98 -4.39 4.00 -23.44
N TRP B 99 -4.24 2.89 -24.15
CA TRP B 99 -3.32 2.80 -25.28
C TRP B 99 -3.73 3.72 -26.42
N ILE B 100 -5.00 3.67 -26.78
CA ILE B 100 -5.52 4.48 -27.89
C ILE B 100 -5.28 5.98 -27.70
N PRO B 101 -5.79 6.55 -26.60
CA PRO B 101 -5.63 8.00 -26.40
C PRO B 101 -4.17 8.40 -26.21
N LEU B 102 -3.35 7.50 -25.67
CA LEU B 102 -1.94 7.79 -25.45
C LEU B 102 -1.19 7.88 -26.78
N VAL B 103 -1.31 6.83 -27.59
CA VAL B 103 -0.65 6.79 -28.90
C VAL B 103 -1.10 7.96 -29.77
N VAL B 104 -2.40 8.25 -29.75
CA VAL B 104 -2.94 9.36 -30.52
C VAL B 104 -2.33 10.68 -30.08
N ALA B 105 -2.19 10.86 -28.76
CA ALA B 105 -1.62 12.07 -28.21
C ALA B 105 -0.16 12.25 -28.63
N ILE B 106 0.51 11.13 -28.88
CA ILE B 106 1.92 11.15 -29.24
C ILE B 106 2.17 11.85 -30.57
N TYR B 107 1.23 11.72 -31.50
CA TYR B 107 1.40 12.36 -32.81
C TYR B 107 0.45 13.53 -33.02
N PHE B 108 -0.62 13.59 -32.22
CA PHE B 108 -1.62 14.64 -32.38
C PHE B 108 -1.19 15.99 -31.80
N VAL B 109 -0.51 15.96 -30.67
CA VAL B 109 0.00 17.19 -30.06
C VAL B 109 1.04 17.84 -30.98
N TYR B 110 1.76 17.01 -31.73
CA TYR B 110 2.73 17.50 -32.70
C TYR B 110 2.02 18.14 -33.90
N ILE B 111 1.01 17.44 -34.43
CA ILE B 111 0.20 17.99 -35.50
C ILE B 111 -0.41 19.32 -35.05
N GLU B 112 -0.84 19.35 -33.79
CA GLU B 112 -1.43 20.55 -33.21
C GLU B 112 -0.44 21.70 -33.17
N SER B 113 0.81 21.41 -32.82
CA SER B 113 1.83 22.44 -32.72
C SER B 113 2.05 23.13 -34.06
N TRP B 114 1.83 22.40 -35.15
CA TRP B 114 1.98 22.95 -36.49
C TRP B 114 1.12 24.20 -36.66
N THR B 115 -0.16 24.05 -36.35
CA THR B 115 -1.11 25.15 -36.49
C THR B 115 -0.66 26.38 -35.70
N LEU B 116 -0.14 26.15 -34.50
CA LEU B 116 0.39 27.24 -33.68
C LEU B 116 1.56 27.91 -34.38
N GLY B 117 2.48 27.11 -34.90
CA GLY B 117 3.64 27.62 -35.62
C GLY B 117 3.25 28.46 -36.81
N PHE B 118 2.29 27.96 -37.59
CA PHE B 118 1.79 28.70 -38.74
C PHE B 118 1.12 30.00 -38.30
N ALA B 119 0.35 29.92 -37.22
CA ALA B 119 -0.30 31.08 -36.65
C ALA B 119 0.74 32.13 -36.26
N ILE B 120 1.81 31.69 -35.62
CA ILE B 120 2.89 32.59 -35.22
C ILE B 120 3.56 33.21 -36.45
N LYS B 121 3.67 32.45 -37.52
CA LYS B 121 4.30 32.92 -38.74
C LYS B 121 3.42 33.96 -39.46
N PHE B 122 2.15 33.61 -39.66
CA PHE B 122 1.21 34.51 -40.31
C PHE B 122 1.07 35.82 -39.54
N LEU B 123 1.14 35.73 -38.22
CA LEU B 123 1.00 36.89 -37.36
C LEU B 123 2.19 37.85 -37.53
N VAL B 124 3.37 37.29 -37.69
CA VAL B 124 4.59 38.08 -37.82
C VAL B 124 4.83 38.51 -39.26
N GLY B 125 3.98 38.04 -40.17
CA GLY B 125 4.11 38.38 -41.57
C GLY B 125 5.32 37.71 -42.20
N LEU B 126 5.67 36.54 -41.68
CA LEU B 126 6.80 35.77 -42.19
C LEU B 126 6.35 34.74 -43.22
N VAL B 127 5.10 34.84 -43.64
CA VAL B 127 4.55 33.94 -44.66
C VAL B 127 5.10 34.27 -46.04
N PRO B 128 5.17 33.26 -46.91
CA PRO B 128 5.65 33.44 -48.29
C PRO B 128 4.75 34.35 -49.11
N GLU B 129 5.27 34.86 -50.22
CA GLU B 129 4.50 35.76 -51.07
C GLU B 129 4.67 35.43 -52.55
N THR B 135 -0.56 34.40 -60.98
CA THR B 135 -0.25 33.74 -62.25
C THR B 135 -0.99 32.40 -62.34
N ASP B 136 -0.22 31.31 -62.37
CA ASP B 136 -0.80 29.97 -62.44
C ASP B 136 -1.08 29.42 -61.04
N PRO B 137 -1.78 28.29 -60.96
CA PRO B 137 -2.11 27.72 -59.64
C PRO B 137 -0.90 27.12 -58.92
N ASP B 138 0.24 27.03 -59.61
CA ASP B 138 1.43 26.42 -59.02
C ASP B 138 2.38 27.43 -58.40
N SER B 139 2.69 28.51 -59.12
CA SER B 139 3.61 29.51 -58.59
C SER B 139 2.99 30.21 -57.38
N ILE B 140 1.72 29.94 -57.13
CA ILE B 140 1.04 30.47 -55.96
C ILE B 140 1.02 29.45 -54.82
N LEU B 141 0.83 28.19 -55.16
CA LEU B 141 0.83 27.11 -54.17
C LEU B 141 2.24 26.71 -53.75
N ARG B 142 3.16 26.72 -54.72
CA ARG B 142 4.53 26.26 -54.49
C ARG B 142 5.20 26.90 -53.26
N PRO B 143 5.20 28.25 -53.19
CA PRO B 143 5.85 28.92 -52.06
C PRO B 143 5.35 28.40 -50.71
N PHE B 144 4.11 27.93 -50.67
CA PHE B 144 3.52 27.45 -49.42
C PHE B 144 3.84 25.98 -49.16
N LYS B 145 3.85 25.18 -50.21
CA LYS B 145 4.25 23.77 -50.09
C LYS B 145 5.68 23.71 -49.57
N GLU B 146 6.55 24.50 -50.19
CA GLU B 146 7.96 24.57 -49.79
C GLU B 146 8.08 25.07 -48.35
N PHE B 147 7.17 25.95 -47.95
CA PHE B 147 7.16 26.49 -46.59
C PHE B 147 6.80 25.40 -45.59
N LEU B 148 5.75 24.65 -45.90
CA LEU B 148 5.28 23.58 -45.04
C LEU B 148 6.31 22.46 -44.91
N TYR B 149 6.85 22.03 -46.04
CA TYR B 149 7.81 20.94 -46.07
C TYR B 149 9.12 21.28 -45.36
N SER B 150 9.48 22.56 -45.38
CA SER B 150 10.66 23.01 -44.64
C SER B 150 10.38 23.01 -43.15
N TYR B 151 9.12 23.26 -42.80
CA TYR B 151 8.71 23.31 -41.40
C TYR B 151 8.74 21.93 -40.75
N ILE B 152 7.89 21.03 -41.22
CA ILE B 152 7.79 19.69 -40.64
C ILE B 152 8.94 18.80 -41.10
N GLY B 153 9.72 19.28 -42.06
CA GLY B 153 10.92 18.61 -42.49
C GLY B 153 10.72 17.42 -43.42
N VAL B 154 9.86 17.58 -44.42
CA VAL B 154 9.62 16.53 -45.39
C VAL B 154 10.89 16.22 -46.17
N PRO B 155 11.29 14.95 -46.21
CA PRO B 155 12.56 14.50 -46.81
C PRO B 155 12.67 14.84 -48.29
N LYS B 156 13.76 15.50 -48.67
CA LYS B 156 14.03 15.78 -50.07
C LYS B 156 14.94 14.69 -50.64
N GLY B 157 15.16 13.65 -49.84
CA GLY B 157 16.02 12.55 -50.25
C GLY B 157 15.39 11.19 -50.02
N ASP B 158 16.11 10.15 -50.42
CA ASP B 158 15.62 8.78 -50.32
C ASP B 158 15.41 8.34 -48.87
N GLU B 159 16.32 8.77 -47.98
CA GLU B 159 16.26 8.40 -46.58
C GLU B 159 14.89 8.73 -45.95
N PRO B 160 14.41 7.84 -45.06
CA PRO B 160 13.12 8.00 -44.39
C PRO B 160 13.25 8.83 -43.12
N ILE B 161 13.94 9.96 -43.21
CA ILE B 161 14.20 10.80 -42.06
C ILE B 161 13.61 12.20 -42.23
N LEU B 162 12.79 12.61 -41.27
CA LEU B 162 12.26 13.97 -41.26
C LEU B 162 13.27 14.89 -40.60
N LYS B 163 13.35 16.12 -41.11
CA LYS B 163 14.28 17.12 -40.55
C LYS B 163 13.55 18.38 -40.15
N PRO B 164 12.73 18.30 -39.09
CA PRO B 164 11.93 19.44 -38.64
C PRO B 164 12.79 20.66 -38.33
N SER B 165 12.31 21.84 -38.70
CA SER B 165 13.03 23.07 -38.40
C SER B 165 13.17 23.25 -36.90
N LEU B 166 14.16 24.03 -36.48
CA LEU B 166 14.33 24.36 -35.08
C LEU B 166 13.09 25.09 -34.56
N PHE B 167 12.52 25.93 -35.42
CA PHE B 167 11.29 26.65 -35.07
C PHE B 167 10.15 25.66 -34.80
N ALA B 168 10.02 24.67 -35.68
CA ALA B 168 9.01 23.63 -35.53
C ALA B 168 9.16 22.89 -34.21
N TYR B 169 10.41 22.57 -33.86
CA TYR B 169 10.69 21.84 -32.63
C TYR B 169 10.41 22.68 -31.39
N ILE B 170 10.86 23.93 -31.42
CA ILE B 170 10.64 24.84 -30.30
C ILE B 170 9.16 25.12 -30.06
N VAL B 171 8.37 25.11 -31.14
CA VAL B 171 6.93 25.32 -31.04
C VAL B 171 6.25 24.11 -30.39
N PHE B 172 6.77 22.93 -30.67
CA PHE B 172 6.23 21.71 -30.08
C PHE B 172 6.41 21.72 -28.56
N LEU B 173 7.55 22.23 -28.10
CA LEU B 173 7.80 22.37 -26.67
C LEU B 173 6.83 23.37 -26.05
N ILE B 174 6.61 24.48 -26.76
CA ILE B 174 5.66 25.49 -26.32
C ILE B 174 4.25 24.92 -26.27
N THR B 175 3.90 24.13 -27.27
CA THR B 175 2.58 23.52 -27.32
C THR B 175 2.40 22.49 -26.20
N MET B 176 3.42 21.66 -25.98
CA MET B 176 3.41 20.72 -24.87
C MET B 176 3.24 21.46 -23.55
N PHE B 177 3.93 22.60 -23.43
CA PHE B 177 3.87 23.42 -22.23
C PHE B 177 2.46 23.97 -21.99
N ILE B 178 1.85 24.51 -23.05
CA ILE B 178 0.50 25.05 -22.96
C ILE B 178 -0.48 23.97 -22.49
N ASN B 179 -0.37 22.77 -23.06
CA ASN B 179 -1.18 21.64 -22.65
C ASN B 179 -1.01 21.34 -21.16
N VAL B 180 0.23 21.24 -20.71
CA VAL B 180 0.53 20.95 -19.33
C VAL B 180 -0.03 22.03 -18.40
N SER B 181 0.09 23.29 -18.81
CA SER B 181 -0.38 24.42 -18.02
C SER B 181 -1.87 24.32 -17.71
N ILE B 182 -2.64 23.78 -18.66
CA ILE B 182 -4.07 23.62 -18.48
C ILE B 182 -4.40 22.39 -17.63
N LEU B 183 -3.82 21.25 -18.00
CA LEU B 183 -4.07 19.98 -17.35
C LEU B 183 -3.65 19.98 -15.88
N ILE B 184 -2.52 20.63 -15.60
CA ILE B 184 -1.94 20.60 -14.26
C ILE B 184 -2.78 21.37 -13.24
N ARG B 185 -3.77 22.10 -13.72
CA ARG B 185 -4.68 22.84 -12.84
C ARG B 185 -5.93 22.03 -12.51
N GLY B 186 -6.04 20.85 -13.13
CA GLY B 186 -7.12 19.94 -12.83
C GLY B 186 -8.31 20.08 -13.76
N ILE B 187 -9.44 19.53 -13.34
CA ILE B 187 -10.65 19.52 -14.16
C ILE B 187 -11.37 20.87 -14.19
N SER B 188 -11.93 21.27 -13.05
CA SER B 188 -12.74 22.49 -12.99
C SER B 188 -11.92 23.77 -13.17
N LYS B 189 -10.76 23.82 -12.52
CA LYS B 189 -9.94 25.03 -12.54
C LYS B 189 -8.97 25.04 -13.73
N GLY B 190 -8.95 23.95 -14.49
CA GLY B 190 -8.05 23.84 -15.62
C GLY B 190 -8.77 23.61 -16.93
N ILE B 191 -9.18 22.36 -17.16
CA ILE B 191 -9.87 22.00 -18.39
C ILE B 191 -11.17 22.77 -18.57
N GLU B 192 -11.98 22.79 -17.53
CA GLU B 192 -13.27 23.47 -17.58
C GLU B 192 -13.14 24.97 -17.77
N ARG B 193 -12.23 25.57 -17.00
CA ARG B 193 -11.99 27.01 -17.08
C ARG B 193 -11.54 27.40 -18.49
N PHE B 194 -10.68 26.57 -19.07
CA PHE B 194 -10.20 26.81 -20.43
C PHE B 194 -11.31 26.61 -21.44
N ALA B 195 -12.10 25.56 -21.25
CA ALA B 195 -13.21 25.24 -22.13
C ALA B 195 -14.19 26.39 -22.26
N LYS B 196 -14.49 27.05 -21.15
CA LYS B 196 -15.42 28.17 -21.14
C LYS B 196 -14.89 29.37 -21.92
N ILE B 197 -13.58 29.43 -22.08
CA ILE B 197 -12.96 30.52 -22.83
C ILE B 197 -12.72 30.13 -24.28
N ALA B 198 -12.14 28.95 -24.47
CA ALA B 198 -11.74 28.49 -25.79
C ALA B 198 -12.93 28.27 -26.73
N MET B 199 -14.00 27.67 -26.22
CA MET B 199 -15.14 27.33 -27.06
C MET B 199 -15.83 28.54 -27.69
N PRO B 200 -16.17 29.55 -26.87
CA PRO B 200 -16.75 30.77 -27.44
C PRO B 200 -15.78 31.41 -28.42
N THR B 201 -14.51 31.51 -28.03
CA THR B 201 -13.47 32.05 -28.90
C THR B 201 -13.45 31.29 -30.22
N LEU B 202 -13.53 29.98 -30.13
CA LEU B 202 -13.47 29.11 -31.29
C LEU B 202 -14.64 29.36 -32.26
N PHE B 203 -15.84 29.50 -31.72
CA PHE B 203 -17.03 29.75 -32.54
C PHE B 203 -17.02 31.15 -33.15
N ILE B 204 -16.42 32.10 -32.46
CA ILE B 204 -16.33 33.48 -32.95
C ILE B 204 -15.41 33.55 -34.17
N LEU B 205 -14.26 32.88 -34.08
CA LEU B 205 -13.31 32.84 -35.18
C LEU B 205 -13.92 32.13 -36.39
N ALA B 206 -14.63 31.04 -36.13
CA ALA B 206 -15.28 30.28 -37.19
C ALA B 206 -16.31 31.14 -37.92
N VAL B 207 -17.25 31.71 -37.18
CA VAL B 207 -18.29 32.56 -37.75
C VAL B 207 -17.71 33.73 -38.54
N PHE B 208 -16.73 34.40 -37.93
CA PHE B 208 -16.06 35.52 -38.59
C PHE B 208 -15.49 35.10 -39.94
N LEU B 209 -14.77 33.97 -39.95
CA LEU B 209 -14.19 33.45 -41.17
C LEU B 209 -15.27 33.10 -42.20
N VAL B 210 -16.33 32.43 -41.75
CA VAL B 210 -17.43 32.08 -42.62
C VAL B 210 -17.97 33.31 -43.34
N ILE B 211 -18.16 34.39 -42.61
CA ILE B 211 -18.65 35.63 -43.18
C ILE B 211 -17.66 36.21 -44.18
N ARG B 212 -16.41 36.36 -43.74
CA ARG B 212 -15.38 36.92 -44.59
C ARG B 212 -15.16 36.11 -45.86
N VAL B 213 -15.22 34.80 -45.74
CA VAL B 213 -15.08 33.90 -46.89
C VAL B 213 -16.26 34.03 -47.84
N PHE B 214 -17.46 34.18 -47.29
CA PHE B 214 -18.67 34.28 -48.08
C PHE B 214 -18.64 35.50 -49.00
N LEU B 215 -17.82 36.50 -48.65
CA LEU B 215 -17.73 37.73 -49.43
C LEU B 215 -16.64 37.66 -50.49
N LEU B 216 -16.12 36.46 -50.74
CA LEU B 216 -15.08 36.26 -51.74
C LEU B 216 -15.67 36.08 -53.13
N GLU B 217 -15.11 36.78 -54.12
CA GLU B 217 -15.55 36.64 -55.50
C GLU B 217 -14.41 36.90 -56.48
N THR B 218 -14.26 36.01 -57.44
CA THR B 218 -13.31 36.18 -58.54
C THR B 218 -13.98 35.71 -59.83
N PRO B 219 -13.47 36.17 -60.99
CA PRO B 219 -14.06 35.79 -62.28
C PRO B 219 -14.24 34.28 -62.44
N ASN B 220 -13.50 33.49 -61.65
CA ASN B 220 -13.55 32.04 -61.74
C ASN B 220 -14.70 31.43 -60.93
N GLY B 221 -15.19 32.17 -59.94
CA GLY B 221 -16.30 31.71 -59.14
C GLY B 221 -16.53 32.54 -57.89
N THR B 222 -17.59 32.22 -57.15
CA THR B 222 -17.90 32.91 -55.91
C THR B 222 -17.98 31.91 -54.76
N ALA B 223 -17.87 32.40 -53.54
CA ALA B 223 -17.96 31.56 -52.37
C ALA B 223 -19.32 30.88 -52.31
N ALA B 224 -20.33 31.57 -52.81
CA ALA B 224 -21.70 31.05 -52.82
C ALA B 224 -21.81 29.84 -53.77
N ASP B 225 -20.96 29.82 -54.80
CA ASP B 225 -20.91 28.69 -55.71
C ASP B 225 -20.53 27.42 -54.97
N GLY B 226 -19.46 27.49 -54.20
CA GLY B 226 -19.00 26.36 -53.41
C GLY B 226 -20.07 25.85 -52.46
N LEU B 227 -20.83 26.78 -51.88
CA LEU B 227 -21.93 26.43 -51.00
C LEU B 227 -23.06 25.77 -51.78
N ASN B 228 -23.24 26.18 -53.02
CA ASN B 228 -24.25 25.58 -53.89
C ASN B 228 -23.72 24.36 -54.63
N PHE B 229 -22.62 23.80 -54.11
CA PHE B 229 -22.07 22.56 -54.63
C PHE B 229 -21.99 21.51 -53.52
N LEU B 230 -21.53 21.93 -52.35
CA LEU B 230 -21.46 21.05 -51.19
C LEU B 230 -22.85 20.56 -50.78
N TRP B 231 -23.87 21.35 -51.11
CA TRP B 231 -25.22 21.06 -50.66
C TRP B 231 -26.19 20.69 -51.77
N THR B 232 -25.72 20.71 -53.01
CA THR B 232 -26.52 20.21 -54.13
C THR B 232 -26.38 18.69 -54.22
N PRO B 233 -27.46 17.98 -53.87
CA PRO B 233 -27.46 16.51 -53.76
C PRO B 233 -27.50 15.81 -55.11
N ASP B 234 -26.53 14.94 -55.36
CA ASP B 234 -26.52 14.13 -56.58
C ASP B 234 -27.52 13.00 -56.44
N PHE B 235 -27.60 12.43 -55.24
CA PHE B 235 -28.56 11.37 -54.92
C PHE B 235 -28.37 10.12 -55.78
N GLU B 236 -27.16 9.92 -56.29
CA GLU B 236 -26.85 8.74 -57.08
C GLU B 236 -25.78 7.92 -56.36
N LYS B 237 -25.02 8.60 -55.51
CA LYS B 237 -23.95 7.95 -54.77
C LYS B 237 -24.50 7.05 -53.67
N LEU B 238 -25.75 7.30 -53.29
CA LEU B 238 -26.39 6.53 -52.22
C LEU B 238 -26.40 5.04 -52.55
N LYS B 239 -26.53 4.71 -53.82
CA LYS B 239 -26.48 3.32 -54.26
C LYS B 239 -25.13 2.71 -53.90
N ASP B 240 -24.08 3.51 -54.04
CA ASP B 240 -22.73 3.08 -53.68
C ASP B 240 -22.60 2.92 -52.18
N PRO B 241 -22.38 1.67 -51.72
CA PRO B 241 -22.25 1.35 -50.30
C PRO B 241 -21.02 2.00 -49.67
N GLY B 242 -20.12 2.51 -50.50
CA GLY B 242 -18.93 3.17 -50.00
C GLY B 242 -19.25 4.45 -49.27
N VAL B 243 -20.33 5.10 -49.68
CA VAL B 243 -20.76 6.36 -49.07
C VAL B 243 -21.30 6.14 -47.65
N TRP B 244 -22.05 5.06 -47.47
CA TRP B 244 -22.59 4.72 -46.15
C TRP B 244 -21.46 4.41 -45.17
N ILE B 245 -20.44 3.72 -45.65
CA ILE B 245 -19.26 3.41 -44.84
C ILE B 245 -18.49 4.68 -44.54
N ALA B 246 -18.43 5.59 -45.51
CA ALA B 246 -17.75 6.86 -45.34
C ALA B 246 -18.48 7.74 -44.32
N ALA B 247 -19.80 7.70 -44.37
CA ALA B 247 -20.62 8.51 -43.47
C ALA B 247 -20.52 8.03 -42.03
N VAL B 248 -20.68 6.72 -41.83
CA VAL B 248 -20.56 6.14 -40.49
C VAL B 248 -19.18 6.40 -39.91
N GLY B 249 -18.17 6.35 -40.76
CA GLY B 249 -16.81 6.65 -40.34
C GLY B 249 -16.69 8.10 -39.87
N GLN B 250 -17.09 9.02 -40.73
CA GLN B 250 -17.04 10.45 -40.40
C GLN B 250 -17.74 10.75 -39.08
N ILE B 251 -18.96 10.23 -38.93
CA ILE B 251 -19.73 10.41 -37.70
C ILE B 251 -18.98 9.85 -36.49
N PHE B 252 -18.35 8.68 -36.67
CA PHE B 252 -17.62 8.05 -35.59
C PHE B 252 -16.40 8.87 -35.19
N PHE B 253 -15.71 9.42 -36.19
CA PHE B 253 -14.50 10.20 -35.96
C PHE B 253 -14.81 11.57 -35.34
N THR B 254 -15.84 12.22 -35.86
CA THR B 254 -16.17 13.58 -35.43
C THR B 254 -16.57 13.64 -33.94
N LEU B 255 -17.27 12.62 -33.48
CA LEU B 255 -17.73 12.59 -32.09
C LEU B 255 -16.65 12.10 -31.14
N SER B 256 -15.48 11.80 -31.68
CA SER B 256 -14.34 11.34 -30.87
C SER B 256 -14.69 10.11 -30.04
N LEU B 257 -15.49 9.21 -30.63
CA LEU B 257 -15.87 7.98 -29.96
C LEU B 257 -14.75 6.96 -30.03
N GLY B 258 -14.66 6.11 -29.01
CA GLY B 258 -13.71 5.01 -29.01
C GLY B 258 -12.33 5.35 -28.48
N PHE B 259 -12.13 6.62 -28.13
CA PHE B 259 -10.84 7.06 -27.60
C PHE B 259 -10.72 6.81 -26.11
N GLY B 260 -11.85 6.66 -25.43
CA GLY B 260 -11.87 6.53 -23.99
C GLY B 260 -11.74 7.89 -23.32
N ALA B 261 -11.69 8.94 -24.12
CA ALA B 261 -11.57 10.30 -23.62
C ALA B 261 -12.88 10.77 -23.00
N ILE B 262 -13.99 10.46 -23.67
CA ILE B 262 -15.31 10.82 -23.19
C ILE B 262 -15.59 10.14 -21.85
N ILE B 263 -15.25 8.86 -21.77
CA ILE B 263 -15.41 8.10 -20.54
C ILE B 263 -14.70 8.77 -19.37
N THR B 264 -13.44 9.16 -19.60
CA THR B 264 -12.65 9.83 -18.57
C THR B 264 -13.29 11.16 -18.18
N TYR B 265 -13.75 11.92 -19.17
CA TYR B 265 -14.41 13.19 -18.90
C TYR B 265 -15.68 13.00 -18.07
N ALA B 266 -16.46 11.99 -18.45
CA ALA B 266 -17.74 11.73 -17.80
C ALA B 266 -17.57 11.19 -16.38
N SER B 267 -16.38 10.70 -16.08
CA SER B 267 -16.10 10.12 -14.76
C SER B 267 -16.01 11.21 -13.70
N TYR B 268 -16.02 12.46 -14.15
CA TYR B 268 -15.99 13.60 -13.23
C TYR B 268 -17.37 14.22 -13.11
N VAL B 269 -18.36 13.55 -13.69
CA VAL B 269 -19.75 13.93 -13.53
C VAL B 269 -20.30 13.27 -12.27
N ARG B 270 -21.03 14.03 -11.47
CA ARG B 270 -21.61 13.50 -10.23
C ARG B 270 -22.54 12.33 -10.54
N LYS B 271 -22.65 11.40 -9.59
CA LYS B 271 -23.21 10.08 -9.86
C LYS B 271 -24.57 10.09 -10.57
N ASP B 272 -25.44 11.01 -10.19
CA ASP B 272 -26.77 11.08 -10.82
C ASP B 272 -27.05 12.44 -11.45
N GLN B 273 -26.00 13.10 -11.92
CA GLN B 273 -26.13 14.34 -12.68
C GLN B 273 -26.44 14.02 -14.14
N ASP B 274 -27.30 14.82 -14.76
CA ASP B 274 -27.76 14.56 -16.13
C ASP B 274 -26.63 14.34 -17.12
N ILE B 275 -26.83 13.39 -18.03
CA ILE B 275 -25.88 13.11 -19.09
C ILE B 275 -26.59 12.95 -20.43
N VAL B 276 -27.90 12.74 -20.38
CA VAL B 276 -28.69 12.53 -21.59
C VAL B 276 -28.82 13.82 -22.39
N LEU B 277 -29.35 14.86 -21.75
CA LEU B 277 -29.49 16.16 -22.39
C LEU B 277 -28.13 16.83 -22.59
N SER B 278 -27.28 16.71 -21.58
CA SER B 278 -25.94 17.29 -21.64
C SER B 278 -25.14 16.71 -22.80
N GLY B 279 -25.18 15.39 -22.92
CA GLY B 279 -24.49 14.71 -23.99
C GLY B 279 -25.05 15.08 -25.35
N LEU B 280 -26.37 15.14 -25.44
CA LEU B 280 -27.05 15.52 -26.67
C LEU B 280 -26.65 16.93 -27.09
N THR B 281 -26.51 17.81 -26.10
CA THR B 281 -26.13 19.19 -26.37
C THR B 281 -24.72 19.29 -26.93
N ALA B 282 -23.77 18.66 -26.24
CA ALA B 282 -22.38 18.67 -26.69
C ALA B 282 -22.28 18.16 -28.12
N ALA B 283 -22.99 17.08 -28.42
CA ALA B 283 -23.00 16.50 -29.76
C ALA B 283 -23.57 17.48 -30.78
N THR B 284 -24.58 18.23 -30.38
CA THR B 284 -25.22 19.20 -31.27
C THR B 284 -24.28 20.36 -31.56
N LEU B 285 -23.54 20.79 -30.54
CA LEU B 285 -22.57 21.86 -30.70
C LEU B 285 -21.54 21.46 -31.74
N ASN B 286 -21.12 20.20 -31.69
CA ASN B 286 -20.13 19.70 -32.63
C ASN B 286 -20.64 19.60 -34.06
N GLU B 287 -21.90 19.18 -34.20
CA GLU B 287 -22.51 19.04 -35.53
C GLU B 287 -22.74 20.40 -36.17
N ALA B 288 -23.01 21.40 -35.35
CA ALA B 288 -23.18 22.76 -35.84
C ALA B 288 -21.84 23.33 -36.31
N ALA B 289 -20.79 23.05 -35.55
CA ALA B 289 -19.45 23.51 -35.87
C ALA B 289 -18.88 22.77 -37.08
N GLU B 290 -19.50 21.65 -37.42
CA GLU B 290 -19.03 20.83 -38.55
C GLU B 290 -19.76 21.16 -39.84
N VAL B 291 -21.06 20.92 -39.88
CA VAL B 291 -21.83 21.08 -41.11
C VAL B 291 -22.10 22.55 -41.44
N ILE B 292 -22.37 23.36 -40.42
CA ILE B 292 -22.70 24.77 -40.63
C ILE B 292 -21.46 25.64 -40.76
N LEU B 293 -20.62 25.63 -39.72
CA LEU B 293 -19.41 26.44 -39.71
C LEU B 293 -18.28 25.82 -40.52
N GLY B 294 -18.01 24.54 -40.25
CA GLY B 294 -16.93 23.84 -40.92
C GLY B 294 -17.12 23.71 -42.41
N GLY B 295 -18.33 23.35 -42.83
CA GLY B 295 -18.63 23.17 -44.24
C GLY B 295 -19.01 24.47 -44.91
N SER B 296 -18.37 25.56 -44.50
CA SER B 296 -18.64 26.87 -45.08
C SER B 296 -17.39 27.74 -45.17
N ILE B 297 -16.23 27.13 -44.90
CA ILE B 297 -14.97 27.86 -44.96
C ILE B 297 -14.04 27.29 -46.03
N SER B 298 -13.62 26.05 -45.85
CA SER B 298 -12.65 25.41 -46.74
C SER B 298 -13.08 25.39 -48.20
N ILE B 299 -14.00 24.50 -48.53
CA ILE B 299 -14.44 24.32 -49.91
C ILE B 299 -14.90 25.61 -50.59
N PRO B 300 -15.84 26.34 -49.96
CA PRO B 300 -16.33 27.58 -50.58
C PRO B 300 -15.20 28.53 -50.95
N ALA B 301 -14.24 28.72 -50.04
CA ALA B 301 -13.11 29.60 -50.30
C ALA B 301 -12.25 29.09 -51.44
N ALA B 302 -12.03 27.77 -51.47
CA ALA B 302 -11.24 27.15 -52.52
C ALA B 302 -11.95 27.29 -53.87
N VAL B 303 -13.23 26.93 -53.90
CA VAL B 303 -14.04 27.04 -55.11
C VAL B 303 -14.08 28.48 -55.61
N ALA B 304 -14.06 29.42 -54.68
CA ALA B 304 -14.14 30.84 -55.02
C ALA B 304 -13.07 31.25 -56.02
N PHE B 305 -11.89 30.65 -55.91
CA PHE B 305 -10.76 31.01 -56.76
C PHE B 305 -10.54 30.05 -57.93
N PHE B 306 -10.47 28.76 -57.62
CA PHE B 306 -10.26 27.76 -58.67
C PHE B 306 -11.50 27.64 -59.56
N GLY B 307 -12.68 27.82 -58.97
CA GLY B 307 -13.93 27.78 -59.71
C GLY B 307 -14.77 26.57 -59.38
N VAL B 308 -16.00 26.55 -59.90
CA VAL B 308 -16.85 25.37 -59.75
C VAL B 308 -16.10 24.17 -60.31
N ALA B 309 -15.51 24.33 -61.49
CA ALA B 309 -14.63 23.32 -62.04
C ALA B 309 -13.45 23.16 -61.08
N ASN B 310 -12.88 21.96 -61.04
CA ASN B 310 -11.81 21.62 -60.10
C ASN B 310 -12.32 21.23 -58.71
N ALA B 311 -13.55 21.62 -58.40
CA ALA B 311 -14.13 21.35 -57.08
C ALA B 311 -13.78 19.95 -56.58
N VAL B 312 -13.88 18.97 -57.47
CA VAL B 312 -13.53 17.60 -57.14
C VAL B 312 -12.05 17.49 -56.76
N ALA B 313 -11.19 18.04 -57.62
CA ALA B 313 -9.75 18.00 -57.42
C ALA B 313 -9.33 18.51 -56.05
N ILE B 314 -9.85 19.67 -55.66
CA ILE B 314 -9.51 20.25 -54.36
C ILE B 314 -9.86 19.30 -53.23
N ALA B 315 -11.05 18.73 -53.28
CA ALA B 315 -11.47 17.75 -52.28
C ALA B 315 -10.61 16.50 -52.37
N LYS B 316 -10.36 16.04 -53.58
CA LYS B 316 -9.57 14.84 -53.83
C LYS B 316 -8.11 15.03 -53.41
N ALA B 317 -7.63 16.26 -53.51
CA ALA B 317 -6.23 16.59 -53.18
C ALA B 317 -5.89 16.28 -51.73
N GLY B 318 -6.91 15.93 -50.94
CA GLY B 318 -6.70 15.58 -49.55
C GLY B 318 -7.16 16.66 -48.59
N ALA B 319 -7.51 16.25 -47.38
CA ALA B 319 -7.95 17.19 -46.36
C ALA B 319 -6.78 17.98 -45.77
N PHE B 320 -5.60 17.39 -45.83
CA PHE B 320 -4.40 18.03 -45.28
C PHE B 320 -3.89 19.15 -46.19
N ASN B 321 -3.74 18.87 -47.48
CA ASN B 321 -3.28 19.88 -48.42
C ASN B 321 -4.23 21.08 -48.47
N LEU B 322 -5.50 20.83 -48.20
CA LEU B 322 -6.52 21.86 -48.26
C LEU B 322 -6.30 22.93 -47.19
N GLY B 323 -5.99 22.47 -45.98
CA GLY B 323 -5.87 23.36 -44.85
C GLY B 323 -4.50 23.97 -44.64
N PHE B 324 -3.45 23.25 -45.04
CA PHE B 324 -2.08 23.71 -44.79
C PHE B 324 -1.39 24.29 -46.02
N ILE B 325 -1.97 24.08 -47.20
CA ILE B 325 -1.38 24.58 -48.42
C ILE B 325 -2.34 25.46 -49.23
N THR B 326 -3.45 24.87 -49.66
CA THR B 326 -4.39 25.55 -50.53
C THR B 326 -4.93 26.86 -49.96
N LEU B 327 -5.54 26.79 -48.78
CA LEU B 327 -6.14 27.97 -48.16
C LEU B 327 -5.15 29.10 -47.86
N PRO B 328 -4.03 28.77 -47.19
CA PRO B 328 -3.02 29.81 -46.92
C PRO B 328 -2.63 30.57 -48.19
N ALA B 329 -2.40 29.84 -49.28
CA ALA B 329 -2.05 30.47 -50.55
C ALA B 329 -3.20 31.32 -51.06
N ILE B 330 -4.41 30.81 -50.91
CA ILE B 330 -5.62 31.54 -51.28
C ILE B 330 -5.70 32.85 -50.51
N PHE B 331 -5.46 32.78 -49.21
CA PHE B 331 -5.51 33.96 -48.35
C PHE B 331 -4.46 34.99 -48.75
N SER B 332 -3.24 34.53 -49.03
CA SER B 332 -2.15 35.42 -49.40
C SER B 332 -2.44 36.15 -50.72
N GLN B 333 -3.56 35.81 -51.35
CA GLN B 333 -3.96 36.45 -52.59
C GLN B 333 -5.00 37.54 -52.36
N THR B 334 -5.91 37.31 -51.42
CA THR B 334 -6.94 38.29 -51.08
C THR B 334 -6.33 39.44 -50.27
N ALA B 335 -7.09 40.53 -50.17
CA ALA B 335 -6.65 41.68 -49.38
C ALA B 335 -6.65 41.36 -47.89
N GLY B 336 -5.53 41.66 -47.23
CA GLY B 336 -5.41 41.42 -45.80
C GLY B 336 -5.51 39.95 -45.45
N GLY B 337 -5.30 39.08 -46.44
CA GLY B 337 -5.41 37.65 -46.25
C GLY B 337 -4.41 37.10 -45.26
N THR B 338 -3.35 37.87 -44.99
CA THR B 338 -2.33 37.46 -44.03
C THR B 338 -2.93 37.33 -42.64
N PHE B 339 -3.61 38.38 -42.20
CA PHE B 339 -4.31 38.34 -40.92
C PHE B 339 -5.46 37.33 -40.98
N LEU B 340 -5.96 37.10 -42.18
CA LEU B 340 -7.06 36.17 -42.40
C LEU B 340 -6.58 34.73 -42.24
N GLY B 341 -5.33 34.50 -42.63
CA GLY B 341 -4.72 33.18 -42.50
C GLY B 341 -4.32 32.89 -41.07
N PHE B 342 -3.93 33.95 -40.35
CA PHE B 342 -3.61 33.83 -38.94
C PHE B 342 -4.83 33.37 -38.15
N LEU B 343 -6.00 33.90 -38.50
CA LEU B 343 -7.23 33.53 -37.83
C LEU B 343 -7.60 32.09 -38.13
N TRP B 344 -7.25 31.63 -39.33
CA TRP B 344 -7.53 30.26 -39.75
C TRP B 344 -6.76 29.26 -38.91
N PHE B 345 -5.47 29.51 -38.70
CA PHE B 345 -4.63 28.60 -37.94
C PHE B 345 -4.81 28.75 -36.43
N PHE B 346 -5.19 29.94 -35.98
CA PHE B 346 -5.49 30.15 -34.57
C PHE B 346 -6.77 29.43 -34.21
N LEU B 347 -7.65 29.31 -35.20
CA LEU B 347 -8.89 28.54 -35.06
C LEU B 347 -8.54 27.06 -34.95
N LEU B 348 -7.73 26.57 -35.87
CA LEU B 348 -7.32 25.17 -35.90
C LEU B 348 -6.51 24.80 -34.66
N PHE B 349 -5.82 25.79 -34.09
CA PHE B 349 -5.00 25.56 -32.91
C PHE B 349 -5.85 25.34 -31.67
N PHE B 350 -6.86 26.19 -31.48
CA PHE B 350 -7.79 26.02 -30.39
C PHE B 350 -8.63 24.76 -30.58
N ALA B 351 -8.93 24.45 -31.84
CA ALA B 351 -9.66 23.23 -32.17
C ALA B 351 -8.90 22.00 -31.66
N GLY B 352 -7.59 22.01 -31.85
CA GLY B 352 -6.75 20.89 -31.43
C GLY B 352 -6.41 20.94 -29.95
N LEU B 353 -6.17 22.15 -29.43
CA LEU B 353 -5.78 22.32 -28.04
C LEU B 353 -6.82 21.77 -27.08
N THR B 354 -8.10 21.98 -27.40
CA THR B 354 -9.19 21.53 -26.55
C THR B 354 -9.37 20.02 -26.61
N SER B 355 -8.80 19.39 -27.62
CA SER B 355 -8.92 17.95 -27.81
C SER B 355 -7.70 17.20 -27.31
N SER B 356 -6.52 17.79 -27.46
CA SER B 356 -5.29 17.16 -26.98
C SER B 356 -5.32 16.97 -25.47
N ILE B 357 -5.87 17.96 -24.76
CA ILE B 357 -6.00 17.87 -23.31
C ILE B 357 -7.02 16.79 -22.93
N ALA B 358 -7.95 16.52 -23.83
CA ALA B 358 -8.99 15.52 -23.58
C ALA B 358 -8.46 14.10 -23.76
N ILE B 359 -7.47 13.93 -24.64
CA ILE B 359 -6.91 12.60 -24.88
C ILE B 359 -5.68 12.33 -24.01
N MET B 360 -5.15 13.37 -23.38
CA MET B 360 -4.05 13.20 -22.45
C MET B 360 -4.56 12.97 -21.04
N GLN B 361 -5.81 13.32 -20.79
CA GLN B 361 -6.42 13.15 -19.47
C GLN B 361 -6.59 11.69 -19.04
N PRO B 362 -7.02 10.82 -19.97
CA PRO B 362 -7.18 9.40 -19.61
C PRO B 362 -5.94 8.82 -18.94
N MET B 363 -4.76 9.09 -19.50
CA MET B 363 -3.52 8.62 -18.91
C MET B 363 -3.33 9.23 -17.52
N ILE B 364 -3.55 10.54 -17.43
CA ILE B 364 -3.44 11.25 -16.16
C ILE B 364 -4.37 10.65 -15.11
N ALA B 365 -5.61 10.39 -15.51
CA ALA B 365 -6.61 9.82 -14.61
C ALA B 365 -6.16 8.49 -14.04
N PHE B 366 -5.62 7.62 -14.89
CA PHE B 366 -5.14 6.31 -14.45
C PHE B 366 -4.10 6.46 -13.35
N LEU B 367 -3.08 7.27 -13.60
CA LEU B 367 -2.00 7.47 -12.65
C LEU B 367 -2.52 7.97 -11.30
N GLU B 368 -3.53 8.83 -11.33
CA GLU B 368 -4.12 9.37 -10.11
C GLU B 368 -4.97 8.34 -9.39
N ASP B 369 -5.91 7.75 -10.13
CA ASP B 369 -6.90 6.85 -9.54
C ASP B 369 -6.30 5.51 -9.13
N GLU B 370 -5.53 4.90 -10.02
CA GLU B 370 -5.06 3.53 -9.81
C GLU B 370 -3.71 3.46 -9.12
N LEU B 371 -2.79 4.34 -9.50
CA LEU B 371 -1.46 4.34 -8.90
C LEU B 371 -1.30 5.41 -7.83
N LYS B 372 -2.35 6.19 -7.64
CA LYS B 372 -2.41 7.17 -6.55
C LYS B 372 -1.33 8.24 -6.63
N LEU B 373 -1.06 8.73 -7.83
CA LEU B 373 -0.13 9.84 -8.02
C LEU B 373 -0.84 11.17 -7.84
N SER B 374 -0.10 12.18 -7.38
CA SER B 374 -0.64 13.53 -7.30
C SER B 374 -0.88 14.04 -8.71
N ARG B 375 -1.80 14.99 -8.85
CA ARG B 375 -2.10 15.56 -10.16
C ARG B 375 -0.80 16.06 -10.81
N LYS B 376 0.01 16.76 -10.04
CA LYS B 376 1.28 17.29 -10.55
C LYS B 376 2.15 16.19 -11.14
N HIS B 377 2.26 15.08 -10.43
CA HIS B 377 3.09 13.97 -10.86
C HIS B 377 2.46 13.20 -12.02
N ALA B 378 1.14 13.08 -11.99
CA ALA B 378 0.41 12.41 -13.06
C ALA B 378 0.54 13.19 -14.37
N VAL B 379 0.31 14.50 -14.30
CA VAL B 379 0.41 15.36 -15.48
C VAL B 379 1.81 15.37 -16.06
N LEU B 380 2.81 15.62 -15.21
CA LEU B 380 4.19 15.72 -15.67
C LEU B 380 4.71 14.41 -16.24
N TRP B 381 4.42 13.29 -15.57
CA TRP B 381 4.85 11.99 -16.06
C TRP B 381 4.19 11.65 -17.39
N THR B 382 2.92 12.02 -17.54
CA THR B 382 2.23 11.83 -18.80
C THR B 382 2.88 12.71 -19.87
N ALA B 383 3.13 13.96 -19.51
CA ALA B 383 3.76 14.90 -20.42
C ALA B 383 5.12 14.38 -20.88
N ALA B 384 5.84 13.75 -19.97
CA ALA B 384 7.14 13.17 -20.28
C ALA B 384 7.03 12.02 -21.27
N ILE B 385 6.11 11.10 -20.99
CA ILE B 385 5.88 9.95 -21.87
C ILE B 385 5.50 10.41 -23.26
N VAL B 386 4.66 11.43 -23.34
CA VAL B 386 4.19 11.95 -24.62
C VAL B 386 5.33 12.67 -25.36
N PHE B 387 5.96 13.62 -24.67
CA PHE B 387 7.04 14.40 -25.28
C PHE B 387 8.14 13.49 -25.82
N PHE B 388 8.56 12.52 -25.01
CA PHE B 388 9.59 11.58 -25.44
C PHE B 388 9.15 10.78 -26.67
N SER B 389 8.00 10.14 -26.57
CA SER B 389 7.48 9.30 -27.65
C SER B 389 7.30 10.06 -28.95
N ALA B 390 6.99 11.35 -28.85
CA ALA B 390 6.73 12.17 -30.03
C ALA B 390 7.95 12.28 -30.95
N HIS B 391 9.13 12.03 -30.40
CA HIS B 391 10.37 12.11 -31.18
C HIS B 391 10.40 11.06 -32.29
N LEU B 392 9.67 9.98 -32.09
CA LEU B 392 9.57 8.93 -33.11
C LEU B 392 8.74 9.44 -34.28
N VAL B 393 7.72 10.24 -33.97
CA VAL B 393 6.83 10.80 -34.99
C VAL B 393 7.49 11.99 -35.71
N MET B 394 8.32 12.74 -34.98
CA MET B 394 8.95 13.93 -35.51
C MET B 394 10.06 13.63 -36.50
N PHE B 395 10.78 12.53 -36.29
CA PHE B 395 11.99 12.23 -37.07
C PHE B 395 11.85 11.04 -38.02
N LEU B 396 10.84 10.21 -37.78
CA LEU B 396 10.66 9.01 -38.60
C LEU B 396 9.47 9.16 -39.55
N ASN B 397 9.76 9.09 -40.84
CA ASN B 397 8.73 9.26 -41.87
C ASN B 397 7.68 8.15 -41.84
N LYS B 398 6.42 8.54 -41.98
CA LYS B 398 5.29 7.60 -42.03
C LYS B 398 5.00 6.97 -40.68
N SER B 399 5.68 7.43 -39.64
CA SER B 399 5.42 6.95 -38.28
C SER B 399 4.08 7.47 -37.81
N LEU B 400 3.84 8.75 -38.06
CA LEU B 400 2.57 9.39 -37.73
C LEU B 400 1.42 8.63 -38.39
N ASP B 401 1.59 8.31 -39.66
CA ASP B 401 0.57 7.58 -40.41
C ASP B 401 0.28 6.22 -39.79
N GLU B 402 1.33 5.54 -39.36
CA GLU B 402 1.21 4.20 -38.80
C GLU B 402 0.44 4.22 -37.49
N MET B 403 0.75 5.18 -36.63
CA MET B 403 0.06 5.32 -35.35
C MET B 403 -1.40 5.68 -35.59
N ASP B 404 -1.63 6.67 -36.45
CA ASP B 404 -2.97 7.14 -36.74
C ASP B 404 -3.88 6.01 -37.22
N PHE B 405 -3.32 5.04 -37.93
CA PHE B 405 -4.10 3.92 -38.43
C PHE B 405 -4.47 2.91 -37.35
N TRP B 406 -3.46 2.36 -36.68
CA TRP B 406 -3.69 1.32 -35.69
C TRP B 406 -4.51 1.82 -34.50
N ALA B 407 -4.15 2.99 -33.97
CA ALA B 407 -4.83 3.53 -32.81
C ALA B 407 -6.01 4.42 -33.19
N GLY B 408 -5.75 5.40 -34.06
CA GLY B 408 -6.75 6.41 -34.39
C GLY B 408 -7.80 6.00 -35.40
N THR B 409 -7.62 4.85 -36.05
CA THR B 409 -8.56 4.38 -37.05
C THR B 409 -9.16 3.03 -36.68
N ILE B 410 -8.36 1.98 -36.79
CA ILE B 410 -8.82 0.64 -36.47
C ILE B 410 -9.14 0.51 -34.98
N GLY B 411 -8.23 1.01 -34.15
CA GLY B 411 -8.36 0.89 -32.71
C GLY B 411 -9.65 1.48 -32.16
N VAL B 412 -9.95 2.71 -32.55
CA VAL B 412 -11.11 3.42 -32.02
C VAL B 412 -12.42 2.69 -32.32
N VAL B 413 -12.54 2.16 -33.54
CA VAL B 413 -13.76 1.45 -33.93
C VAL B 413 -13.91 0.14 -33.17
N PHE B 414 -12.83 -0.64 -33.13
CA PHE B 414 -12.82 -1.90 -32.39
C PHE B 414 -13.18 -1.65 -30.93
N PHE B 415 -12.57 -0.64 -30.33
CA PHE B 415 -12.80 -0.33 -28.93
C PHE B 415 -14.24 0.15 -28.72
N GLY B 416 -14.76 0.88 -29.70
CA GLY B 416 -16.13 1.36 -29.64
C GLY B 416 -17.12 0.21 -29.58
N LEU B 417 -16.90 -0.79 -30.43
CA LEU B 417 -17.74 -1.98 -30.43
C LEU B 417 -17.52 -2.79 -29.16
N THR B 418 -16.31 -2.74 -28.63
CA THR B 418 -15.96 -3.48 -27.43
C THR B 418 -16.72 -2.97 -26.21
N GLU B 419 -16.62 -1.67 -25.97
CA GLU B 419 -17.25 -1.06 -24.80
C GLU B 419 -18.77 -1.13 -24.88
N LEU B 420 -19.30 -1.20 -26.08
CA LEU B 420 -20.74 -1.31 -26.28
C LEU B 420 -21.24 -2.70 -25.92
N ILE B 421 -20.46 -3.71 -26.28
CA ILE B 421 -20.82 -5.11 -25.98
C ILE B 421 -20.71 -5.39 -24.49
N ILE B 422 -19.67 -4.85 -23.86
CA ILE B 422 -19.46 -5.04 -22.42
C ILE B 422 -20.57 -4.41 -21.59
N PHE B 423 -20.97 -3.19 -21.96
CA PHE B 423 -21.93 -2.43 -21.19
C PHE B 423 -23.38 -2.86 -21.43
N PHE B 424 -23.72 -3.15 -22.68
CA PHE B 424 -25.11 -3.44 -23.04
C PHE B 424 -25.44 -4.92 -23.14
N TRP B 425 -24.41 -5.77 -23.14
CA TRP B 425 -24.64 -7.21 -23.23
C TRP B 425 -24.16 -7.95 -21.98
N ILE B 426 -22.87 -7.85 -21.70
CA ILE B 426 -22.28 -8.51 -20.54
C ILE B 426 -22.82 -7.93 -19.24
N PHE B 427 -22.79 -6.60 -19.13
CA PHE B 427 -23.26 -5.93 -17.92
C PHE B 427 -24.76 -6.08 -17.74
N GLY B 428 -25.51 -6.06 -18.84
CA GLY B 428 -26.95 -6.19 -18.79
C GLY B 428 -27.66 -5.07 -19.51
N ALA B 429 -28.46 -5.42 -20.51
CA ALA B 429 -29.17 -4.43 -21.31
C ALA B 429 -30.08 -3.55 -20.47
N ASP B 430 -30.85 -4.18 -19.58
CA ASP B 430 -31.76 -3.44 -18.72
C ASP B 430 -31.01 -2.53 -17.75
N LYS B 431 -30.04 -3.10 -17.06
CA LYS B 431 -29.21 -2.34 -16.13
C LYS B 431 -28.53 -1.16 -16.82
N ALA B 432 -28.00 -1.41 -18.01
CA ALA B 432 -27.32 -0.37 -18.78
C ALA B 432 -28.28 0.75 -19.17
N TRP B 433 -29.50 0.38 -19.56
CA TRP B 433 -30.51 1.36 -19.95
C TRP B 433 -30.89 2.26 -18.78
N GLU B 434 -31.14 1.65 -17.63
CA GLU B 434 -31.54 2.41 -16.43
C GLU B 434 -30.39 3.28 -15.94
N GLU B 435 -29.16 2.84 -16.20
CA GLU B 435 -27.97 3.62 -15.83
C GLU B 435 -27.89 4.90 -16.67
N ILE B 436 -28.07 4.75 -17.98
CA ILE B 436 -28.01 5.87 -18.91
C ILE B 436 -29.03 6.96 -18.56
N ASN B 437 -30.26 6.54 -18.27
CA ASN B 437 -31.37 7.48 -18.11
C ASN B 437 -31.47 8.14 -16.74
N ARG B 438 -30.80 7.57 -15.74
CA ARG B 438 -30.88 8.11 -14.39
C ARG B 438 -30.42 9.56 -14.30
N GLY B 439 -31.25 10.40 -13.69
CA GLY B 439 -30.92 11.79 -13.48
C GLY B 439 -31.09 12.63 -14.73
N GLY B 440 -31.52 11.98 -15.81
CA GLY B 440 -31.67 12.65 -17.09
C GLY B 440 -32.76 13.71 -17.10
N ILE B 441 -32.40 14.92 -17.51
CA ILE B 441 -33.36 16.01 -17.64
C ILE B 441 -34.45 15.61 -18.63
N ILE B 442 -34.06 14.82 -19.63
CA ILE B 442 -35.00 14.19 -20.54
C ILE B 442 -34.63 12.71 -20.64
N LYS B 443 -35.61 11.87 -20.95
CA LYS B 443 -35.33 10.44 -21.09
C LYS B 443 -34.99 10.06 -22.53
N VAL B 444 -34.03 9.16 -22.67
CA VAL B 444 -33.66 8.63 -23.97
C VAL B 444 -34.85 7.93 -24.63
N PRO B 445 -35.17 8.32 -25.87
CA PRO B 445 -36.27 7.72 -26.63
C PRO B 445 -36.23 6.19 -26.53
N ARG B 446 -37.37 5.60 -26.15
CA ARG B 446 -37.45 4.16 -25.91
C ARG B 446 -36.92 3.33 -27.09
N ILE B 447 -37.08 3.86 -28.30
CA ILE B 447 -36.63 3.14 -29.49
C ILE B 447 -35.14 2.83 -29.44
N TYR B 448 -34.39 3.69 -28.76
CA TYR B 448 -32.94 3.54 -28.66
C TYR B 448 -32.50 2.30 -27.89
N TYR B 449 -33.42 1.73 -27.11
CA TYR B 449 -33.11 0.51 -26.38
C TYR B 449 -32.78 -0.63 -27.35
N TYR B 450 -33.52 -0.68 -28.45
CA TYR B 450 -33.30 -1.69 -29.47
C TYR B 450 -32.12 -1.30 -30.38
N VAL B 451 -31.99 0.00 -30.62
CA VAL B 451 -30.91 0.52 -31.45
C VAL B 451 -29.55 0.21 -30.83
N MET B 452 -29.40 0.56 -29.56
CA MET B 452 -28.14 0.33 -28.84
C MET B 452 -27.80 -1.15 -28.73
N ARG B 453 -28.83 -1.97 -28.57
CA ARG B 453 -28.63 -3.40 -28.33
C ARG B 453 -28.33 -4.18 -29.60
N TYR B 454 -28.98 -3.81 -30.71
CA TYR B 454 -28.83 -4.57 -31.95
C TYR B 454 -28.23 -3.76 -33.09
N ILE B 455 -28.82 -2.60 -33.37
CA ILE B 455 -28.41 -1.79 -34.52
C ILE B 455 -26.99 -1.24 -34.42
N THR B 456 -26.73 -0.46 -33.38
CA THR B 456 -25.42 0.19 -33.22
C THR B 456 -24.25 -0.77 -33.34
N PRO B 457 -24.29 -1.89 -32.59
CA PRO B 457 -23.18 -2.86 -32.68
C PRO B 457 -23.07 -3.49 -34.06
N ALA B 458 -24.20 -3.59 -34.77
CA ALA B 458 -24.21 -4.17 -36.11
C ALA B 458 -23.46 -3.27 -37.10
N PHE B 459 -23.69 -1.96 -37.00
CA PHE B 459 -23.02 -0.99 -37.86
C PHE B 459 -21.51 -1.00 -37.63
N LEU B 460 -21.11 -1.01 -36.36
CA LEU B 460 -19.69 -0.99 -36.02
C LEU B 460 -18.97 -2.25 -36.49
N ALA B 461 -19.63 -3.39 -36.33
CA ALA B 461 -19.06 -4.66 -36.78
C ALA B 461 -18.82 -4.64 -38.29
N VAL B 462 -19.79 -4.10 -39.02
CA VAL B 462 -19.68 -3.98 -40.47
C VAL B 462 -18.56 -3.01 -40.86
N LEU B 463 -18.47 -1.90 -40.14
CA LEU B 463 -17.43 -0.92 -40.40
C LEU B 463 -16.04 -1.51 -40.18
N LEU B 464 -15.93 -2.40 -39.20
CA LEU B 464 -14.68 -3.07 -38.90
C LEU B 464 -14.34 -4.10 -39.97
N VAL B 465 -15.32 -4.95 -40.29
CA VAL B 465 -15.12 -6.00 -41.30
C VAL B 465 -14.74 -5.40 -42.65
N VAL B 466 -15.35 -4.27 -42.98
CA VAL B 466 -15.09 -3.60 -44.24
C VAL B 466 -13.71 -2.94 -44.25
N TRP B 467 -13.44 -2.12 -43.24
CA TRP B 467 -12.14 -1.45 -43.13
C TRP B 467 -10.98 -2.43 -43.03
N ALA B 468 -11.23 -3.58 -42.40
CA ALA B 468 -10.20 -4.61 -42.25
C ALA B 468 -9.89 -5.26 -43.58
N ARG B 469 -10.92 -5.83 -44.21
CA ARG B 469 -10.75 -6.52 -45.49
C ARG B 469 -10.23 -5.60 -46.59
N GLU B 470 -10.26 -4.30 -46.33
CA GLU B 470 -9.89 -3.32 -47.35
C GLU B 470 -8.60 -2.56 -47.07
N TYR B 471 -8.13 -2.61 -45.82
CA TYR B 471 -6.98 -1.79 -45.43
C TYR B 471 -5.78 -2.58 -44.88
N ILE B 472 -6.05 -3.59 -44.05
CA ILE B 472 -4.97 -4.32 -43.37
C ILE B 472 -3.95 -4.98 -44.31
N PRO B 473 -4.43 -5.71 -45.33
CA PRO B 473 -3.49 -6.35 -46.26
C PRO B 473 -2.54 -5.36 -46.91
N LYS B 474 -3.04 -4.16 -47.23
CA LYS B 474 -2.23 -3.12 -47.85
C LYS B 474 -1.16 -2.61 -46.88
N ILE B 475 -1.57 -2.33 -45.65
CA ILE B 475 -0.67 -1.84 -44.63
C ILE B 475 0.44 -2.85 -44.30
N MET B 476 0.09 -4.12 -44.30
CA MET B 476 1.01 -5.18 -43.89
C MET B 476 2.05 -5.52 -44.96
N GLU B 477 1.70 -5.32 -46.22
CA GLU B 477 2.56 -5.75 -47.33
C GLU B 477 3.26 -4.60 -48.07
N GLU B 478 2.49 -3.58 -48.42
CA GLU B 478 2.99 -2.50 -49.26
C GLU B 478 3.96 -1.56 -48.53
N THR B 479 3.69 -1.31 -47.25
CA THR B 479 4.44 -0.30 -46.50
C THR B 479 5.95 -0.57 -46.42
N HIS B 480 6.70 0.51 -46.24
CA HIS B 480 8.16 0.46 -46.09
C HIS B 480 8.52 -0.28 -44.80
N TRP B 481 9.77 -0.76 -44.72
CA TRP B 481 10.19 -1.55 -43.56
C TRP B 481 10.28 -0.72 -42.28
N THR B 482 10.49 0.59 -42.44
CA THR B 482 10.56 1.49 -41.31
C THR B 482 9.29 1.40 -40.45
N VAL B 483 8.22 0.93 -41.07
CA VAL B 483 6.93 0.82 -40.41
C VAL B 483 6.99 0.00 -39.12
N TRP B 484 7.92 -0.96 -39.07
CA TRP B 484 8.03 -1.83 -37.91
C TRP B 484 8.60 -1.14 -36.68
N ILE B 485 9.46 -0.15 -36.89
CA ILE B 485 10.03 0.59 -35.78
C ILE B 485 8.94 1.29 -34.96
N THR B 486 7.85 1.66 -35.63
CA THR B 486 6.72 2.26 -34.94
C THR B 486 5.84 1.18 -34.32
N ARG B 487 5.55 0.14 -35.10
CA ARG B 487 4.76 -0.98 -34.62
C ARG B 487 5.40 -1.57 -33.35
N PHE B 488 6.72 -1.76 -33.41
CA PHE B 488 7.48 -2.24 -32.27
C PHE B 488 7.28 -1.34 -31.07
N TYR B 489 7.39 -0.04 -31.29
CA TYR B 489 7.33 0.92 -30.19
C TYR B 489 5.94 1.02 -29.56
N ILE B 490 4.90 1.06 -30.40
CA ILE B 490 3.54 1.18 -29.88
C ILE B 490 3.07 -0.13 -29.24
N ILE B 491 3.59 -1.25 -29.73
CA ILE B 491 3.33 -2.54 -29.09
C ILE B 491 3.96 -2.54 -27.71
N GLY B 492 5.15 -1.96 -27.61
CA GLY B 492 5.83 -1.83 -26.33
C GLY B 492 5.05 -0.96 -25.38
N LEU B 493 4.40 0.07 -25.93
CA LEU B 493 3.60 0.98 -25.11
C LEU B 493 2.39 0.26 -24.52
N PHE B 494 1.81 -0.68 -25.28
CA PHE B 494 0.67 -1.44 -24.79
C PHE B 494 1.13 -2.38 -23.68
N LEU B 495 2.30 -2.97 -23.86
CA LEU B 495 2.89 -3.85 -22.87
C LEU B 495 3.22 -3.06 -21.61
N PHE B 496 3.67 -1.82 -21.80
CA PHE B 496 3.99 -0.93 -20.69
C PHE B 496 2.75 -0.61 -19.86
N LEU B 497 1.65 -0.27 -20.54
CA LEU B 497 0.40 0.05 -19.86
C LEU B 497 -0.18 -1.19 -19.19
N THR B 498 0.00 -2.34 -19.82
CA THR B 498 -0.46 -3.60 -19.25
C THR B 498 0.26 -3.88 -17.94
N PHE B 499 1.52 -3.47 -17.86
CA PHE B 499 2.33 -3.65 -16.66
C PHE B 499 1.87 -2.71 -15.55
N LEU B 500 1.56 -1.47 -15.92
CA LEU B 500 1.06 -0.51 -14.94
C LEU B 500 -0.27 -0.97 -14.35
N VAL B 501 -1.14 -1.50 -15.20
CA VAL B 501 -2.43 -2.03 -14.76
C VAL B 501 -2.19 -3.18 -13.79
N PHE B 502 -1.15 -3.96 -14.07
CA PHE B 502 -0.78 -5.08 -13.23
C PHE B 502 -0.37 -4.60 -11.84
N LEU B 503 0.52 -3.61 -11.81
CA LEU B 503 0.99 -3.04 -10.55
C LEU B 503 -0.16 -2.41 -9.77
N ALA B 504 -1.14 -1.87 -10.49
CA ALA B 504 -2.28 -1.22 -9.88
C ALA B 504 -3.12 -2.23 -9.10
N GLU B 505 -3.38 -3.37 -9.73
CA GLU B 505 -4.15 -4.44 -9.09
C GLU B 505 -3.38 -5.04 -7.92
N ARG B 506 -2.05 -5.04 -8.02
CA ARG B 506 -1.20 -5.58 -6.98
C ARG B 506 -1.23 -4.69 -5.73
N ARG B 507 -1.26 -3.38 -5.95
CA ARG B 507 -1.31 -2.42 -4.86
C ARG B 507 -2.71 -2.34 -4.26
N ASP C 1 -17.34 14.23 5.58
CA ASP C 1 -18.66 14.49 6.12
C ASP C 1 -18.92 15.98 6.28
N ILE C 2 -20.15 16.39 5.93
CA ILE C 2 -20.56 17.78 6.11
C ILE C 2 -21.47 17.86 7.33
N VAL C 3 -20.92 18.29 8.46
CA VAL C 3 -21.71 18.38 9.68
C VAL C 3 -22.65 19.59 9.66
N LEU C 4 -23.91 19.35 10.02
CA LEU C 4 -24.89 20.41 10.09
C LEU C 4 -25.21 20.72 11.55
N THR C 5 -25.13 21.98 11.92
CA THR C 5 -25.41 22.40 13.28
C THR C 5 -26.63 23.31 13.32
N GLN C 6 -27.69 22.82 13.95
CA GLN C 6 -28.93 23.58 14.06
C GLN C 6 -28.94 24.45 15.31
N SER C 7 -29.79 25.47 15.30
CA SER C 7 -29.88 26.40 16.41
C SER C 7 -31.22 27.16 16.39
N PRO C 8 -31.90 27.20 17.53
CA PRO C 8 -31.47 26.57 18.79
C PRO C 8 -31.78 25.08 18.82
N ALA C 9 -31.47 24.41 19.92
CA ALA C 9 -31.83 23.02 20.09
C ALA C 9 -33.29 22.92 20.50
N SER C 10 -33.75 23.90 21.27
CA SER C 10 -35.15 23.99 21.69
C SER C 10 -35.66 25.40 21.44
N LEU C 11 -36.97 25.51 21.20
CA LEU C 11 -37.57 26.80 20.85
C LEU C 11 -39.04 26.86 21.27
N ALA C 12 -39.44 27.96 21.88
CA ALA C 12 -40.82 28.16 22.30
C ALA C 12 -41.41 29.43 21.67
N VAL C 13 -42.56 29.28 21.01
CA VAL C 13 -43.20 30.40 20.33
C VAL C 13 -44.72 30.41 20.53
N SER C 14 -45.31 31.60 20.49
CA SER C 14 -46.76 31.74 20.67
C SER C 14 -47.52 31.44 19.37
N LEU C 15 -48.84 31.33 19.48
CA LEU C 15 -49.67 30.92 18.35
C LEU C 15 -49.71 31.92 17.20
N GLY C 16 -49.22 33.13 17.42
CA GLY C 16 -49.23 34.14 16.38
C GLY C 16 -47.84 34.46 15.86
N GLN C 17 -46.84 34.15 16.68
CA GLN C 17 -45.47 34.55 16.41
C GLN C 17 -44.74 33.70 15.36
N ARG C 18 -43.51 34.10 15.05
CA ARG C 18 -42.69 33.43 14.06
C ARG C 18 -41.63 32.57 14.71
N ALA C 19 -41.44 31.35 14.19
CA ALA C 19 -40.39 30.47 14.66
C ALA C 19 -39.26 30.44 13.63
N THR C 20 -38.03 30.56 14.11
CA THR C 20 -36.88 30.60 13.22
C THR C 20 -35.78 29.65 13.65
N ILE C 21 -35.57 28.60 12.85
CA ILE C 21 -34.47 27.67 13.07
C ILE C 21 -33.37 27.98 12.06
N SER C 22 -32.12 27.77 12.45
CA SER C 22 -31.00 28.00 11.55
C SER C 22 -30.11 26.76 11.41
N CYS C 23 -29.56 26.56 10.21
CA CYS C 23 -28.69 25.43 9.94
C CYS C 23 -27.37 25.90 9.36
N LYS C 24 -26.28 25.60 10.07
CA LYS C 24 -24.95 26.01 9.63
C LYS C 24 -24.14 24.80 9.16
N ALA C 25 -23.76 24.81 7.88
CA ALA C 25 -23.01 23.70 7.29
C ALA C 25 -21.51 23.92 7.42
N SER C 26 -20.77 22.82 7.62
CA SER C 26 -19.32 22.89 7.76
C SER C 26 -18.67 23.34 6.46
N GLN C 27 -19.36 23.13 5.35
CA GLN C 27 -18.89 23.57 4.04
C GLN C 27 -20.06 23.77 3.09
N SER C 28 -19.81 24.49 2.00
CA SER C 28 -20.86 24.81 1.04
C SER C 28 -21.61 23.57 0.55
N VAL C 29 -22.93 23.71 0.41
CA VAL C 29 -23.76 22.64 -0.10
C VAL C 29 -24.36 23.04 -1.45
N ASP C 30 -23.85 24.14 -2.01
CA ASP C 30 -24.31 24.62 -3.30
C ASP C 30 -23.63 23.89 -4.46
N TYR C 31 -24.28 23.88 -5.60
CA TYR C 31 -23.71 23.29 -6.81
C TYR C 31 -24.45 23.76 -8.07
N ASP C 32 -23.75 24.50 -8.91
CA ASP C 32 -24.28 24.93 -10.19
C ASP C 32 -25.65 25.60 -10.08
N GLY C 33 -25.77 26.54 -9.14
CA GLY C 33 -26.98 27.33 -9.02
C GLY C 33 -28.01 26.83 -8.03
N ASP C 34 -27.85 25.61 -7.56
CA ASP C 34 -28.82 25.03 -6.63
C ASP C 34 -28.20 24.81 -5.25
N SER C 35 -29.03 24.90 -4.23
CA SER C 35 -28.59 24.70 -2.85
C SER C 35 -29.25 23.45 -2.28
N TYR C 36 -28.47 22.39 -2.11
CA TYR C 36 -29.02 21.10 -1.70
C TYR C 36 -29.21 20.98 -0.20
N MET C 37 -30.01 21.89 0.35
CA MET C 37 -30.41 21.86 1.76
C MET C 37 -31.90 21.54 1.83
N ASN C 38 -32.26 20.59 2.67
CA ASN C 38 -33.64 20.17 2.82
C ASN C 38 -34.12 20.29 4.27
N TRP C 39 -35.43 20.43 4.45
CA TRP C 39 -36.01 20.55 5.79
C TRP C 39 -37.11 19.52 6.03
N TYR C 40 -37.08 18.90 7.20
CA TYR C 40 -38.06 17.88 7.56
C TYR C 40 -38.76 18.17 8.87
N GLN C 41 -40.01 17.75 8.96
CA GLN C 41 -40.79 17.87 10.20
C GLN C 41 -41.12 16.48 10.69
N GLN C 42 -40.82 16.21 11.96
CA GLN C 42 -41.10 14.88 12.51
C GLN C 42 -41.94 14.97 13.78
N LYS C 43 -43.19 14.54 13.67
CA LYS C 43 -44.06 14.43 14.84
C LYS C 43 -43.76 13.11 15.54
N PRO C 44 -43.93 13.08 16.87
CA PRO C 44 -43.61 11.86 17.62
C PRO C 44 -44.40 10.65 17.12
N GLY C 45 -43.70 9.55 16.88
CA GLY C 45 -44.36 8.31 16.49
C GLY C 45 -44.48 8.07 14.99
N GLN C 46 -44.11 9.07 14.20
CA GLN C 46 -44.20 8.93 12.75
C GLN C 46 -42.94 9.43 12.03
N PRO C 47 -42.76 9.02 10.76
CA PRO C 47 -41.56 9.39 10.00
C PRO C 47 -41.51 10.88 9.69
N PRO C 48 -40.31 11.38 9.37
CA PRO C 48 -40.12 12.79 8.97
C PRO C 48 -40.95 13.14 7.74
N LYS C 49 -41.26 14.43 7.59
CA LYS C 49 -42.09 14.91 6.50
C LYS C 49 -41.36 16.02 5.76
N LEU C 50 -41.26 15.90 4.45
CA LEU C 50 -40.53 16.87 3.64
C LEU C 50 -41.27 18.20 3.56
N LEU C 51 -40.68 19.24 4.16
CA LEU C 51 -41.25 20.58 4.13
C LEU C 51 -40.65 21.41 3.01
N ILE C 52 -39.32 21.52 3.01
CA ILE C 52 -38.62 22.34 2.04
C ILE C 52 -37.51 21.53 1.35
N TYR C 53 -37.38 21.70 0.03
CA TYR C 53 -36.27 21.14 -0.70
C TYR C 53 -35.58 22.24 -1.49
N GLY C 54 -34.29 22.07 -1.76
CA GLY C 54 -33.55 23.09 -2.49
C GLY C 54 -33.44 24.38 -1.71
N ALA C 55 -33.53 24.29 -0.39
CA ALA C 55 -33.38 25.42 0.50
C ALA C 55 -34.56 26.40 0.52
N SER C 56 -35.10 26.70 -0.65
CA SER C 56 -36.16 27.72 -0.75
C SER C 56 -37.44 27.21 -1.42
N ASN C 57 -37.47 25.93 -1.78
CA ASN C 57 -38.62 25.37 -2.48
C ASN C 57 -39.59 24.65 -1.55
N LEU C 58 -40.85 25.11 -1.55
CA LEU C 58 -41.88 24.56 -0.69
C LEU C 58 -42.45 23.28 -1.29
N GLU C 59 -42.33 22.18 -0.56
CA GLU C 59 -42.84 20.88 -1.01
C GLU C 59 -44.36 20.93 -1.18
N SER C 60 -44.85 20.30 -2.23
CA SER C 60 -46.29 20.29 -2.51
C SER C 60 -47.08 19.66 -1.37
N GLY C 61 -48.07 20.38 -0.87
CA GLY C 61 -48.91 19.90 0.21
C GLY C 61 -48.62 20.58 1.53
N ILE C 62 -47.46 21.23 1.60
CA ILE C 62 -47.06 21.93 2.81
C ILE C 62 -47.59 23.36 2.81
N PRO C 63 -48.17 23.79 3.93
CA PRO C 63 -48.72 25.14 4.08
C PRO C 63 -47.67 26.22 3.79
N ALA C 64 -48.11 27.34 3.24
CA ALA C 64 -47.20 28.44 2.89
C ALA C 64 -46.61 29.10 4.13
N ARG C 65 -47.09 28.70 5.30
CA ARG C 65 -46.53 29.18 6.57
C ARG C 65 -45.07 28.80 6.68
N PHE C 66 -44.70 27.69 6.04
CA PHE C 66 -43.33 27.24 6.02
C PHE C 66 -42.61 27.83 4.82
N SER C 67 -41.45 28.44 5.07
CA SER C 67 -40.64 29.00 4.01
C SER C 67 -39.16 28.75 4.29
N GLY C 68 -38.38 28.59 3.21
CA GLY C 68 -36.96 28.34 3.34
C GLY C 68 -36.14 29.43 2.69
N SER C 69 -34.90 29.59 3.17
CA SER C 69 -34.00 30.59 2.63
C SER C 69 -32.55 30.27 2.96
N GLY C 70 -31.63 31.00 2.35
CA GLY C 70 -30.21 30.80 2.61
C GLY C 70 -29.49 30.13 1.47
N SER C 71 -28.16 30.10 1.56
CA SER C 71 -27.32 29.45 0.56
C SER C 71 -25.91 29.24 1.11
N GLY C 72 -25.09 28.51 0.37
CA GLY C 72 -23.73 28.22 0.78
C GLY C 72 -23.68 27.34 2.02
N THR C 73 -23.56 27.98 3.18
CA THR C 73 -23.46 27.26 4.44
C THR C 73 -24.51 27.72 5.44
N ASP C 74 -25.18 28.83 5.15
CA ASP C 74 -26.17 29.40 6.05
C ASP C 74 -27.59 29.16 5.55
N PHE C 75 -28.44 28.65 6.43
CA PHE C 75 -29.84 28.41 6.10
C PHE C 75 -30.74 28.64 7.30
N THR C 76 -31.99 29.02 7.05
CA THR C 76 -32.95 29.23 8.12
C THR C 76 -34.35 28.72 7.74
N LEU C 77 -34.97 27.97 8.65
CA LEU C 77 -36.35 27.55 8.48
C LEU C 77 -37.28 28.54 9.15
N ASN C 78 -38.30 28.98 8.43
CA ASN C 78 -39.27 29.94 8.97
C ASN C 78 -40.70 29.40 9.01
N ILE C 79 -41.28 29.45 10.20
CA ILE C 79 -42.68 29.07 10.39
C ILE C 79 -43.45 30.27 10.87
N HIS C 80 -44.38 30.76 10.05
CA HIS C 80 -45.17 31.93 10.41
C HIS C 80 -46.46 32.05 9.61
N PRO C 81 -47.59 32.13 10.32
CA PRO C 81 -47.62 32.11 11.78
C PRO C 81 -47.62 30.68 12.34
N VAL C 82 -47.10 30.52 13.55
CA VAL C 82 -47.03 29.21 14.20
C VAL C 82 -48.41 28.74 14.65
N GLU C 83 -48.66 27.44 14.54
CA GLU C 83 -49.92 26.86 14.95
C GLU C 83 -49.72 25.68 15.91
N GLU C 84 -50.77 25.31 16.63
CA GLU C 84 -50.68 24.25 17.62
C GLU C 84 -50.12 22.95 17.04
N GLU C 85 -50.41 22.71 15.77
CA GLU C 85 -50.00 21.47 15.12
C GLU C 85 -48.54 21.52 14.65
N ASP C 86 -47.91 22.66 14.78
CA ASP C 86 -46.51 22.80 14.37
C ASP C 86 -45.58 22.23 15.43
N ALA C 87 -46.15 21.70 16.50
CA ALA C 87 -45.37 21.10 17.57
C ALA C 87 -44.69 19.82 17.09
N ALA C 88 -43.38 19.89 16.89
CA ALA C 88 -42.60 18.75 16.41
C ALA C 88 -41.12 19.07 16.39
N THR C 89 -40.31 18.09 16.02
CA THR C 89 -38.87 18.30 15.87
C THR C 89 -38.54 18.53 14.39
N TYR C 90 -37.68 19.50 14.12
CA TYR C 90 -37.34 19.86 12.75
C TYR C 90 -35.86 19.59 12.45
N TYR C 91 -35.63 18.98 11.29
CA TYR C 91 -34.27 18.63 10.88
C TYR C 91 -33.89 19.29 9.55
N CYS C 92 -32.66 19.77 9.47
CA CYS C 92 -32.09 20.19 8.20
C CYS C 92 -31.21 19.07 7.67
N GLN C 93 -31.18 18.90 6.36
CA GLN C 93 -30.45 17.80 5.75
C GLN C 93 -29.81 18.19 4.43
N GLN C 94 -28.54 17.83 4.25
CA GLN C 94 -27.82 18.15 3.02
C GLN C 94 -27.70 16.94 2.11
N SER C 95 -27.83 17.18 0.80
CA SER C 95 -27.72 16.12 -0.20
C SER C 95 -26.61 16.42 -1.20
N ASN C 96 -25.66 17.26 -0.79
CA ASN C 96 -24.57 17.68 -1.68
C ASN C 96 -23.59 16.55 -1.97
N GLU C 97 -23.22 15.80 -0.95
CA GLU C 97 -22.27 14.71 -1.11
C GLU C 97 -22.48 13.60 -0.09
N ASP C 98 -22.11 12.37 -0.45
CA ASP C 98 -22.17 11.24 0.46
C ASP C 98 -21.11 11.39 1.55
N PRO C 99 -21.48 11.08 2.80
CA PRO C 99 -22.81 10.58 3.15
C PRO C 99 -23.78 11.71 3.49
N TYR C 100 -25.07 11.45 3.35
CA TYR C 100 -26.07 12.42 3.75
C TYR C 100 -26.04 12.61 5.25
N THR C 101 -26.24 13.85 5.69
CA THR C 101 -26.17 14.17 7.11
C THR C 101 -27.34 15.04 7.54
N PHE C 102 -27.77 14.85 8.80
CA PHE C 102 -28.85 15.64 9.36
C PHE C 102 -28.36 16.54 10.48
N GLY C 103 -29.10 17.61 10.73
CA GLY C 103 -28.81 18.48 11.85
C GLY C 103 -29.31 17.85 13.15
N GLY C 104 -28.86 18.38 14.28
CA GLY C 104 -29.25 17.85 15.57
C GLY C 104 -30.75 17.82 15.77
N GLY C 105 -31.46 18.71 15.08
CA GLY C 105 -32.90 18.81 15.20
C GLY C 105 -33.30 19.83 16.25
N THR C 106 -34.41 20.53 15.99
CA THR C 106 -34.90 21.53 16.92
C THR C 106 -36.32 21.22 17.35
N LYS C 107 -36.52 20.94 18.64
CA LYS C 107 -37.85 20.69 19.16
C LYS C 107 -38.61 22.01 19.32
N LEU C 108 -39.73 22.12 18.62
CA LEU C 108 -40.54 23.33 18.68
C LEU C 108 -41.70 23.17 19.67
N GLU C 109 -41.68 23.99 20.70
CA GLU C 109 -42.75 23.98 21.70
C GLU C 109 -43.71 25.13 21.45
N ILE C 110 -45.01 24.83 21.41
CA ILE C 110 -46.03 25.85 21.21
C ILE C 110 -46.48 26.39 22.56
N LYS C 111 -46.23 27.68 22.80
CA LYS C 111 -46.57 28.31 24.07
C LYS C 111 -48.07 28.55 24.20
N ARG C 112 -48.62 28.10 25.33
CA ARG C 112 -50.04 28.32 25.63
C ARG C 112 -50.16 28.94 27.01
N ALA C 113 -51.40 29.19 27.43
CA ALA C 113 -51.65 29.68 28.78
C ALA C 113 -51.38 28.57 29.79
N ASP C 114 -50.88 28.94 30.96
CA ASP C 114 -50.60 27.97 32.01
C ASP C 114 -51.85 27.17 32.35
N ALA C 115 -51.65 25.96 32.88
CA ALA C 115 -52.76 25.10 33.24
C ALA C 115 -52.33 24.01 34.23
N ALA C 116 -53.05 23.92 35.34
CA ALA C 116 -52.75 22.93 36.37
C ALA C 116 -53.12 21.53 35.92
N PRO C 117 -52.39 20.52 36.44
CA PRO C 117 -52.63 19.11 36.09
C PRO C 117 -53.94 18.60 36.68
N THR C 118 -54.70 17.85 35.90
CA THR C 118 -55.91 17.21 36.39
C THR C 118 -55.55 15.87 37.02
N VAL C 119 -55.13 15.91 38.27
CA VAL C 119 -54.61 14.73 38.97
C VAL C 119 -55.70 13.73 39.34
N SER C 120 -55.40 12.45 39.14
CA SER C 120 -56.32 11.38 39.49
C SER C 120 -55.55 10.18 40.03
N ILE C 121 -56.01 9.64 41.16
CA ILE C 121 -55.33 8.51 41.78
C ILE C 121 -56.20 7.24 41.69
N PHE C 122 -55.57 6.11 41.43
CA PHE C 122 -56.29 4.85 41.23
C PHE C 122 -55.73 3.72 42.10
N PRO C 123 -56.58 3.18 43.00
CA PRO C 123 -56.20 2.05 43.85
C PRO C 123 -55.93 0.81 43.01
N PRO C 124 -55.08 -0.10 43.51
CA PRO C 124 -54.73 -1.35 42.82
C PRO C 124 -55.98 -2.13 42.40
N SER C 125 -55.96 -2.66 41.18
CA SER C 125 -57.09 -3.44 40.67
C SER C 125 -57.33 -4.68 41.52
N SER C 126 -58.59 -5.12 41.56
CA SER C 126 -58.95 -6.33 42.30
C SER C 126 -58.31 -7.55 41.66
N GLU C 127 -58.15 -7.50 40.34
CA GLU C 127 -57.56 -8.60 39.59
C GLU C 127 -56.05 -8.66 39.80
N GLN C 128 -55.46 -7.48 40.03
CA GLN C 128 -54.02 -7.39 40.27
C GLN C 128 -53.66 -7.86 41.67
N LEU C 129 -54.47 -7.48 42.65
CA LEU C 129 -54.24 -7.87 44.03
C LEU C 129 -54.16 -9.39 44.16
N THR C 130 -55.16 -10.07 43.62
CA THR C 130 -55.18 -11.54 43.66
C THR C 130 -53.98 -12.12 42.93
N SER C 131 -53.48 -11.39 41.94
CA SER C 131 -52.35 -11.84 41.13
C SER C 131 -51.07 -11.92 41.94
N GLY C 132 -51.02 -11.22 43.07
CA GLY C 132 -49.86 -11.23 43.93
C GLY C 132 -49.12 -9.91 43.95
N GLY C 133 -49.44 -9.03 43.00
CA GLY C 133 -48.82 -7.73 42.92
C GLY C 133 -49.85 -6.62 43.07
N ALA C 134 -49.42 -5.49 43.63
CA ALA C 134 -50.32 -4.36 43.83
C ALA C 134 -49.63 -3.05 43.49
N SER C 135 -50.23 -2.28 42.58
CA SER C 135 -49.65 -1.00 42.18
C SER C 135 -50.70 0.11 42.10
N VAL C 136 -50.29 1.33 42.41
CA VAL C 136 -51.19 2.48 42.40
C VAL C 136 -50.81 3.46 41.30
N VAL C 137 -51.77 3.78 40.44
CA VAL C 137 -51.53 4.70 39.33
C VAL C 137 -51.99 6.11 39.67
N CYS C 138 -51.31 7.11 39.12
CA CYS C 138 -51.66 8.51 39.37
C CYS C 138 -51.46 9.34 38.10
N PHE C 139 -52.56 9.62 37.39
CA PHE C 139 -52.50 10.39 36.15
C PHE C 139 -52.48 11.90 36.40
N LEU C 140 -51.57 12.59 35.74
CA LEU C 140 -51.53 14.05 35.74
C LEU C 140 -51.69 14.54 34.31
N ASN C 141 -52.91 14.97 33.96
CA ASN C 141 -53.26 15.21 32.57
C ASN C 141 -53.45 16.68 32.18
N ASN C 142 -53.09 17.00 30.94
CA ASN C 142 -53.33 18.31 30.35
C ASN C 142 -52.83 19.48 31.20
N PHE C 143 -51.51 19.61 31.28
CA PHE C 143 -50.91 20.71 32.05
C PHE C 143 -49.86 21.46 31.23
N TYR C 144 -49.53 22.67 31.67
CA TYR C 144 -48.51 23.49 31.03
C TYR C 144 -48.13 24.61 31.99
N PRO C 145 -46.83 24.96 32.05
CA PRO C 145 -45.71 24.44 31.27
C PRO C 145 -45.44 22.94 31.51
N LYS C 146 -44.43 22.42 30.81
CA LYS C 146 -44.12 20.99 30.85
C LYS C 146 -43.47 20.56 32.17
N ASP C 147 -42.78 21.49 32.83
CA ASP C 147 -42.05 21.17 34.04
C ASP C 147 -42.98 20.82 35.20
N ILE C 148 -42.78 19.63 35.76
CA ILE C 148 -43.63 19.14 36.85
C ILE C 148 -42.98 17.94 37.55
N ASN C 149 -43.23 17.81 38.85
CA ASN C 149 -42.68 16.72 39.64
C ASN C 149 -43.74 16.08 40.53
N VAL C 150 -43.57 14.79 40.82
CA VAL C 150 -44.50 14.07 41.69
C VAL C 150 -43.79 13.39 42.85
N LYS C 151 -44.42 13.42 44.01
CA LYS C 151 -43.89 12.73 45.19
C LYS C 151 -44.90 11.75 45.75
N TRP C 152 -44.52 10.49 45.86
CA TRP C 152 -45.37 9.48 46.47
C TRP C 152 -45.16 9.46 47.98
N LYS C 153 -46.26 9.46 48.72
CA LYS C 153 -46.20 9.44 50.18
C LYS C 153 -47.05 8.31 50.77
N ILE C 154 -46.41 7.44 51.54
CA ILE C 154 -47.12 6.36 52.22
C ILE C 154 -47.14 6.63 53.72
N ASP C 155 -48.33 6.91 54.25
CA ASP C 155 -48.48 7.23 55.66
C ASP C 155 -47.67 8.47 56.06
N GLY C 156 -47.60 9.43 55.14
CA GLY C 156 -46.89 10.67 55.39
C GLY C 156 -45.40 10.58 55.12
N SER C 157 -44.94 9.39 54.74
CA SER C 157 -43.53 9.16 54.47
C SER C 157 -43.25 9.10 52.96
N GLU C 158 -42.19 9.78 52.54
CA GLU C 158 -41.81 9.81 51.13
C GLU C 158 -41.48 8.41 50.63
N ARG C 159 -41.75 8.16 49.35
CA ARG C 159 -41.51 6.86 48.75
C ARG C 159 -41.01 7.00 47.32
N GLN C 160 -39.77 6.60 47.07
CA GLN C 160 -39.18 6.68 45.75
C GLN C 160 -38.90 5.31 45.15
N ASN C 161 -38.98 4.28 45.99
CA ASN C 161 -38.69 2.92 45.57
C ASN C 161 -39.87 2.26 44.84
N GLY C 162 -39.66 1.94 43.56
CA GLY C 162 -40.68 1.26 42.78
C GLY C 162 -41.61 2.21 42.04
N VAL C 163 -41.07 3.33 41.60
CA VAL C 163 -41.85 4.34 40.90
C VAL C 163 -41.52 4.39 39.40
N LEU C 164 -42.56 4.37 38.57
CA LEU C 164 -42.37 4.51 37.12
C LEU C 164 -43.14 5.70 36.56
N ASN C 165 -42.43 6.56 35.84
CA ASN C 165 -43.07 7.72 35.22
C ASN C 165 -43.02 7.66 33.70
N SER C 166 -43.89 8.43 33.06
CA SER C 166 -43.96 8.45 31.60
C SER C 166 -44.69 9.70 31.12
N TRP C 167 -44.02 10.49 30.29
CA TRP C 167 -44.60 11.72 29.77
C TRP C 167 -45.05 11.53 28.32
N THR C 168 -46.01 12.34 27.88
CA THR C 168 -46.39 12.38 26.47
C THR C 168 -45.82 13.65 25.86
N ASP C 169 -45.58 13.62 24.55
CA ASP C 169 -45.13 14.81 23.85
C ASP C 169 -46.24 15.85 23.81
N GLN C 170 -45.88 17.09 23.53
CA GLN C 170 -46.85 18.17 23.49
C GLN C 170 -47.98 17.83 22.53
N ASP C 171 -49.22 18.03 22.99
CA ASP C 171 -50.39 17.70 22.18
C ASP C 171 -50.45 18.56 20.93
N SER C 172 -50.83 17.94 19.81
CA SER C 172 -50.95 18.65 18.55
C SER C 172 -52.22 19.49 18.51
N LYS C 173 -53.08 19.28 19.49
CA LYS C 173 -54.39 19.95 19.52
C LYS C 173 -54.43 21.10 20.53
N ASP C 174 -54.22 20.79 21.80
CA ASP C 174 -54.31 21.80 22.86
C ASP C 174 -52.94 22.20 23.42
N SER C 175 -51.89 21.63 22.86
CA SER C 175 -50.51 22.00 23.21
C SER C 175 -50.18 21.83 24.69
N THR C 176 -50.79 20.84 25.34
CA THR C 176 -50.51 20.57 26.75
C THR C 176 -49.69 19.30 26.92
N TYR C 177 -49.42 18.94 28.16
CA TYR C 177 -48.63 17.75 28.48
C TYR C 177 -49.36 16.85 29.46
N SER C 178 -48.96 15.57 29.50
CA SER C 178 -49.57 14.61 30.41
C SER C 178 -48.53 13.63 30.95
N MET C 179 -48.74 13.17 32.17
CA MET C 179 -47.80 12.25 32.82
C MET C 179 -48.52 11.12 33.56
N SER C 180 -47.87 9.97 33.64
CA SER C 180 -48.42 8.82 34.35
C SER C 180 -47.40 8.22 35.32
N SER C 181 -47.67 8.35 36.62
CA SER C 181 -46.81 7.78 37.63
C SER C 181 -47.43 6.48 38.16
N THR C 182 -46.59 5.47 38.40
CA THR C 182 -47.08 4.17 38.82
C THR C 182 -46.22 3.57 39.93
N LEU C 183 -46.73 3.61 41.16
CA LEU C 183 -46.06 3.02 42.31
C LEU C 183 -46.43 1.56 42.46
N THR C 184 -45.45 0.67 42.28
CA THR C 184 -45.68 -0.76 42.35
C THR C 184 -45.15 -1.36 43.65
N LEU C 185 -45.95 -2.23 44.26
CA LEU C 185 -45.58 -2.88 45.52
C LEU C 185 -46.04 -4.33 45.51
N THR C 186 -45.64 -5.09 46.53
CA THR C 186 -46.15 -6.44 46.71
C THR C 186 -47.49 -6.39 47.42
N LYS C 187 -48.29 -7.43 47.27
CA LYS C 187 -49.64 -7.44 47.84
C LYS C 187 -49.63 -7.23 49.35
N ASP C 188 -48.89 -8.07 50.06
CA ASP C 188 -48.86 -8.02 51.53
C ASP C 188 -48.24 -6.74 52.06
N GLU C 189 -47.40 -6.08 51.25
CA GLU C 189 -46.78 -4.82 51.64
C GLU C 189 -47.78 -3.68 51.44
N TYR C 190 -48.60 -3.79 50.41
CA TYR C 190 -49.63 -2.80 50.14
C TYR C 190 -50.69 -2.80 51.23
N GLU C 191 -51.15 -4.00 51.59
CA GLU C 191 -52.16 -4.15 52.63
C GLU C 191 -51.52 -4.16 54.02
N ARG C 192 -50.43 -3.42 54.17
CA ARG C 192 -49.73 -3.29 55.45
C ARG C 192 -49.59 -1.83 55.83
N HIS C 193 -50.23 -0.95 55.05
CA HIS C 193 -50.16 0.48 55.29
C HIS C 193 -51.53 1.13 55.29
N ASN C 194 -51.62 2.31 55.91
CA ASN C 194 -52.89 3.01 56.09
C ASN C 194 -53.45 3.61 54.81
N SER C 195 -52.75 4.58 54.24
CA SER C 195 -53.24 5.29 53.07
C SER C 195 -52.14 5.64 52.08
N TYR C 196 -52.54 6.02 50.87
CA TYR C 196 -51.60 6.33 49.80
C TYR C 196 -51.89 7.70 49.18
N THR C 197 -50.85 8.48 48.93
CA THR C 197 -51.00 9.84 48.44
C THR C 197 -49.95 10.18 47.38
N CYS C 198 -50.39 10.78 46.27
CA CYS C 198 -49.47 11.27 45.26
C CYS C 198 -49.54 12.79 45.16
N GLU C 199 -48.38 13.44 45.32
CA GLU C 199 -48.32 14.91 45.34
C GLU C 199 -47.80 15.42 44.00
N ALA C 200 -48.37 16.53 43.54
CA ALA C 200 -48.01 17.11 42.25
C ALA C 200 -47.57 18.57 42.38
N THR C 201 -46.28 18.82 42.20
CA THR C 201 -45.75 20.17 42.24
C THR C 201 -45.72 20.77 40.84
N HIS C 202 -46.31 21.96 40.69
CA HIS C 202 -46.40 22.61 39.40
C HIS C 202 -46.42 24.14 39.55
N LYS C 203 -46.02 24.84 38.50
CA LYS C 203 -45.97 26.30 38.52
C LYS C 203 -47.28 26.95 38.94
N THR C 204 -48.40 26.30 38.60
CA THR C 204 -49.72 26.87 38.83
C THR C 204 -50.06 27.15 40.30
N SER C 205 -49.54 26.32 41.20
CA SER C 205 -49.82 26.50 42.62
C SER C 205 -48.58 26.30 43.50
N THR C 206 -48.44 27.15 44.51
CA THR C 206 -47.34 27.02 45.46
C THR C 206 -47.48 25.72 46.24
N SER C 207 -48.71 25.41 46.63
CA SER C 207 -49.00 24.16 47.32
C SER C 207 -49.30 23.07 46.29
N PRO C 208 -48.57 21.94 46.39
CA PRO C 208 -48.73 20.83 45.44
C PRO C 208 -50.12 20.21 45.50
N ILE C 209 -50.71 19.97 44.33
CA ILE C 209 -52.03 19.35 44.27
C ILE C 209 -51.99 17.93 44.82
N VAL C 210 -52.93 17.62 45.72
CA VAL C 210 -52.92 16.34 46.42
C VAL C 210 -54.17 15.50 46.17
N LYS C 211 -53.95 14.23 45.83
CA LYS C 211 -55.04 13.26 45.69
C LYS C 211 -54.69 11.99 46.46
N SER C 212 -55.67 11.45 47.18
CA SER C 212 -55.41 10.30 48.05
C SER C 212 -56.65 9.45 48.33
N PHE C 213 -56.41 8.21 48.77
CA PHE C 213 -57.47 7.32 49.20
C PHE C 213 -57.05 6.58 50.48
N ASN C 214 -57.94 5.76 51.02
CA ASN C 214 -57.65 5.07 52.28
C ASN C 214 -57.92 3.56 52.22
N ARG C 215 -57.74 2.97 51.04
CA ARG C 215 -58.01 1.55 50.83
C ARG C 215 -59.20 1.04 51.65
N GLN D 1 -50.64 7.55 -5.55
CA GLN D 1 -50.71 6.86 -4.28
C GLN D 1 -49.35 6.26 -3.93
N VAL D 2 -48.32 7.09 -3.94
CA VAL D 2 -46.99 6.65 -3.58
C VAL D 2 -46.97 6.18 -2.13
N GLN D 3 -46.64 4.91 -1.92
CA GLN D 3 -46.60 4.34 -0.58
C GLN D 3 -45.41 3.42 -0.37
N LEU D 4 -44.77 3.55 0.80
CA LEU D 4 -43.71 2.66 1.21
C LEU D 4 -44.14 1.95 2.48
N GLN D 5 -44.27 0.62 2.42
CA GLN D 5 -44.67 -0.17 3.58
C GLN D 5 -43.50 -1.00 4.08
N GLN D 6 -43.30 -1.03 5.39
CA GLN D 6 -42.19 -1.78 5.97
C GLN D 6 -42.69 -2.88 6.91
N SER D 7 -41.90 -3.95 7.03
CA SER D 7 -42.13 -4.93 8.08
C SER D 7 -42.06 -4.21 9.42
N GLY D 8 -42.62 -4.81 10.47
CA GLY D 8 -42.64 -4.13 11.76
C GLY D 8 -42.32 -4.97 12.98
N ALA D 9 -41.95 -4.29 14.05
CA ALA D 9 -41.77 -4.93 15.36
C ALA D 9 -40.92 -6.20 15.29
N GLU D 10 -39.71 -6.07 14.77
CA GLU D 10 -38.79 -7.20 14.72
C GLU D 10 -37.98 -7.30 16.03
N LEU D 11 -37.96 -8.50 16.60
CA LEU D 11 -37.17 -8.76 17.80
C LEU D 11 -36.13 -9.83 17.50
N ALA D 12 -34.90 -9.61 17.98
CA ALA D 12 -33.82 -10.56 17.75
C ALA D 12 -32.85 -10.60 18.91
N ARG D 13 -32.26 -11.78 19.14
CA ARG D 13 -31.26 -11.95 20.18
C ARG D 13 -29.91 -11.41 19.74
N PRO D 14 -29.08 -10.98 20.70
CA PRO D 14 -27.77 -10.41 20.38
C PRO D 14 -26.93 -11.37 19.56
N GLY D 15 -26.31 -10.85 18.50
CA GLY D 15 -25.49 -11.67 17.62
C GLY D 15 -26.23 -12.17 16.40
N ALA D 16 -27.55 -12.29 16.52
CA ALA D 16 -28.37 -12.77 15.42
C ALA D 16 -28.49 -11.74 14.30
N SER D 17 -29.15 -12.12 13.21
CA SER D 17 -29.35 -11.22 12.08
C SER D 17 -30.83 -10.93 11.87
N VAL D 18 -31.13 -9.76 11.33
CA VAL D 18 -32.50 -9.38 11.04
C VAL D 18 -32.57 -8.70 9.67
N LYS D 19 -33.68 -8.90 8.96
CA LYS D 19 -33.81 -8.34 7.62
C LYS D 19 -35.10 -7.55 7.45
N LEU D 20 -34.98 -6.23 7.43
CA LEU D 20 -36.11 -5.35 7.23
C LEU D 20 -36.48 -5.28 5.76
N SER D 21 -37.76 -5.09 5.46
CA SER D 21 -38.22 -4.97 4.09
C SER D 21 -38.94 -3.64 3.86
N CYS D 22 -39.06 -3.26 2.58
CA CYS D 22 -39.69 -2.00 2.21
C CYS D 22 -40.41 -2.15 0.87
N LYS D 23 -41.69 -2.52 0.93
CA LYS D 23 -42.49 -2.69 -0.27
C LYS D 23 -43.00 -1.35 -0.78
N ALA D 24 -42.65 -1.01 -2.02
CA ALA D 24 -43.06 0.27 -2.61
C ALA D 24 -44.11 0.08 -3.69
N SER D 25 -44.85 1.15 -3.99
CA SER D 25 -45.88 1.12 -5.01
C SER D 25 -46.36 2.52 -5.36
N GLY D 26 -47.08 2.64 -6.46
CA GLY D 26 -47.65 3.91 -6.87
C GLY D 26 -46.70 4.78 -7.68
N TYR D 27 -45.55 4.20 -8.05
CA TYR D 27 -44.57 4.93 -8.85
C TYR D 27 -43.59 3.96 -9.48
N THR D 28 -42.87 4.41 -10.51
CA THR D 28 -41.86 3.60 -11.15
C THR D 28 -40.67 3.36 -10.21
N PHE D 29 -40.57 2.13 -9.71
CA PHE D 29 -39.60 1.79 -8.69
C PHE D 29 -38.15 2.00 -9.13
N THR D 30 -37.93 1.93 -10.45
CA THR D 30 -36.57 1.96 -10.99
C THR D 30 -36.02 3.38 -11.19
N ASP D 31 -36.90 4.37 -11.20
CA ASP D 31 -36.50 5.74 -11.46
C ASP D 31 -35.98 6.47 -10.21
N TYR D 32 -36.01 5.79 -9.07
CA TYR D 32 -35.63 6.43 -7.81
C TYR D 32 -34.68 5.58 -6.98
N TYR D 33 -34.09 6.20 -5.97
CA TYR D 33 -33.28 5.49 -4.98
C TYR D 33 -34.16 5.17 -3.78
N ILE D 34 -33.76 4.16 -3.01
CA ILE D 34 -34.35 3.88 -1.71
C ILE D 34 -33.25 3.88 -0.67
N ASN D 35 -33.34 4.77 0.30
CA ASN D 35 -32.34 4.84 1.36
C ASN D 35 -32.91 4.53 2.75
N TRP D 36 -32.01 4.30 3.69
CA TRP D 36 -32.41 3.85 5.03
C TRP D 36 -31.92 4.78 6.13
N MET D 37 -32.70 4.90 7.20
CA MET D 37 -32.43 5.83 8.28
C MET D 37 -32.50 5.12 9.62
N LYS D 38 -31.58 5.45 10.52
CA LYS D 38 -31.60 4.91 11.87
C LYS D 38 -31.91 5.99 12.88
N GLN D 39 -32.90 5.76 13.73
CA GLN D 39 -33.27 6.73 14.75
C GLN D 39 -33.51 6.06 16.09
N ARG D 40 -32.58 6.29 17.03
CA ARG D 40 -32.72 5.75 18.38
C ARG D 40 -33.70 6.58 19.18
N THR D 41 -34.43 5.93 20.08
CA THR D 41 -35.45 6.62 20.89
C THR D 41 -34.90 7.91 21.51
N GLY D 42 -35.52 9.03 21.17
CA GLY D 42 -35.14 10.32 21.73
C GLY D 42 -33.87 10.91 21.13
N GLN D 43 -33.52 10.46 19.93
CA GLN D 43 -32.32 10.95 19.25
C GLN D 43 -32.60 11.29 17.79
N GLY D 44 -31.60 11.85 17.11
CA GLY D 44 -31.76 12.31 15.75
C GLY D 44 -31.70 11.20 14.70
N LEU D 45 -31.61 11.60 13.44
CA LEU D 45 -31.59 10.67 12.33
C LEU D 45 -30.18 10.38 11.83
N GLU D 46 -29.93 9.12 11.49
CA GLU D 46 -28.65 8.72 10.92
C GLU D 46 -28.85 8.11 9.54
N TRP D 47 -28.09 8.58 8.57
CA TRP D 47 -28.14 8.03 7.22
C TRP D 47 -27.30 6.76 7.17
N ILE D 48 -27.92 5.65 6.79
CA ILE D 48 -27.23 4.37 6.70
C ILE D 48 -26.64 4.16 5.32
N GLY D 49 -27.43 4.43 4.29
CA GLY D 49 -27.02 4.26 2.92
C GLY D 49 -28.20 4.23 1.97
N GLU D 50 -27.92 4.03 0.68
CA GLU D 50 -28.99 4.01 -0.31
C GLU D 50 -28.69 3.00 -1.42
N ILE D 51 -29.69 2.77 -2.28
CA ILE D 51 -29.54 1.85 -3.39
C ILE D 51 -30.41 2.26 -4.56
N TYR D 52 -29.90 2.06 -5.77
CA TYR D 52 -30.66 2.35 -6.98
C TYR D 52 -31.10 1.04 -7.62
N PRO D 53 -32.31 0.57 -7.26
CA PRO D 53 -32.83 -0.73 -7.70
C PRO D 53 -32.76 -0.93 -9.20
N GLY D 54 -32.83 0.16 -9.96
CA GLY D 54 -32.76 0.08 -11.41
C GLY D 54 -31.46 -0.50 -11.93
N VAL D 55 -30.38 -0.28 -11.17
CA VAL D 55 -29.06 -0.76 -11.57
C VAL D 55 -28.51 -1.73 -10.53
N GLY D 56 -28.89 -1.52 -9.27
CA GLY D 56 -28.49 -2.39 -8.19
C GLY D 56 -27.40 -1.81 -7.31
N THR D 57 -26.74 -0.77 -7.79
CA THR D 57 -25.61 -0.18 -7.08
C THR D 57 -26.02 0.36 -5.72
N THR D 58 -25.11 0.25 -4.75
CA THR D 58 -25.40 0.65 -3.37
C THR D 58 -24.36 1.63 -2.82
N TYR D 59 -24.78 2.43 -1.84
CA TYR D 59 -23.90 3.38 -1.18
C TYR D 59 -24.14 3.29 0.33
N TYR D 60 -23.06 3.28 1.10
CA TYR D 60 -23.16 3.18 2.54
C TYR D 60 -22.39 4.29 3.24
N ASP D 61 -22.87 4.68 4.43
CA ASP D 61 -22.08 5.52 5.30
C ASP D 61 -21.02 4.61 5.90
N GLU D 62 -19.76 5.06 5.91
CA GLU D 62 -18.66 4.21 6.34
C GLU D 62 -18.91 3.59 7.71
N LYS D 63 -19.69 4.29 8.54
CA LYS D 63 -20.03 3.80 9.87
C LYS D 63 -20.82 2.50 9.81
N PHE D 64 -21.73 2.41 8.84
CA PHE D 64 -22.71 1.33 8.80
C PHE D 64 -22.37 0.16 7.89
N LYS D 65 -21.45 0.34 6.95
CA LYS D 65 -21.12 -0.75 6.03
C LYS D 65 -20.45 -1.89 6.78
N GLY D 66 -20.97 -3.09 6.61
CA GLY D 66 -20.57 -4.24 7.40
C GLY D 66 -21.68 -4.61 8.36
N LYS D 67 -22.26 -3.58 8.98
CA LYS D 67 -23.41 -3.76 9.85
C LYS D 67 -24.68 -3.90 9.03
N ALA D 68 -24.84 -3.03 8.04
CA ALA D 68 -26.02 -3.03 7.19
C ALA D 68 -25.70 -3.52 5.77
N THR D 69 -26.67 -4.17 5.15
CA THR D 69 -26.52 -4.68 3.79
C THR D 69 -27.75 -4.35 2.98
N LEU D 70 -27.59 -3.52 1.95
CA LEU D 70 -28.72 -3.07 1.15
C LEU D 70 -28.92 -3.93 -0.10
N THR D 71 -30.12 -4.46 -0.26
CA THR D 71 -30.49 -5.21 -1.45
C THR D 71 -31.86 -4.73 -1.93
N ALA D 72 -32.28 -5.21 -3.11
CA ALA D 72 -33.58 -4.84 -3.65
C ALA D 72 -34.00 -5.74 -4.80
N ASP D 73 -35.26 -6.16 -4.77
CA ASP D 73 -35.83 -6.95 -5.86
C ASP D 73 -36.64 -6.05 -6.77
N LYS D 74 -36.09 -5.75 -7.94
CA LYS D 74 -36.73 -4.86 -8.91
C LYS D 74 -38.11 -5.37 -9.31
N SER D 75 -38.28 -6.68 -9.33
CA SER D 75 -39.53 -7.29 -9.78
C SER D 75 -40.69 -7.01 -8.82
N SER D 76 -40.44 -7.16 -7.53
CA SER D 76 -41.48 -6.97 -6.53
C SER D 76 -41.53 -5.54 -6.01
N ARG D 77 -40.87 -4.62 -6.72
CA ARG D 77 -40.79 -3.22 -6.30
C ARG D 77 -40.50 -3.13 -4.79
N SER D 78 -39.57 -3.93 -4.32
CA SER D 78 -39.25 -4.00 -2.90
C SER D 78 -37.76 -3.82 -2.62
N ALA D 79 -37.44 -3.31 -1.45
CA ALA D 79 -36.05 -3.09 -1.05
C ALA D 79 -35.83 -3.60 0.36
N TYR D 80 -34.67 -4.21 0.60
CA TYR D 80 -34.38 -4.83 1.88
C TYR D 80 -33.10 -4.29 2.51
N MET D 81 -33.00 -4.44 3.84
CA MET D 81 -31.78 -4.11 4.56
C MET D 81 -31.54 -5.11 5.69
N GLN D 82 -30.41 -5.79 5.65
CA GLN D 82 -30.06 -6.73 6.69
C GLN D 82 -29.08 -6.14 7.68
N LEU D 83 -29.41 -6.26 8.97
CA LEU D 83 -28.52 -5.84 10.04
C LEU D 83 -27.85 -7.07 10.67
N SER D 84 -26.53 -7.09 10.67
CA SER D 84 -25.78 -8.27 11.10
C SER D 84 -25.10 -8.06 12.46
N SER D 85 -24.74 -9.16 13.11
CA SER D 85 -24.08 -9.12 14.41
C SER D 85 -24.72 -8.09 15.31
N LEU D 86 -26.02 -8.26 15.56
CA LEU D 86 -26.81 -7.28 16.31
C LEU D 86 -26.28 -7.01 17.72
N THR D 87 -26.39 -5.76 18.14
CA THR D 87 -25.98 -5.33 19.47
C THR D 87 -27.13 -4.60 20.14
N SER D 88 -26.99 -4.31 21.43
CA SER D 88 -28.00 -3.54 22.14
C SER D 88 -28.07 -2.13 21.57
N GLU D 89 -27.01 -1.73 20.87
CA GLU D 89 -26.94 -0.41 20.26
C GLU D 89 -27.55 -0.39 18.86
N ASP D 90 -28.00 -1.55 18.40
CA ASP D 90 -28.70 -1.65 17.12
C ASP D 90 -30.20 -1.53 17.34
N SER D 91 -30.61 -1.47 18.60
CA SER D 91 -32.02 -1.29 18.96
C SER D 91 -32.44 0.13 18.64
N ALA D 92 -33.28 0.28 17.62
CA ALA D 92 -33.76 1.58 17.20
C ALA D 92 -34.87 1.47 16.16
N VAL D 93 -35.31 2.60 15.64
CA VAL D 93 -36.30 2.63 14.58
C VAL D 93 -35.61 2.90 13.26
N TYR D 94 -35.94 2.10 12.25
CA TYR D 94 -35.31 2.22 10.93
C TYR D 94 -36.33 2.62 9.86
N PHE D 95 -36.08 3.75 9.20
CA PHE D 95 -36.96 4.24 8.16
C PHE D 95 -36.39 3.97 6.77
N CYS D 96 -37.24 3.49 5.87
CA CYS D 96 -36.89 3.47 4.46
C CYS D 96 -37.60 4.63 3.79
N ALA D 97 -36.96 5.24 2.79
CA ALA D 97 -37.54 6.40 2.14
C ALA D 97 -37.20 6.42 0.66
N ARG D 98 -38.04 7.09 -0.12
CA ARG D 98 -37.80 7.27 -1.55
C ARG D 98 -37.10 8.60 -1.80
N ARG D 99 -35.87 8.55 -2.32
CA ARG D 99 -35.16 9.77 -2.65
C ARG D 99 -35.30 10.13 -4.13
N THR D 100 -35.80 11.33 -4.38
CA THR D 100 -36.03 11.81 -5.74
C THR D 100 -34.72 12.02 -6.48
N VAL D 101 -34.75 11.82 -7.80
CA VAL D 101 -33.55 11.89 -8.63
C VAL D 101 -33.56 13.13 -9.51
N THR D 102 -34.74 13.72 -9.71
CA THR D 102 -34.84 14.96 -10.46
C THR D 102 -33.97 16.04 -9.81
N MET D 103 -33.49 16.98 -10.61
CA MET D 103 -32.62 18.02 -10.11
C MET D 103 -33.15 19.41 -10.42
N GLY D 104 -32.82 20.38 -9.57
CA GLY D 104 -31.99 20.14 -8.41
C GLY D 104 -32.79 19.95 -7.13
N ARG D 105 -33.27 18.74 -6.92
CA ARG D 105 -34.00 18.40 -5.71
C ARG D 105 -33.81 16.94 -5.30
N TYR D 106 -32.65 16.64 -4.73
CA TYR D 106 -32.39 15.31 -4.21
C TYR D 106 -32.86 15.23 -2.76
N ALA D 107 -34.08 14.76 -2.56
CA ALA D 107 -34.66 14.71 -1.23
C ALA D 107 -35.59 13.52 -1.07
N MET D 108 -35.94 13.22 0.17
CA MET D 108 -36.85 12.12 0.47
C MET D 108 -38.26 12.64 0.66
N ASP D 109 -39.11 12.40 -0.33
CA ASP D 109 -40.47 12.94 -0.32
C ASP D 109 -41.51 11.94 0.19
N TYR D 110 -41.12 10.67 0.28
CA TYR D 110 -42.01 9.64 0.80
C TYR D 110 -41.27 8.69 1.73
N TRP D 111 -41.84 8.44 2.90
CA TRP D 111 -41.21 7.59 3.90
C TRP D 111 -42.09 6.40 4.27
N GLY D 112 -41.48 5.35 4.79
CA GLY D 112 -42.21 4.25 5.38
C GLY D 112 -42.46 4.54 6.85
N GLN D 113 -43.45 3.86 7.43
CA GLN D 113 -43.80 4.10 8.84
C GLN D 113 -42.66 3.79 9.80
N GLY D 114 -41.63 3.10 9.29
CA GLY D 114 -40.47 2.77 10.10
C GLY D 114 -40.59 1.43 10.81
N THR D 115 -39.46 0.81 11.10
CA THR D 115 -39.43 -0.49 11.76
C THR D 115 -38.67 -0.41 13.07
N SER D 116 -39.32 -0.82 14.16
CA SER D 116 -38.67 -0.83 15.47
C SER D 116 -37.96 -2.15 15.73
N VAL D 117 -36.63 -2.13 15.69
CA VAL D 117 -35.84 -3.32 15.97
C VAL D 117 -35.39 -3.33 17.42
N THR D 118 -35.60 -4.46 18.09
CA THR D 118 -35.20 -4.60 19.49
C THR D 118 -34.23 -5.75 19.68
N VAL D 119 -33.08 -5.47 20.27
CA VAL D 119 -32.07 -6.49 20.50
C VAL D 119 -31.91 -6.76 22.00
N SER D 120 -32.48 -7.87 22.45
CA SER D 120 -32.45 -8.22 23.86
C SER D 120 -32.51 -9.74 24.07
N SER D 121 -32.09 -10.19 25.24
CA SER D 121 -32.11 -11.61 25.56
C SER D 121 -33.39 -11.98 26.30
N ALA D 122 -34.17 -10.97 26.67
CA ALA D 122 -35.43 -11.18 27.38
C ALA D 122 -36.40 -12.02 26.55
N LYS D 123 -37.21 -12.82 27.23
CA LYS D 123 -38.15 -13.69 26.54
C LYS D 123 -39.54 -13.07 26.43
N THR D 124 -40.26 -13.45 25.39
CA THR D 124 -41.61 -12.95 25.15
C THR D 124 -42.54 -13.22 26.32
N THR D 125 -43.36 -12.23 26.66
CA THR D 125 -44.27 -12.34 27.79
C THR D 125 -45.60 -11.64 27.52
N ALA D 126 -46.71 -12.33 27.79
CA ALA D 126 -48.04 -11.76 27.61
C ALA D 126 -48.30 -10.70 28.67
N PRO D 127 -49.12 -9.69 28.32
CA PRO D 127 -49.41 -8.57 29.22
C PRO D 127 -50.56 -8.88 30.16
N SER D 128 -50.53 -8.28 31.36
CA SER D 128 -51.63 -8.39 32.30
C SER D 128 -52.42 -7.09 32.33
N VAL D 129 -53.66 -7.14 31.88
CA VAL D 129 -54.50 -5.95 31.78
C VAL D 129 -55.31 -5.72 33.05
N TYR D 130 -55.17 -4.54 33.64
CA TYR D 130 -55.84 -4.22 34.89
C TYR D 130 -56.71 -2.96 34.77
N PRO D 131 -58.00 -3.09 35.10
CA PRO D 131 -58.93 -1.95 35.06
C PRO D 131 -58.60 -0.94 36.15
N LEU D 132 -58.80 0.35 35.86
CA LEU D 132 -58.53 1.39 36.84
C LEU D 132 -59.77 2.25 37.08
N ALA D 133 -60.58 1.84 38.04
CA ALA D 133 -61.78 2.59 38.41
C ALA D 133 -61.46 3.59 39.50
N PRO D 134 -62.21 4.71 39.54
CA PRO D 134 -62.02 5.76 40.54
C PRO D 134 -62.12 5.23 41.97
N VAL D 135 -61.80 6.08 42.94
CA VAL D 135 -61.85 5.70 44.34
C VAL D 135 -63.28 5.46 44.80
N SER D 143 -66.67 15.78 35.20
CA SER D 143 -65.97 14.75 34.45
C SER D 143 -65.33 13.71 35.37
N VAL D 144 -65.36 12.45 34.92
CA VAL D 144 -64.71 11.37 35.65
C VAL D 144 -63.59 10.76 34.79
N THR D 145 -62.46 10.47 35.42
CA THR D 145 -61.33 9.91 34.70
C THR D 145 -61.13 8.43 35.00
N LEU D 146 -61.16 7.61 33.95
CA LEU D 146 -60.88 6.19 34.07
C LEU D 146 -59.49 5.90 33.51
N GLY D 147 -58.97 4.72 33.81
CA GLY D 147 -57.65 4.34 33.33
C GLY D 147 -57.54 2.86 33.03
N CYS D 148 -56.48 2.48 32.34
CA CYS D 148 -56.23 1.08 32.01
C CYS D 148 -54.74 0.78 32.09
N LEU D 149 -54.37 -0.07 33.05
CA LEU D 149 -52.96 -0.42 33.27
C LEU D 149 -52.59 -1.74 32.61
N VAL D 150 -51.52 -1.71 31.83
CA VAL D 150 -50.99 -2.91 31.18
C VAL D 150 -49.55 -3.13 31.60
N LYS D 151 -49.32 -4.19 32.38
CA LYS D 151 -47.99 -4.44 32.93
C LYS D 151 -47.50 -5.86 32.67
N GLY D 152 -46.18 -6.04 32.67
CA GLY D 152 -45.57 -7.35 32.58
C GLY D 152 -45.65 -7.99 31.20
N TYR D 153 -45.22 -7.27 30.18
CA TYR D 153 -45.22 -7.81 28.83
C TYR D 153 -43.92 -7.49 28.10
N PHE D 154 -43.65 -8.21 27.02
CA PHE D 154 -42.44 -8.03 26.24
C PHE D 154 -42.49 -8.86 24.96
N PRO D 155 -42.06 -8.26 23.85
CA PRO D 155 -41.57 -6.88 23.77
C PRO D 155 -42.62 -5.91 23.24
N GLU D 156 -42.21 -4.68 22.96
CA GLU D 156 -43.05 -3.70 22.30
C GLU D 156 -43.41 -4.25 20.93
N PRO D 157 -44.57 -3.84 20.37
CA PRO D 157 -45.55 -2.91 20.94
C PRO D 157 -46.83 -3.59 21.42
N VAL D 158 -47.72 -2.79 21.99
CA VAL D 158 -49.08 -3.21 22.26
C VAL D 158 -50.04 -2.23 21.61
N THR D 159 -51.31 -2.57 21.57
CA THR D 159 -52.32 -1.71 20.94
C THR D 159 -53.47 -1.45 21.91
N LEU D 160 -53.39 -0.34 22.63
CA LEU D 160 -54.43 0.01 23.59
C LEU D 160 -55.47 0.94 22.97
N THR D 161 -56.60 0.36 22.60
CA THR D 161 -57.74 1.13 22.12
C THR D 161 -58.82 1.07 23.19
N TRP D 162 -59.71 2.05 23.20
CA TRP D 162 -60.78 2.05 24.20
C TRP D 162 -62.04 1.33 23.73
N ASN D 163 -63.06 2.07 23.33
CA ASN D 163 -64.29 1.41 22.86
C ASN D 163 -64.20 0.93 21.43
N SER D 164 -63.25 0.03 21.16
CA SER D 164 -63.10 -0.60 19.87
C SER D 164 -62.85 0.41 18.77
N GLY D 165 -62.13 1.48 19.09
CA GLY D 165 -61.81 2.52 18.13
C GLY D 165 -62.54 3.80 18.45
N SER D 166 -63.83 3.69 18.70
CA SER D 166 -64.64 4.84 19.09
C SER D 166 -64.16 5.36 20.44
N LEU D 167 -64.58 6.58 20.78
CA LEU D 167 -64.12 7.21 22.02
C LEU D 167 -62.62 7.45 21.98
N SER D 168 -62.19 8.31 21.06
CA SER D 168 -60.77 8.63 20.91
C SER D 168 -60.42 9.91 21.67
N SER D 169 -61.44 10.74 21.91
CA SER D 169 -61.23 12.01 22.61
C SER D 169 -61.08 11.81 24.12
N GLY D 170 -60.20 12.59 24.73
CA GLY D 170 -59.99 12.54 26.17
C GLY D 170 -59.08 11.41 26.58
N VAL D 171 -58.47 10.77 25.60
CA VAL D 171 -57.58 9.64 25.85
C VAL D 171 -56.12 10.08 25.92
N HIS D 172 -55.38 9.48 26.84
CA HIS D 172 -53.94 9.72 26.95
C HIS D 172 -53.19 8.40 27.11
N THR D 173 -52.81 7.80 25.99
CA THR D 173 -52.02 6.58 26.02
C THR D 173 -50.54 6.93 26.14
N PHE D 174 -49.94 6.61 27.28
CA PHE D 174 -48.55 6.96 27.55
C PHE D 174 -47.60 5.94 26.94
N PRO D 175 -46.40 6.40 26.56
CA PRO D 175 -45.39 5.51 25.99
C PRO D 175 -44.91 4.49 27.02
N ALA D 176 -44.72 3.24 26.59
CA ALA D 176 -44.31 2.19 27.51
C ALA D 176 -42.96 2.48 28.15
N VAL D 177 -42.67 1.79 29.25
CA VAL D 177 -41.40 1.95 29.96
C VAL D 177 -40.83 0.60 30.36
N LEU D 178 -39.60 0.33 29.90
CA LEU D 178 -38.94 -0.94 30.18
C LEU D 178 -38.30 -0.96 31.57
N GLN D 179 -38.53 -2.03 32.30
CA GLN D 179 -37.92 -2.20 33.62
C GLN D 179 -37.81 -3.67 33.97
N SER D 180 -36.58 -4.15 34.14
CA SER D 180 -36.33 -5.55 34.45
C SER D 180 -36.80 -6.47 33.33
N ASP D 181 -36.59 -6.04 32.09
CA ASP D 181 -36.94 -6.82 30.91
C ASP D 181 -38.44 -7.06 30.77
N LEU D 182 -39.24 -6.16 31.34
CA LEU D 182 -40.70 -6.21 31.22
C LEU D 182 -41.28 -4.82 31.06
N TYR D 183 -42.06 -4.62 30.00
CA TYR D 183 -42.65 -3.31 29.72
C TYR D 183 -43.88 -3.01 30.56
N THR D 184 -44.14 -1.73 30.77
CA THR D 184 -45.32 -1.29 31.51
C THR D 184 -45.98 -0.10 30.79
N LEU D 185 -47.28 -0.23 30.53
CA LEU D 185 -48.02 0.78 29.80
C LEU D 185 -49.26 1.20 30.58
N SER D 186 -49.72 2.42 30.34
CA SER D 186 -50.94 2.90 30.98
C SER D 186 -51.66 3.89 30.07
N SER D 187 -52.96 4.04 30.29
CA SER D 187 -53.77 4.94 29.47
C SER D 187 -54.99 5.44 30.24
N SER D 188 -55.22 6.74 30.18
CA SER D 188 -56.39 7.34 30.84
C SER D 188 -57.44 7.70 29.80
N VAL D 189 -58.70 7.76 30.24
CA VAL D 189 -59.79 8.20 29.39
C VAL D 189 -60.77 9.04 30.19
N THR D 190 -60.85 10.32 29.83
CA THR D 190 -61.71 11.25 30.56
C THR D 190 -63.06 11.43 29.88
N VAL D 191 -64.12 11.14 30.60
CA VAL D 191 -65.48 11.24 30.07
C VAL D 191 -66.37 12.00 31.05
N THR D 192 -67.56 12.37 30.59
CA THR D 192 -68.52 13.08 31.44
C THR D 192 -69.00 12.19 32.58
N SER D 193 -69.25 12.80 33.73
CA SER D 193 -69.75 12.07 34.90
C SER D 193 -71.07 11.38 34.60
N SER D 194 -71.85 11.99 33.70
CA SER D 194 -73.16 11.46 33.33
C SER D 194 -73.04 10.30 32.34
N THR D 195 -71.84 10.10 31.81
CA THR D 195 -71.59 9.07 30.81
C THR D 195 -71.12 7.76 31.46
N TRP D 196 -70.60 7.86 32.69
CA TRP D 196 -70.10 6.69 33.39
C TRP D 196 -70.47 6.72 34.87
N PRO D 197 -70.83 5.56 35.44
CA PRO D 197 -70.89 4.25 34.78
C PRO D 197 -72.17 4.06 33.97
N SER D 198 -72.91 5.14 33.72
CA SER D 198 -74.16 5.07 32.96
C SER D 198 -73.97 4.26 31.68
N GLN D 199 -72.91 4.57 30.94
CA GLN D 199 -72.61 3.87 29.70
C GLN D 199 -71.39 2.97 29.88
N SER D 200 -71.25 2.00 28.97
CA SER D 200 -70.15 1.06 29.05
C SER D 200 -68.86 1.63 28.48
N ILE D 201 -67.75 1.37 29.16
CA ILE D 201 -66.43 1.80 28.70
C ILE D 201 -65.42 0.66 28.85
N THR D 202 -65.08 0.03 27.74
CA THR D 202 -64.18 -1.12 27.75
C THR D 202 -62.77 -0.75 27.26
N CYS D 203 -61.78 -1.45 27.79
CA CYS D 203 -60.39 -1.23 27.42
C CYS D 203 -59.85 -2.38 26.58
N ASN D 204 -59.35 -2.07 25.39
CA ASN D 204 -58.83 -3.09 24.49
C ASN D 204 -57.31 -3.05 24.38
N VAL D 205 -56.65 -4.14 24.80
CA VAL D 205 -55.20 -4.22 24.75
C VAL D 205 -54.74 -5.38 23.88
N ALA D 206 -53.94 -5.09 22.88
CA ALA D 206 -53.48 -6.11 21.95
C ALA D 206 -51.96 -6.30 21.99
N HIS D 207 -51.53 -7.54 22.07
CA HIS D 207 -50.10 -7.85 22.08
C HIS D 207 -49.76 -8.85 20.97
N PRO D 208 -49.11 -8.37 19.90
CA PRO D 208 -48.73 -9.18 18.74
C PRO D 208 -47.93 -10.43 19.11
N ALA D 209 -46.96 -10.29 20.01
CA ALA D 209 -46.09 -11.40 20.39
C ALA D 209 -46.84 -12.54 21.08
N SER D 210 -47.89 -12.20 21.83
CA SER D 210 -48.65 -13.21 22.56
C SER D 210 -50.16 -13.18 22.23
N SER D 211 -50.94 -12.51 23.07
CA SER D 211 -52.39 -12.50 22.92
C SER D 211 -53.05 -11.19 23.36
N THR D 212 -54.31 -11.02 22.97
CA THR D 212 -55.07 -9.79 23.21
C THR D 212 -56.18 -9.95 24.25
N LYS D 213 -56.31 -8.97 25.13
CA LYS D 213 -57.32 -9.00 26.18
C LYS D 213 -58.29 -7.81 26.08
N VAL D 214 -59.49 -8.00 26.60
CA VAL D 214 -60.52 -6.96 26.59
C VAL D 214 -61.30 -6.98 27.90
N ASP D 215 -61.13 -5.93 28.71
CA ASP D 215 -61.82 -5.87 30.00
C ASP D 215 -62.60 -4.57 30.20
N LYS D 216 -63.71 -4.67 30.93
CA LYS D 216 -64.64 -3.56 31.08
C LYS D 216 -64.41 -2.80 32.39
N LYS D 217 -64.61 -1.48 32.35
CA LYS D 217 -64.48 -0.65 33.55
C LYS D 217 -65.79 -0.61 34.33
N ILE D 218 -65.97 -1.60 35.21
CA ILE D 218 -67.20 -1.67 36.01
C ILE D 218 -67.01 -0.94 37.35
N GLU D 219 -67.98 -1.10 38.24
CA GLU D 219 -68.03 -0.34 39.48
C GLU D 219 -68.19 1.15 39.17
N ASP E 1 9.87 -14.39 13.69
CA ASP E 1 10.49 -14.83 14.94
C ASP E 1 10.55 -16.34 15.04
N ILE E 2 11.68 -16.85 15.54
CA ILE E 2 11.83 -18.27 15.79
C ILE E 2 11.67 -18.55 17.28
N VAL E 3 10.50 -19.02 17.69
CA VAL E 3 10.24 -19.28 19.09
C VAL E 3 10.92 -20.57 19.56
N LEU E 4 11.60 -20.49 20.70
CA LEU E 4 12.27 -21.65 21.28
C LEU E 4 11.53 -22.10 22.52
N THR E 5 11.17 -23.38 22.56
CA THR E 5 10.45 -23.94 23.69
C THR E 5 11.32 -24.96 24.42
N GLN E 6 11.69 -24.64 25.65
CA GLN E 6 12.51 -25.54 26.45
C GLN E 6 11.65 -26.49 27.27
N SER E 7 12.26 -27.60 27.70
CA SER E 7 11.55 -28.60 28.48
C SER E 7 12.53 -29.49 29.25
N PRO E 8 12.26 -29.69 30.55
CA PRO E 8 11.10 -29.13 31.25
C PRO E 8 11.37 -27.70 31.69
N ALA E 9 10.39 -27.08 32.34
CA ALA E 9 10.57 -25.74 32.88
C ALA E 9 11.38 -25.84 34.18
N SER E 10 11.16 -26.93 34.91
CA SER E 10 11.90 -27.19 36.15
C SER E 10 12.42 -28.63 36.13
N LEU E 11 13.53 -28.85 36.82
CA LEU E 11 14.19 -30.15 36.81
C LEU E 11 14.98 -30.38 38.09
N ALA E 12 14.85 -31.58 38.65
CA ALA E 12 15.59 -31.95 39.85
C ALA E 12 16.41 -33.22 39.62
N VAL E 13 17.70 -33.14 39.94
CA VAL E 13 18.60 -34.26 39.72
C VAL E 13 19.60 -34.45 40.88
N SER E 14 20.04 -35.68 41.09
CA SER E 14 20.97 -35.99 42.17
C SER E 14 22.42 -35.69 41.78
N LEU E 15 23.31 -35.72 42.76
CA LEU E 15 24.70 -35.29 42.54
C LEU E 15 25.50 -36.18 41.60
N GLY E 16 24.97 -37.35 41.27
CA GLY E 16 25.66 -38.25 40.37
C GLY E 16 24.97 -38.38 39.03
N GLN E 17 23.69 -38.06 39.00
CA GLN E 17 22.85 -38.29 37.82
C GLN E 17 23.05 -37.29 36.69
N ARG E 18 22.34 -37.53 35.59
CA ARG E 18 22.42 -36.69 34.40
C ARG E 18 21.20 -35.79 34.28
N ALA E 19 21.44 -34.53 33.91
CA ALA E 19 20.37 -33.58 33.69
C ALA E 19 20.23 -33.36 32.19
N THR E 20 18.99 -33.40 31.70
CA THR E 20 18.75 -33.24 30.27
C THR E 20 17.68 -32.20 29.96
N ILE E 21 18.10 -31.09 29.35
CA ILE E 21 17.15 -30.07 28.90
C ILE E 21 17.02 -30.19 27.38
N SER E 22 15.84 -29.89 26.85
CA SER E 22 15.62 -29.93 25.41
C SER E 22 15.10 -28.60 24.88
N CYS E 23 15.49 -28.25 23.67
CA CYS E 23 15.05 -27.00 23.05
C CYS E 23 14.46 -27.28 21.67
N LYS E 24 13.19 -26.94 21.49
CA LYS E 24 12.50 -27.16 20.23
C LYS E 24 12.25 -25.85 19.50
N ALA E 25 12.84 -25.71 18.32
CA ALA E 25 12.70 -24.49 17.53
C ALA E 25 11.50 -24.55 16.59
N SER E 26 10.85 -23.41 16.39
CA SER E 26 9.68 -23.34 15.52
C SER E 26 10.07 -23.62 14.07
N GLN E 27 11.35 -23.39 13.75
CA GLN E 27 11.85 -23.66 12.42
C GLN E 27 13.36 -23.91 12.47
N SER E 28 13.90 -24.51 11.41
CA SER E 28 15.32 -24.86 11.37
C SER E 28 16.22 -23.67 11.67
N VAL E 29 17.28 -23.93 12.43
CA VAL E 29 18.27 -22.91 12.75
C VAL E 29 19.62 -23.26 12.12
N ASP E 30 19.59 -24.24 11.21
CA ASP E 30 20.80 -24.67 10.52
C ASP E 30 21.10 -23.77 9.31
N TYR E 31 22.35 -23.75 8.90
CA TYR E 31 22.76 -23.00 7.72
C TYR E 31 24.14 -23.43 7.23
N ASP E 32 24.17 -24.04 6.05
CA ASP E 32 25.43 -24.40 5.40
C ASP E 32 26.34 -25.21 6.32
N GLY E 33 25.79 -26.23 6.97
CA GLY E 33 26.58 -27.16 7.75
C GLY E 33 26.68 -26.85 9.24
N ASP E 34 26.26 -25.65 9.64
CA ASP E 34 26.35 -25.27 11.04
C ASP E 34 24.98 -25.10 11.66
N SER E 35 24.90 -25.35 12.97
CA SER E 35 23.65 -25.22 13.69
C SER E 35 23.78 -24.10 14.72
N TYR E 36 23.12 -22.99 14.46
CA TYR E 36 23.27 -21.80 15.30
C TYR E 36 22.39 -21.82 16.54
N MET E 37 22.59 -22.86 17.35
CA MET E 37 21.93 -22.97 18.64
C MET E 37 22.99 -22.80 19.73
N ASN E 38 22.69 -21.97 20.72
CA ASN E 38 23.63 -21.72 21.81
C ASN E 38 22.99 -21.99 23.17
N TRP E 39 23.83 -22.29 24.17
CA TRP E 39 23.36 -22.59 25.52
C TRP E 39 24.03 -21.69 26.56
N TYR E 40 23.22 -21.18 27.48
CA TYR E 40 23.73 -20.30 28.53
C TYR E 40 23.35 -20.76 29.93
N GLN E 41 24.23 -20.49 30.89
CA GLN E 41 23.96 -20.79 32.28
C GLN E 41 23.90 -19.48 33.06
N GLN E 42 22.82 -19.29 33.81
CA GLN E 42 22.69 -18.06 34.59
C GLN E 42 22.45 -18.34 36.07
N LYS E 43 23.45 -18.03 36.89
CA LYS E 43 23.30 -18.10 38.33
C LYS E 43 22.64 -16.82 38.82
N PRO E 44 21.87 -16.91 39.90
CA PRO E 44 21.15 -15.73 40.41
C PRO E 44 22.11 -14.58 40.73
N GLY E 45 21.79 -13.39 40.23
CA GLY E 45 22.55 -12.20 40.55
C GLY E 45 23.64 -11.85 39.56
N GLN E 46 23.89 -12.74 38.59
CA GLN E 46 24.94 -12.49 37.61
C GLN E 46 24.49 -12.80 36.17
N PRO E 47 25.21 -12.28 35.18
CA PRO E 47 24.84 -12.45 33.77
C PRO E 47 24.98 -13.89 33.31
N PRO E 48 24.31 -14.24 32.21
CA PRO E 48 24.40 -15.58 31.60
C PRO E 48 25.83 -15.91 31.20
N LYS E 49 26.14 -17.21 31.14
CA LYS E 49 27.47 -17.68 30.84
C LYS E 49 27.41 -18.65 29.66
N LEU E 50 28.23 -18.41 28.65
CA LEU E 50 28.23 -19.24 27.45
C LEU E 50 28.79 -20.62 27.72
N LEU E 51 27.93 -21.64 27.62
CA LEU E 51 28.34 -23.03 27.80
C LEU E 51 28.64 -23.69 26.46
N ILE E 52 27.67 -23.66 25.57
CA ILE E 52 27.79 -24.31 24.28
C ILE E 52 27.45 -23.35 23.15
N TYR E 53 28.23 -23.39 22.08
CA TYR E 53 27.92 -22.66 20.86
C TYR E 53 27.93 -23.62 19.68
N GLY E 54 27.17 -23.30 18.64
CA GLY E 54 27.08 -24.16 17.48
C GLY E 54 26.46 -25.50 17.81
N ALA E 55 25.64 -25.52 18.86
CA ALA E 55 24.89 -26.71 19.25
C ALA E 55 25.73 -27.79 19.93
N SER E 56 26.92 -28.07 19.39
CA SER E 56 27.74 -29.16 19.89
C SER E 56 29.14 -28.74 20.32
N ASN E 57 29.43 -27.45 20.25
CA ASN E 57 30.77 -26.95 20.59
C ASN E 57 30.88 -26.43 22.01
N LEU E 58 31.78 -27.02 22.78
CA LEU E 58 31.99 -26.63 24.17
C LEU E 58 32.83 -25.37 24.27
N GLU E 59 32.27 -24.32 24.88
CA GLU E 59 32.99 -23.07 25.06
C GLU E 59 34.21 -23.26 25.95
N SER E 60 35.31 -22.60 25.59
CA SER E 60 36.55 -22.72 26.35
C SER E 60 36.37 -22.26 27.80
N GLY E 61 36.76 -23.12 28.73
CA GLY E 61 36.65 -22.81 30.15
C GLY E 61 35.54 -23.58 30.83
N ILE E 62 34.61 -24.10 30.03
CA ILE E 62 33.48 -24.85 30.54
C ILE E 62 33.86 -26.33 30.71
N PRO E 63 33.51 -26.92 31.86
CA PRO E 63 33.79 -28.32 32.16
C PRO E 63 33.18 -29.26 31.11
N ALA E 64 33.86 -30.36 30.83
CA ALA E 64 33.40 -31.34 29.85
C ALA E 64 32.11 -32.03 30.27
N ARG E 65 31.67 -31.77 31.50
CA ARG E 65 30.41 -32.30 31.99
C ARG E 65 29.25 -31.78 31.15
N PHE E 66 29.44 -30.59 30.59
CA PHE E 66 28.46 -29.99 29.70
C PHE E 66 28.72 -30.41 28.26
N SER E 67 27.69 -30.90 27.60
CA SER E 67 27.79 -31.30 26.20
C SER E 67 26.52 -30.91 25.45
N GLY E 68 26.68 -30.59 24.17
CA GLY E 68 25.56 -30.21 23.34
C GLY E 68 25.35 -31.15 22.17
N SER E 69 24.13 -31.22 21.68
CA SER E 69 23.80 -32.08 20.55
C SER E 69 22.52 -31.63 19.88
N GLY E 70 22.24 -32.20 18.71
CA GLY E 70 21.02 -31.89 17.98
C GLY E 70 21.27 -31.04 16.75
N SER E 71 20.24 -30.89 15.93
CA SER E 71 20.30 -30.07 14.73
C SER E 71 18.90 -29.77 14.21
N GLY E 72 18.82 -28.90 13.22
CA GLY E 72 17.53 -28.52 12.65
C GLY E 72 16.69 -27.74 13.64
N THR E 73 15.79 -28.45 14.32
CA THR E 73 14.89 -27.83 15.28
C THR E 73 14.97 -28.48 16.65
N ASP E 74 15.63 -29.63 16.73
CA ASP E 74 15.75 -30.36 17.98
C ASP E 74 17.13 -30.24 18.60
N PHE E 75 17.18 -29.89 19.88
CA PHE E 75 18.45 -29.76 20.60
C PHE E 75 18.28 -30.19 22.06
N THR E 76 19.37 -30.67 22.65
CA THR E 76 19.35 -31.06 24.06
C THR E 76 20.64 -30.67 24.77
N LEU E 77 20.51 -30.07 25.95
CA LEU E 77 21.65 -29.78 26.80
C LEU E 77 21.86 -30.92 27.79
N ASN E 78 23.10 -31.40 27.88
CA ASN E 78 23.42 -32.50 28.80
C ASN E 78 24.45 -32.11 29.86
N ILE E 79 24.08 -32.31 31.12
CA ILE E 79 24.99 -32.10 32.23
C ILE E 79 25.20 -33.41 32.96
N HIS E 80 26.43 -33.93 32.90
CA HIS E 80 26.75 -35.20 33.54
C HIS E 80 28.23 -35.37 33.80
N PRO E 81 28.59 -35.64 35.06
CA PRO E 81 27.62 -35.73 36.16
C PRO E 81 27.27 -34.37 36.74
N VAL E 82 26.07 -34.25 37.32
CA VAL E 82 25.61 -33.01 37.92
C VAL E 82 26.34 -32.72 39.23
N GLU E 83 26.62 -31.45 39.49
CA GLU E 83 27.29 -31.04 40.71
C GLU E 83 26.52 -29.93 41.43
N GLU E 84 26.82 -29.72 42.69
CA GLU E 84 26.10 -28.75 43.50
C GLU E 84 26.11 -27.37 42.88
N GLU E 85 27.19 -27.04 42.17
CA GLU E 85 27.35 -25.71 41.58
C GLU E 85 26.60 -25.58 40.27
N ASP E 86 26.01 -26.66 39.78
CA ASP E 86 25.25 -26.62 38.54
C ASP E 86 23.86 -26.05 38.76
N ALA E 87 23.57 -25.67 40.00
CA ALA E 87 22.27 -25.08 40.33
C ALA E 87 22.14 -23.70 39.69
N ALA E 88 21.31 -23.62 38.65
CA ALA E 88 21.09 -22.37 37.93
C ALA E 88 19.99 -22.53 36.89
N THR E 89 19.66 -21.44 36.20
CA THR E 89 18.71 -21.48 35.11
C THR E 89 19.45 -21.55 33.78
N TYR E 90 18.97 -22.41 32.88
CA TYR E 90 19.65 -22.61 31.60
C TYR E 90 18.79 -22.17 30.42
N TYR E 91 19.40 -21.44 29.49
CA TYR E 91 18.68 -20.92 28.33
C TYR E 91 19.29 -21.42 27.03
N CYS E 92 18.43 -21.77 26.08
CA CYS E 92 18.86 -22.03 24.71
C CYS E 92 18.60 -20.77 23.90
N GLN E 93 19.47 -20.50 22.92
CA GLN E 93 19.34 -19.28 22.14
C GLN E 93 19.76 -19.50 20.68
N GLN E 94 18.95 -19.00 19.77
CA GLN E 94 19.24 -19.14 18.34
C GLN E 94 19.80 -17.85 17.74
N SER E 95 20.76 -17.99 16.83
CA SER E 95 21.39 -16.85 16.18
C SER E 95 21.24 -16.95 14.66
N ASN E 96 20.24 -17.71 14.21
CA ASN E 96 20.04 -17.94 12.79
C ASN E 96 19.55 -16.69 12.06
N GLU E 97 18.59 -15.99 12.66
CA GLU E 97 18.02 -14.80 12.05
C GLU E 97 17.51 -13.82 13.09
N ASP E 98 17.51 -12.53 12.73
CA ASP E 98 16.96 -11.49 13.59
C ASP E 98 15.44 -11.62 13.66
N PRO E 99 14.87 -11.45 14.86
CA PRO E 99 15.62 -11.12 16.08
C PRO E 99 16.08 -12.37 16.81
N TYR E 100 17.14 -12.23 17.61
CA TYR E 100 17.59 -13.33 18.46
C TYR E 100 16.54 -13.64 19.51
N THR E 101 16.37 -14.92 19.80
CA THR E 101 15.34 -15.34 20.75
C THR E 101 15.90 -16.36 21.74
N PHE E 102 15.37 -16.33 22.96
CA PHE E 102 15.79 -17.27 24.00
C PHE E 102 14.64 -18.21 24.36
N GLY E 103 15.00 -19.37 24.91
CA GLY E 103 14.00 -20.28 25.43
C GLY E 103 13.51 -19.82 26.78
N GLY E 104 12.40 -20.38 27.23
CA GLY E 104 11.82 -20.01 28.52
C GLY E 104 12.80 -20.17 29.67
N GLY E 105 13.77 -21.06 29.52
CA GLY E 105 14.74 -21.32 30.57
C GLY E 105 14.31 -22.45 31.47
N THR E 106 15.28 -23.24 31.93
CA THR E 106 15.00 -24.36 32.80
C THR E 106 15.77 -24.23 34.11
N LYS E 107 15.04 -24.10 35.22
CA LYS E 107 15.67 -24.02 36.53
C LYS E 107 16.10 -25.42 36.98
N LEU E 108 17.40 -25.59 37.20
CA LEU E 108 17.93 -26.87 37.62
C LEU E 108 18.11 -26.92 39.13
N GLU E 109 17.39 -27.81 39.78
CA GLU E 109 17.50 -28.00 41.22
C GLU E 109 18.36 -29.23 41.53
N ILE E 110 19.34 -29.04 42.41
CA ILE E 110 20.21 -30.14 42.83
C ILE E 110 19.62 -30.85 44.04
N LYS E 111 19.25 -32.11 43.88
CA LYS E 111 18.63 -32.88 44.95
C LYS E 111 19.64 -33.28 46.02
N ARG E 112 19.30 -32.99 47.27
CA ARG E 112 20.13 -33.38 48.41
C ARG E 112 19.27 -34.11 49.43
N ALA E 113 19.89 -34.53 50.53
CA ALA E 113 19.16 -35.16 51.62
C ALA E 113 18.30 -34.11 52.32
N ASP E 114 17.14 -34.52 52.80
CA ASP E 114 16.24 -33.61 53.50
C ASP E 114 16.94 -32.98 54.70
N ALA E 115 16.47 -31.81 55.11
CA ALA E 115 17.06 -31.09 56.22
C ALA E 115 16.10 -30.05 56.80
N ALA E 116 15.88 -30.13 58.11
CA ALA E 116 14.98 -29.21 58.79
C ALA E 116 15.58 -27.80 58.89
N PRO E 117 14.73 -26.78 58.92
CA PRO E 117 15.16 -25.38 59.01
C PRO E 117 15.75 -25.06 60.39
N THR E 118 16.85 -24.32 60.41
CA THR E 118 17.42 -23.86 61.67
C THR E 118 16.76 -22.54 62.06
N VAL E 119 15.60 -22.65 62.70
CA VAL E 119 14.78 -21.48 63.01
C VAL E 119 15.34 -20.64 64.14
N SER E 120 15.29 -19.32 63.97
CA SER E 120 15.75 -18.37 64.97
C SER E 120 14.84 -17.15 65.01
N ILE E 121 14.43 -16.75 66.21
CA ILE E 121 13.54 -15.61 66.36
C ILE E 121 14.25 -14.45 67.05
N PHE E 122 13.99 -13.23 66.58
CA PHE E 122 14.68 -12.05 67.08
C PHE E 122 13.72 -10.94 67.50
N PRO E 123 13.74 -10.57 68.79
CA PRO E 123 12.92 -9.47 69.30
C PRO E 123 13.31 -8.15 68.67
N PRO E 124 12.36 -7.20 68.60
CA PRO E 124 12.60 -5.88 68.01
C PRO E 124 13.82 -5.19 68.64
N SER E 125 14.63 -4.56 67.81
CA SER E 125 15.84 -3.87 68.28
C SER E 125 15.47 -2.73 69.24
N SER E 126 16.37 -2.42 70.16
CA SER E 126 16.16 -1.34 71.10
C SER E 126 16.15 0.00 70.37
N GLU E 127 16.93 0.07 69.29
CA GLU E 127 17.02 1.29 68.49
C GLU E 127 15.77 1.48 67.65
N GLN E 128 15.14 0.36 67.27
CA GLN E 128 13.93 0.40 66.46
C GLN E 128 12.72 0.79 67.32
N LEU E 129 12.65 0.24 68.52
CA LEU E 129 11.55 0.54 69.43
C LEU E 129 11.43 2.05 69.67
N THR E 130 12.55 2.67 70.03
CA THR E 130 12.58 4.12 70.27
C THR E 130 12.20 4.88 69.00
N SER E 131 12.49 4.28 67.85
CA SER E 131 12.21 4.91 66.56
C SER E 131 10.71 5.06 66.31
N GLY E 132 9.91 4.27 67.02
CA GLY E 132 8.47 4.33 66.88
C GLY E 132 7.87 3.10 66.22
N GLY E 133 8.74 2.28 65.62
CA GLY E 133 8.32 1.06 64.98
C GLY E 133 8.95 -0.16 65.63
N ALA E 134 8.24 -1.28 65.61
CA ALA E 134 8.73 -2.51 66.20
C ALA E 134 8.42 -3.71 65.32
N SER E 135 9.46 -4.47 64.96
CA SER E 135 9.28 -5.65 64.11
C SER E 135 10.09 -6.84 64.61
N VAL E 136 9.55 -8.04 64.40
CA VAL E 136 10.19 -9.27 64.85
C VAL E 136 10.63 -10.12 63.65
N VAL E 137 11.92 -10.45 63.62
CA VAL E 137 12.48 -11.25 62.53
C VAL E 137 12.56 -12.73 62.91
N CYS E 138 12.41 -13.60 61.91
CA CYS E 138 12.46 -15.03 62.15
C CYS E 138 13.16 -15.74 60.98
N PHE E 139 14.43 -16.07 61.16
CA PHE E 139 15.21 -16.73 60.11
C PHE E 139 15.00 -18.24 60.09
N LEU E 140 14.76 -18.77 58.89
CA LEU E 140 14.70 -20.22 58.68
C LEU E 140 15.78 -20.61 57.67
N ASN E 141 16.89 -21.11 58.18
CA ASN E 141 18.09 -21.30 57.35
C ASN E 141 18.45 -22.74 57.01
N ASN E 142 19.01 -22.91 55.82
CA ASN E 142 19.58 -24.19 55.38
C ASN E 142 18.62 -25.37 55.50
N PHE E 143 17.58 -25.36 54.67
CA PHE E 143 16.60 -26.45 54.68
C PHE E 143 16.36 -27.02 53.29
N TYR E 144 15.79 -28.22 53.24
CA TYR E 144 15.46 -28.88 51.98
C TYR E 144 14.50 -30.02 52.28
N PRO E 145 13.49 -30.25 51.41
CA PRO E 145 13.20 -29.54 50.16
C PRO E 145 12.88 -28.06 50.35
N LYS E 146 12.62 -27.38 49.24
CA LYS E 146 12.39 -25.94 49.24
C LYS E 146 11.03 -25.54 49.82
N ASP E 147 10.06 -26.44 49.72
CA ASP E 147 8.71 -26.16 50.18
C ASP E 147 8.63 -25.99 51.69
N ILE E 148 8.12 -24.84 52.12
CA ILE E 148 8.02 -24.54 53.55
C ILE E 148 7.10 -23.34 53.79
N ASN E 149 6.41 -23.34 54.92
CA ASN E 149 5.49 -22.27 55.27
C ASN E 149 5.68 -21.82 56.72
N VAL E 150 5.39 -20.54 57.00
CA VAL E 150 5.50 -20.00 58.34
C VAL E 150 4.20 -19.35 58.81
N LYS E 151 3.88 -19.53 60.08
CA LYS E 151 2.71 -18.89 60.67
C LYS E 151 3.10 -18.08 61.89
N TRP E 152 2.77 -16.78 61.87
CA TRP E 152 3.01 -15.93 63.03
C TRP E 152 1.84 -16.01 63.99
N LYS E 153 2.14 -16.20 65.27
CA LYS E 153 1.11 -16.29 66.31
C LYS E 153 1.37 -15.30 67.45
N ILE E 154 0.40 -14.43 67.70
CA ILE E 154 0.48 -13.50 68.81
C ILE E 154 -0.52 -13.89 69.89
N ASP E 155 -0.02 -14.33 71.04
CA ASP E 155 -0.86 -14.78 72.14
C ASP E 155 -1.74 -15.96 71.71
N GLY E 156 -1.20 -16.83 70.87
CA GLY E 156 -1.92 -18.00 70.41
C GLY E 156 -2.83 -17.73 69.23
N SER E 157 -2.89 -16.47 68.80
CA SER E 157 -3.75 -16.07 67.69
C SER E 157 -2.94 -15.88 66.41
N GLU E 158 -3.44 -16.41 65.30
CA GLU E 158 -2.76 -16.28 64.02
C GLU E 158 -2.64 -14.80 63.62
N ARG E 159 -1.58 -14.48 62.89
CA ARG E 159 -1.33 -13.11 62.47
C ARG E 159 -0.73 -13.09 61.06
N GLN E 160 -1.47 -12.54 60.10
CA GLN E 160 -1.01 -12.46 58.73
C GLN E 160 -0.78 -11.01 58.28
N ASN E 161 -1.27 -10.09 59.09
CA ASN E 161 -1.16 -8.66 58.77
C ASN E 161 0.21 -8.07 59.09
N GLY E 162 0.92 -7.62 58.06
CA GLY E 162 2.22 -6.99 58.26
C GLY E 162 3.38 -7.97 58.20
N VAL E 163 3.26 -8.99 57.38
CA VAL E 163 4.29 -10.02 57.26
C VAL E 163 5.05 -9.91 55.94
N LEU E 164 6.38 -9.93 56.02
CA LEU E 164 7.22 -9.92 54.82
C LEU E 164 8.14 -11.14 54.77
N ASN E 165 8.08 -11.87 53.66
CA ASN E 165 8.95 -13.03 53.47
C ASN E 165 9.94 -12.84 52.33
N SER E 166 11.00 -13.63 52.34
CA SER E 166 12.04 -13.55 51.32
C SER E 166 12.88 -14.82 51.30
N TRP E 167 12.92 -15.46 50.14
CA TRP E 167 13.68 -16.70 49.98
C TRP E 167 14.99 -16.43 49.24
N THR E 168 15.98 -17.30 49.45
CA THR E 168 17.21 -17.26 48.67
C THR E 168 17.18 -18.41 47.67
N ASP E 169 17.88 -18.26 46.56
CA ASP E 169 18.00 -19.33 45.59
C ASP E 169 18.83 -20.47 46.17
N GLN E 170 18.73 -21.64 45.56
CA GLN E 170 19.44 -22.81 46.05
C GLN E 170 20.93 -22.52 46.14
N ASP E 171 21.53 -22.89 47.27
CA ASP E 171 22.94 -22.62 47.51
C ASP E 171 23.81 -23.37 46.51
N SER E 172 24.86 -22.69 46.03
CA SER E 172 25.79 -23.31 45.10
C SER E 172 26.73 -24.27 45.81
N LYS E 173 26.72 -24.23 47.14
CA LYS E 173 27.63 -25.02 47.94
C LYS E 173 26.97 -26.26 48.55
N ASP E 174 25.96 -26.04 49.37
CA ASP E 174 25.29 -27.13 50.08
C ASP E 174 23.89 -27.43 49.53
N SER E 175 23.51 -26.72 48.48
CA SER E 175 22.24 -26.96 47.78
C SER E 175 21.00 -26.88 48.66
N THR E 176 21.04 -26.02 49.68
CA THR E 176 19.88 -25.84 50.57
C THR E 176 19.19 -24.51 50.29
N TYR E 177 18.16 -24.22 51.08
CA TYR E 177 17.40 -22.99 50.94
C TYR E 177 17.29 -22.25 52.27
N SER E 178 17.00 -20.95 52.19
CA SER E 178 16.85 -20.13 53.39
C SER E 178 15.73 -19.10 53.21
N MET E 179 15.07 -18.75 54.32
CA MET E 179 13.96 -17.81 54.29
C MET E 179 14.01 -16.83 55.45
N SER E 180 13.51 -15.62 55.22
CA SER E 180 13.45 -14.60 56.27
C SER E 180 12.06 -13.98 56.38
N SER E 181 11.39 -14.24 57.49
CA SER E 181 10.08 -13.67 57.73
C SER E 181 10.20 -12.49 58.70
N THR E 182 9.44 -11.43 58.44
CA THR E 182 9.54 -10.22 59.25
C THR E 182 8.17 -9.63 59.57
N LEU E 183 7.72 -9.83 60.81
CA LEU E 183 6.46 -9.27 61.28
C LEU E 183 6.67 -7.85 61.82
N THR E 184 6.09 -6.87 61.15
CA THR E 184 6.24 -5.47 61.56
C THR E 184 4.99 -4.94 62.23
N LEU E 185 5.18 -4.19 63.32
CA LEU E 185 4.07 -3.62 64.08
C LEU E 185 4.45 -2.23 64.59
N THR E 186 3.48 -1.53 65.15
CA THR E 186 3.76 -0.25 65.80
C THR E 186 4.26 -0.51 67.21
N LYS E 187 4.98 0.46 67.78
CA LYS E 187 5.59 0.28 69.09
C LYS E 187 4.55 -0.06 70.16
N ASP E 188 3.54 0.81 70.30
CA ASP E 188 2.53 0.63 71.35
C ASP E 188 1.68 -0.62 71.15
N GLU E 189 1.60 -1.10 69.91
CA GLU E 189 0.86 -2.33 69.63
C GLU E 189 1.70 -3.54 69.99
N TYR E 190 3.01 -3.44 69.79
CA TYR E 190 3.93 -4.51 70.16
C TYR E 190 3.97 -4.70 71.67
N GLU E 191 4.09 -3.59 72.40
CA GLU E 191 4.13 -3.64 73.86
C GLU E 191 2.72 -3.67 74.45
N ARG E 192 1.80 -4.31 73.74
CA ARG E 192 0.42 -4.46 74.19
C ARG E 192 0.04 -5.93 74.18
N HIS E 193 1.02 -6.80 73.92
CA HIS E 193 0.77 -8.23 73.86
C HIS E 193 1.77 -9.03 74.69
N ASN E 194 1.39 -10.25 75.05
CA ASN E 194 2.18 -11.09 75.94
C ASN E 194 3.45 -11.64 75.31
N SER E 195 3.30 -12.48 74.28
CA SER E 195 4.44 -13.14 73.67
C SER E 195 4.28 -13.30 72.15
N TYR E 196 5.39 -13.61 71.48
CA TYR E 196 5.41 -13.74 70.03
C TYR E 196 6.03 -15.07 69.60
N THR E 197 5.40 -15.71 68.61
CA THR E 197 5.83 -17.04 68.17
C THR E 197 5.75 -17.18 66.66
N CYS E 198 6.82 -17.73 66.06
CA CYS E 198 6.81 -18.04 64.64
C CYS E 198 6.90 -19.55 64.41
N GLU E 199 5.92 -20.08 63.68
CA GLU E 199 5.82 -21.52 63.46
C GLU E 199 6.34 -21.87 62.06
N ALA E 200 7.04 -23.00 61.96
CA ALA E 200 7.63 -23.43 60.70
C ALA E 200 7.20 -24.83 60.32
N THR E 201 6.36 -24.92 59.28
CA THR E 201 5.92 -26.21 58.78
C THR E 201 6.83 -26.70 57.65
N HIS E 202 7.34 -27.92 57.78
CA HIS E 202 8.26 -28.48 56.80
C HIS E 202 8.15 -29.99 56.74
N LYS E 203 8.55 -30.57 55.62
CA LYS E 203 8.47 -32.02 55.39
C LYS E 203 9.14 -32.82 56.49
N THR E 204 10.19 -32.26 57.08
CA THR E 204 11.01 -32.99 58.05
C THR E 204 10.26 -33.42 59.32
N SER E 205 9.28 -32.63 59.75
CA SER E 205 8.53 -32.95 60.96
C SER E 205 7.03 -32.70 60.79
N THR E 206 6.22 -33.61 61.32
CA THR E 206 4.78 -33.44 61.31
C THR E 206 4.38 -32.23 62.14
N SER E 207 5.02 -32.08 63.29
CA SER E 207 4.79 -30.92 64.16
C SER E 207 5.73 -29.80 63.74
N PRO E 208 5.16 -28.61 63.47
CA PRO E 208 5.93 -27.46 63.02
C PRO E 208 6.93 -26.97 64.08
N ILE E 209 8.16 -26.70 63.66
CA ILE E 209 9.20 -26.22 64.57
C ILE E 209 8.82 -24.85 65.13
N VAL E 210 8.90 -24.72 66.45
CA VAL E 210 8.46 -23.51 67.12
C VAL E 210 9.57 -22.79 67.89
N LYS E 211 9.66 -21.48 67.67
CA LYS E 211 10.58 -20.63 68.42
C LYS E 211 9.83 -19.39 68.91
N SER E 212 10.08 -19.01 70.16
CA SER E 212 9.32 -17.92 70.78
C SER E 212 10.06 -17.22 71.91
N PHE E 213 9.62 -16.02 72.25
CA PHE E 213 10.12 -15.27 73.39
C PHE E 213 8.96 -14.61 74.13
N ASN E 214 9.27 -13.92 75.24
CA ASN E 214 8.23 -13.31 76.05
C ASN E 214 8.49 -11.84 76.38
N ARG E 215 9.18 -11.15 75.49
CA ARG E 215 9.55 -9.74 75.69
C ARG E 215 9.87 -9.43 77.16
N GLN F 1 41.93 -10.03 28.51
CA GLN F 1 41.14 -9.46 29.59
C GLN F 1 39.92 -8.76 29.00
N VAL F 2 39.13 -9.50 28.21
CA VAL F 2 37.93 -8.94 27.63
C VAL F 2 36.94 -8.60 28.74
N GLN F 3 36.56 -7.33 28.82
CA GLN F 3 35.64 -6.88 29.87
C GLN F 3 34.62 -5.87 29.36
N LEU F 4 33.37 -6.05 29.78
CA LEU F 4 32.33 -5.09 29.50
C LEU F 4 31.78 -4.52 30.82
N GLN F 5 31.96 -3.22 31.01
CA GLN F 5 31.48 -2.56 32.21
C GLN F 5 30.29 -1.66 31.91
N GLN F 6 29.27 -1.73 32.76
CA GLN F 6 28.07 -0.94 32.55
C GLN F 6 27.80 0.03 33.70
N SER F 7 27.16 1.16 33.39
CA SER F 7 26.63 2.03 34.43
C SER F 7 25.66 1.21 35.28
N GLY F 8 25.37 1.67 36.49
CA GLY F 8 24.54 0.88 37.37
C GLY F 8 23.50 1.64 38.17
N ALA F 9 22.49 0.90 38.64
CA ALA F 9 21.49 1.45 39.56
C ALA F 9 20.93 2.79 39.10
N GLU F 10 20.37 2.82 37.89
CA GLU F 10 19.73 4.02 37.39
C GLU F 10 18.26 4.08 37.83
N LEU F 11 17.87 5.21 38.40
CA LEU F 11 16.48 5.45 38.78
C LEU F 11 15.93 6.63 37.99
N ALA F 12 14.70 6.51 37.53
CA ALA F 12 14.07 7.57 36.74
C ALA F 12 12.56 7.60 36.94
N ARG F 13 11.98 8.79 36.86
CA ARG F 13 10.54 8.98 37.00
C ARG F 13 9.84 8.59 35.70
N PRO F 14 8.57 8.15 35.80
CA PRO F 14 7.78 7.76 34.63
C PRO F 14 7.71 8.85 33.57
N GLY F 15 8.00 8.49 32.33
CA GLY F 15 7.97 9.45 31.24
C GLY F 15 9.34 9.98 30.88
N ALA F 16 10.24 9.98 31.85
CA ALA F 16 11.60 10.48 31.64
C ALA F 16 12.42 9.54 30.76
N SER F 17 13.66 9.93 30.46
CA SER F 17 14.55 9.11 29.66
C SER F 17 15.80 8.71 30.46
N VAL F 18 16.37 7.57 30.11
CA VAL F 18 17.58 7.08 30.77
C VAL F 18 18.55 6.54 29.72
N LYS F 19 19.85 6.65 29.99
CA LYS F 19 20.85 6.19 29.02
C LYS F 19 21.94 5.31 29.64
N LEU F 20 21.82 4.00 29.41
CA LEU F 20 22.80 3.03 29.91
C LEU F 20 24.07 3.05 29.06
N SER F 21 25.20 2.75 29.68
CA SER F 21 26.47 2.69 28.95
C SER F 21 27.13 1.32 29.08
N CYS F 22 28.06 1.04 28.16
CA CYS F 22 28.76 -0.24 28.15
C CYS F 22 30.19 -0.06 27.67
N LYS F 23 31.11 0.16 28.60
CA LYS F 23 32.52 0.35 28.27
C LYS F 23 33.20 -0.99 28.06
N ALA F 24 33.78 -1.19 26.88
CA ALA F 24 34.44 -2.44 26.54
C ALA F 24 35.96 -2.28 26.46
N SER F 25 36.67 -3.39 26.59
CA SER F 25 38.13 -3.38 26.53
C SER F 25 38.68 -4.79 26.42
N GLY F 26 39.96 -4.89 26.05
CA GLY F 26 40.63 -6.18 25.96
C GLY F 26 40.45 -6.86 24.62
N TYR F 27 39.86 -6.15 23.67
CA TYR F 27 39.66 -6.69 22.32
C TYR F 27 39.36 -5.57 21.34
N THR F 28 39.52 -5.87 20.05
CA THR F 28 39.22 -4.89 19.00
C THR F 28 37.72 -4.61 18.94
N PHE F 29 37.33 -3.44 19.41
CA PHE F 29 35.92 -3.07 19.56
C PHE F 29 35.16 -3.09 18.25
N THR F 30 35.86 -2.89 17.15
CA THR F 30 35.22 -2.74 15.83
C THR F 30 34.92 -4.06 15.14
N ASP F 31 35.56 -5.15 15.58
CA ASP F 31 35.41 -6.45 14.94
C ASP F 31 34.18 -7.21 15.42
N TYR F 32 33.44 -6.63 16.37
CA TYR F 32 32.30 -7.32 16.96
C TYR F 32 31.06 -6.46 17.05
N TYR F 33 29.93 -7.10 17.33
CA TYR F 33 28.69 -6.40 17.61
C TYR F 33 28.53 -6.27 19.13
N ILE F 34 27.74 -5.30 19.55
CA ILE F 34 27.32 -5.19 20.94
C ILE F 34 25.80 -5.17 20.98
N ASN F 35 25.19 -6.14 21.64
CA ASN F 35 23.74 -6.19 21.74
C ASN F 35 23.24 -6.06 23.18
N TRP F 36 21.94 -5.80 23.32
CA TRP F 36 21.35 -5.53 24.63
C TRP F 36 20.22 -6.49 24.98
N MET F 37 20.09 -6.77 26.28
CA MET F 37 19.15 -7.77 26.77
C MET F 37 18.31 -7.18 27.90
N LYS F 38 17.02 -7.49 27.91
CA LYS F 38 16.14 -7.06 28.98
C LYS F 38 15.66 -8.27 29.79
N GLN F 39 15.84 -8.20 31.10
CA GLN F 39 15.41 -9.30 31.97
C GLN F 39 14.68 -8.78 33.21
N ARG F 40 13.37 -8.97 33.26
CA ARG F 40 12.58 -8.56 34.40
C ARG F 40 12.75 -9.56 35.54
N THR F 41 12.70 -9.07 36.77
CA THR F 41 12.89 -9.93 37.94
C THR F 41 12.04 -11.19 37.86
N GLY F 42 12.71 -12.34 37.88
CA GLY F 42 12.02 -13.63 37.87
C GLY F 42 11.47 -14.02 36.51
N GLN F 43 12.03 -13.43 35.45
CA GLN F 43 11.59 -13.75 34.10
C GLN F 43 12.77 -14.00 33.16
N GLY F 44 12.48 -14.39 31.92
CA GLY F 44 13.50 -14.74 30.96
C GLY F 44 14.18 -13.55 30.31
N LEU F 45 14.95 -13.84 29.26
CA LEU F 45 15.71 -12.81 28.55
C LEU F 45 15.00 -12.34 27.29
N GLU F 46 15.07 -11.04 27.04
CA GLU F 46 14.50 -10.46 25.82
C GLU F 46 15.60 -9.76 25.02
N TRP F 47 15.67 -10.06 23.74
CA TRP F 47 16.62 -9.41 22.85
C TRP F 47 16.06 -8.06 22.42
N ILE F 48 16.81 -7.00 22.70
CA ILE F 48 16.37 -5.65 22.35
C ILE F 48 16.88 -5.26 20.96
N GLY F 49 18.15 -5.53 20.70
CA GLY F 49 18.76 -5.19 19.43
C GLY F 49 20.27 -5.22 19.52
N GLU F 50 20.94 -4.88 18.43
CA GLU F 50 22.39 -4.88 18.40
C GLU F 50 22.95 -3.76 17.53
N ILE F 51 24.26 -3.57 17.57
CA ILE F 51 24.92 -2.54 16.78
C ILE F 51 26.34 -2.95 16.44
N TYR F 52 26.79 -2.59 15.24
CA TYR F 52 28.15 -2.85 14.82
C TYR F 52 28.93 -1.55 14.81
N PRO F 53 29.60 -1.23 15.94
CA PRO F 53 30.29 0.04 16.13
C PRO F 53 31.26 0.38 15.00
N GLY F 54 31.80 -0.64 14.34
CA GLY F 54 32.73 -0.44 13.25
C GLY F 54 32.12 0.30 12.07
N VAL F 55 30.82 0.14 11.88
CA VAL F 55 30.11 0.78 10.78
C VAL F 55 29.01 1.71 11.31
N GLY F 56 28.46 1.36 12.46
CA GLY F 56 27.45 2.18 13.10
C GLY F 56 26.04 1.65 12.95
N THR F 57 25.85 0.71 12.02
CA THR F 57 24.53 0.19 11.72
C THR F 57 23.90 -0.50 12.93
N THR F 58 22.58 -0.37 13.06
CA THR F 58 21.86 -0.92 14.20
C THR F 58 20.70 -1.82 13.79
N TYR F 59 20.35 -2.75 14.69
CA TYR F 59 19.23 -3.65 14.48
C TYR F 59 18.38 -3.72 15.74
N TYR F 60 17.07 -3.66 15.59
CA TYR F 60 16.18 -3.69 16.75
C TYR F 60 15.13 -4.78 16.61
N ASP F 61 14.67 -5.30 17.74
CA ASP F 61 13.48 -6.13 17.75
C ASP F 61 12.30 -5.17 17.61
N GLU F 62 11.37 -5.49 16.72
CA GLU F 62 10.28 -4.56 16.42
C GLU F 62 9.56 -4.09 17.68
N LYS F 63 9.57 -4.93 18.71
CA LYS F 63 8.93 -4.61 19.98
C LYS F 63 9.60 -3.39 20.64
N PHE F 64 10.91 -3.31 20.53
CA PHE F 64 11.68 -2.34 21.30
C PHE F 64 12.07 -1.07 20.56
N LYS F 65 12.01 -1.07 19.24
CA LYS F 65 12.41 0.12 18.48
C LYS F 65 11.41 1.26 18.74
N GLY F 66 11.95 2.42 19.10
CA GLY F 66 11.14 3.52 19.57
C GLY F 66 11.32 3.70 21.07
N LYS F 67 11.33 2.57 21.78
CA LYS F 67 11.61 2.54 23.21
C LYS F 67 13.11 2.63 23.46
N ALA F 68 13.87 1.83 22.71
CA ALA F 68 15.31 1.79 22.87
C ALA F 68 16.03 2.41 21.69
N THR F 69 17.18 3.02 21.96
CA THR F 69 17.99 3.63 20.92
C THR F 69 19.45 3.26 21.10
N LEU F 70 20.00 2.54 20.13
CA LEU F 70 21.37 2.05 20.23
C LEU F 70 22.37 2.97 19.54
N THR F 71 23.38 3.39 20.31
CA THR F 71 24.47 4.20 19.78
C THR F 71 25.80 3.63 20.27
N ALA F 72 26.90 4.16 19.75
CA ALA F 72 28.22 3.68 20.15
C ALA F 72 29.32 4.64 19.71
N ASP F 73 30.25 4.92 20.61
CA ASP F 73 31.42 5.74 20.30
C ASP F 73 32.62 4.84 20.05
N LYS F 74 32.99 4.71 18.78
CA LYS F 74 34.09 3.84 18.38
C LYS F 74 35.40 4.22 19.06
N SER F 75 35.56 5.51 19.34
CA SER F 75 36.80 6.03 19.92
C SER F 75 37.02 5.54 21.35
N SER F 76 35.96 5.60 22.15
CA SER F 76 36.05 5.22 23.57
C SER F 76 35.70 3.75 23.79
N ARG F 77 35.68 2.97 22.71
CA ARG F 77 35.30 1.57 22.78
C ARG F 77 34.09 1.37 23.69
N SER F 78 33.09 2.23 23.51
CA SER F 78 31.90 2.21 24.36
C SER F 78 30.61 2.17 23.54
N ALA F 79 29.58 1.59 24.12
CA ALA F 79 28.27 1.48 23.48
C ALA F 79 27.16 1.89 24.44
N TYR F 80 26.17 2.61 23.92
CA TYR F 80 25.10 3.14 24.75
C TYR F 80 23.72 2.69 24.30
N MET F 81 22.76 2.73 25.22
CA MET F 81 21.36 2.46 24.91
C MET F 81 20.45 3.38 25.70
N GLN F 82 19.65 4.17 25.01
CA GLN F 82 18.71 5.08 25.68
C GLN F 82 17.30 4.51 25.68
N LEU F 83 16.68 4.48 26.86
CA LEU F 83 15.29 4.06 27.00
C LEU F 83 14.42 5.29 27.19
N SER F 84 13.43 5.46 26.31
CA SER F 84 12.61 6.66 26.29
C SER F 84 11.19 6.42 26.80
N SER F 85 10.52 7.49 27.19
CA SER F 85 9.15 7.40 27.71
C SER F 85 8.99 6.24 28.68
N LEU F 86 9.80 6.25 29.73
CA LEU F 86 9.86 5.14 30.68
C LEU F 86 8.52 4.81 31.34
N THR F 87 8.30 3.52 31.56
CA THR F 87 7.08 3.03 32.20
C THR F 87 7.48 2.12 33.35
N SER F 88 6.50 1.74 34.18
CA SER F 88 6.74 0.81 35.27
C SER F 88 7.15 -0.55 34.71
N GLU F 89 6.83 -0.77 33.44
CA GLU F 89 7.17 -2.02 32.77
C GLU F 89 8.55 -1.98 32.14
N ASP F 90 9.22 -0.84 32.26
CA ASP F 90 10.59 -0.71 31.80
C ASP F 90 11.57 -1.00 32.94
N SER F 91 11.01 -1.20 34.13
CA SER F 91 11.82 -1.56 35.29
C SER F 91 12.32 -2.99 35.15
N ALA F 92 13.62 -3.13 34.95
CA ALA F 92 14.24 -4.45 34.78
C ALA F 92 15.75 -4.35 34.77
N VAL F 93 16.40 -5.49 34.53
CA VAL F 93 17.84 -5.52 34.40
C VAL F 93 18.22 -5.61 32.93
N TYR F 94 19.15 -4.76 32.51
CA TYR F 94 19.57 -4.72 31.11
C TYR F 94 21.04 -5.12 30.95
N PHE F 95 21.27 -6.15 30.14
CA PHE F 95 22.62 -6.65 29.90
C PHE F 95 23.12 -6.20 28.54
N CYS F 96 24.37 -5.74 28.49
CA CYS F 96 25.06 -5.56 27.22
C CYS F 96 26.02 -6.74 27.05
N ALA F 97 26.20 -7.19 25.82
CA ALA F 97 27.05 -8.35 25.56
C ALA F 97 27.78 -8.21 24.24
N ARG F 98 28.91 -8.90 24.13
CA ARG F 98 29.68 -8.92 22.90
C ARG F 98 29.31 -10.14 22.07
N ARG F 99 28.75 -9.92 20.89
CA ARG F 99 28.43 -11.04 20.01
C ARG F 99 29.52 -11.28 18.97
N THR F 100 30.03 -12.50 18.96
CA THR F 100 31.09 -12.89 18.04
C THR F 100 30.62 -12.88 16.59
N VAL F 101 31.53 -12.59 15.67
CA VAL F 101 31.21 -12.47 14.26
C VAL F 101 31.78 -13.61 13.45
N THR F 102 32.77 -14.31 14.01
CA THR F 102 33.33 -15.48 13.36
C THR F 102 32.23 -16.52 13.13
N MET F 103 32.39 -17.32 12.08
CA MET F 103 31.37 -18.32 11.75
C MET F 103 31.95 -19.73 11.68
N GLY F 104 31.12 -20.72 11.95
CA GLY F 104 29.73 -20.50 12.30
C GLY F 104 29.47 -20.50 13.79
N ARG F 105 29.72 -19.35 14.43
CA ARG F 105 29.44 -19.21 15.85
C ARG F 105 29.06 -17.78 16.21
N TYR F 106 27.83 -17.40 15.90
CA TYR F 106 27.31 -16.10 16.29
C TYR F 106 26.68 -16.20 17.68
N ALA F 107 27.46 -15.88 18.70
CA ALA F 107 27.00 -16.00 20.08
C ALA F 107 27.60 -14.94 20.97
N MET F 108 27.03 -14.78 22.16
CA MET F 108 27.52 -13.80 23.11
C MET F 108 28.44 -14.47 24.14
N ASP F 109 29.74 -14.24 24.01
CA ASP F 109 30.73 -14.91 24.84
C ASP F 109 31.18 -14.07 26.03
N TYR F 110 30.86 -12.78 26.00
CA TYR F 110 31.19 -11.90 27.11
C TYR F 110 30.03 -10.96 27.43
N TRP F 111 29.67 -10.88 28.70
CA TRP F 111 28.55 -10.05 29.14
C TRP F 111 28.99 -9.00 30.15
N GLY F 112 28.20 -7.94 30.27
CA GLY F 112 28.37 -6.97 31.34
C GLY F 112 27.56 -7.40 32.54
N GLN F 113 27.91 -6.88 33.71
CA GLN F 113 27.23 -7.27 34.95
C GLN F 113 25.74 -6.92 34.94
N GLY F 114 25.33 -6.10 33.98
CA GLY F 114 23.94 -5.71 33.84
C GLY F 114 23.59 -4.47 34.62
N THR F 115 22.56 -3.75 34.16
CA THR F 115 22.12 -2.53 34.82
C THR F 115 20.67 -2.64 35.27
N SER F 116 20.43 -2.39 36.56
CA SER F 116 19.08 -2.43 37.08
C SER F 116 18.41 -1.06 36.98
N VAL F 117 17.45 -0.94 36.07
CA VAL F 117 16.69 0.30 35.90
C VAL F 117 15.39 0.23 36.68
N THR F 118 15.11 1.28 37.45
CA THR F 118 13.89 1.34 38.24
C THR F 118 13.07 2.57 37.88
N VAL F 119 11.81 2.35 37.52
CA VAL F 119 10.92 3.45 37.16
C VAL F 119 9.81 3.62 38.18
N SER F 120 9.95 4.62 39.04
CA SER F 120 8.98 4.85 40.11
C SER F 120 8.93 6.33 40.49
N SER F 121 7.84 6.72 41.14
CA SER F 121 7.67 8.10 41.59
C SER F 121 8.13 8.27 43.03
N ALA F 122 8.44 7.16 43.68
CA ALA F 122 8.89 7.18 45.07
C ALA F 122 10.18 7.98 45.21
N LYS F 123 10.35 8.63 46.36
CA LYS F 123 11.53 9.46 46.59
C LYS F 123 12.62 8.70 47.35
N THR F 124 13.87 9.09 47.11
CA THR F 124 15.02 8.47 47.76
C THR F 124 14.92 8.54 49.28
N THR F 125 15.28 7.46 49.94
CA THR F 125 15.20 7.37 51.40
C THR F 125 16.36 6.56 51.99
N ALA F 126 17.00 7.11 53.01
CA ALA F 126 18.10 6.42 53.68
C ALA F 126 17.56 5.24 54.50
N PRO F 127 18.37 4.19 54.65
CA PRO F 127 17.96 2.98 55.36
C PRO F 127 18.19 3.08 56.86
N SER F 128 17.36 2.40 57.64
CA SER F 128 17.54 2.32 59.07
C SER F 128 18.08 0.94 59.44
N VAL F 129 19.30 0.90 59.95
CA VAL F 129 19.96 -0.37 60.26
C VAL F 129 19.72 -0.79 61.71
N TYR F 130 19.19 -1.98 61.90
CA TYR F 130 18.84 -2.49 63.23
C TYR F 130 19.53 -3.80 63.54
N PRO F 131 20.28 -3.85 64.65
CA PRO F 131 20.96 -5.06 65.11
C PRO F 131 19.97 -6.12 65.56
N LEU F 132 20.28 -7.39 65.29
CA LEU F 132 19.41 -8.48 65.70
C LEU F 132 20.14 -9.48 66.59
N ALA F 133 20.10 -9.24 67.89
CA ALA F 133 20.73 -10.14 68.85
C ALA F 133 19.73 -11.20 69.32
N PRO F 134 20.24 -12.38 69.71
CA PRO F 134 19.40 -13.49 70.16
C PRO F 134 18.53 -13.10 71.36
N VAL F 135 17.63 -13.99 71.74
CA VAL F 135 16.72 -13.74 72.86
C VAL F 135 17.49 -13.69 74.19
N SER F 143 26.23 -23.46 67.99
CA SER F 143 26.23 -22.30 67.10
C SER F 143 25.17 -21.29 67.50
N VAL F 144 25.51 -20.01 67.36
CA VAL F 144 24.56 -18.92 67.60
C VAL F 144 24.33 -18.14 66.31
N THR F 145 23.08 -17.77 66.07
CA THR F 145 22.72 -17.05 64.86
C THR F 145 22.42 -15.58 65.14
N LEU F 146 23.15 -14.69 64.48
CA LEU F 146 22.90 -13.26 64.59
C LEU F 146 22.25 -12.78 63.30
N GLY F 147 21.69 -11.58 63.32
CA GLY F 147 21.03 -11.03 62.15
C GLY F 147 21.19 -9.52 62.05
N CYS F 148 20.86 -8.97 60.88
CA CYS F 148 20.95 -7.54 60.66
C CYS F 148 19.79 -7.09 59.77
N LEU F 149 18.90 -6.29 60.34
CA LEU F 149 17.72 -5.82 59.62
C LEU F 149 17.89 -4.41 59.06
N VAL F 150 17.63 -4.26 57.77
CA VAL F 150 17.71 -2.97 57.11
C VAL F 150 16.36 -2.63 56.49
N LYS F 151 15.69 -1.63 57.05
CA LYS F 151 14.34 -1.28 56.61
C LYS F 151 14.18 0.20 56.28
N GLY F 152 13.20 0.50 55.43
CA GLY F 152 12.85 1.89 55.12
C GLY F 152 13.84 2.62 54.25
N TYR F 153 14.20 2.04 53.12
CA TYR F 153 15.12 2.68 52.19
C TYR F 153 14.63 2.56 50.75
N PHE F 154 15.18 3.41 49.88
CA PHE F 154 14.79 3.41 48.47
C PHE F 154 15.71 4.36 47.70
N PRO F 155 16.15 3.95 46.50
CA PRO F 155 15.82 2.66 45.92
C PRO F 155 16.94 1.65 46.13
N GLU F 156 16.79 0.48 45.51
CA GLU F 156 17.84 -0.52 45.46
C GLU F 156 19.04 0.13 44.77
N PRO F 157 20.26 -0.36 45.07
CA PRO F 157 20.57 -1.44 46.00
C PRO F 157 21.21 -0.97 47.29
N VAL F 158 21.46 -1.91 48.19
CA VAL F 158 22.31 -1.67 49.36
C VAL F 158 23.42 -2.69 49.37
N THR F 159 24.42 -2.48 50.23
CA THR F 159 25.54 -3.40 50.32
C THR F 159 25.74 -3.88 51.76
N LEU F 160 25.17 -5.04 52.07
CA LEU F 160 25.29 -5.59 53.42
C LEU F 160 26.43 -6.58 53.52
N THR F 161 27.55 -6.10 54.05
CA THR F 161 28.70 -6.95 54.35
C THR F 161 28.78 -7.07 55.87
N TRP F 162 29.42 -8.13 56.36
CA TRP F 162 29.54 -8.30 57.80
C TRP F 162 30.80 -7.69 58.39
N ASN F 163 31.81 -8.50 58.67
CA ASN F 163 33.04 -7.94 59.23
C ASN F 163 33.96 -7.33 58.17
N SER F 164 33.45 -6.32 57.48
CA SER F 164 34.23 -5.56 56.50
C SER F 164 34.75 -6.45 55.38
N GLY F 165 33.97 -7.46 55.00
CA GLY F 165 34.36 -8.38 53.95
C GLY F 165 34.66 -9.76 54.49
N SER F 166 35.46 -9.81 55.56
CA SER F 166 35.77 -11.06 56.23
C SER F 166 34.50 -11.64 56.83
N LEU F 167 34.54 -12.92 57.19
CA LEU F 167 33.37 -13.60 57.72
C LEU F 167 32.27 -13.67 56.66
N SER F 168 32.55 -14.40 55.59
CA SER F 168 31.60 -14.56 54.51
C SER F 168 30.80 -15.86 54.66
N SER F 169 31.37 -16.81 55.40
CA SER F 169 30.72 -18.10 55.61
C SER F 169 29.61 -18.02 56.65
N GLY F 170 28.53 -18.76 56.41
CA GLY F 170 27.42 -18.80 57.33
C GLY F 170 26.48 -17.62 57.18
N VAL F 171 26.70 -16.83 56.13
CA VAL F 171 25.90 -15.64 55.88
C VAL F 171 24.76 -15.93 54.90
N HIS F 172 23.60 -15.33 55.17
CA HIS F 172 22.45 -15.44 54.27
C HIS F 172 21.81 -14.07 54.06
N THR F 173 22.31 -13.34 53.06
CA THR F 173 21.72 -12.04 52.72
C THR F 173 20.54 -12.25 51.79
N PHE F 174 19.34 -11.95 52.27
CA PHE F 174 18.13 -12.18 51.51
C PHE F 174 17.84 -11.02 50.55
N PRO F 175 17.20 -11.32 49.41
CA PRO F 175 16.86 -10.28 48.45
C PRO F 175 15.83 -9.32 49.03
N ALA F 176 16.01 -8.02 48.76
CA ALA F 176 15.11 -7.00 49.30
C ALA F 176 13.67 -7.20 48.83
N VAL F 177 12.73 -6.59 49.54
CA VAL F 177 11.32 -6.68 49.20
C VAL F 177 10.65 -5.31 49.29
N LEU F 178 10.06 -4.88 48.17
CA LEU F 178 9.41 -3.58 48.11
C LEU F 178 8.00 -3.61 48.70
N GLN F 179 7.69 -2.63 49.55
CA GLN F 179 6.36 -2.51 50.13
C GLN F 179 6.08 -1.07 50.52
N SER F 180 5.07 -0.47 49.88
CA SER F 180 4.69 0.91 50.13
C SER F 180 5.82 1.86 49.74
N ASP F 181 6.48 1.56 48.62
CA ASP F 181 7.56 2.39 48.09
C ASP F 181 8.77 2.49 49.03
N LEU F 182 8.96 1.46 49.86
CA LEU F 182 10.12 1.38 50.73
C LEU F 182 10.63 -0.05 50.83
N TYR F 183 11.92 -0.24 50.53
CA TYR F 183 12.51 -1.57 50.53
C TYR F 183 12.85 -2.06 51.94
N THR F 184 12.87 -3.38 52.10
CA THR F 184 13.26 -4.00 53.36
C THR F 184 14.19 -5.18 53.11
N LEU F 185 15.33 -5.18 53.80
CA LEU F 185 16.35 -6.19 53.62
C LEU F 185 16.73 -6.80 54.97
N SER F 186 17.22 -8.04 54.94
CA SER F 186 17.67 -8.70 56.15
C SER F 186 18.81 -9.68 55.82
N SER F 187 19.61 -9.98 56.83
CA SER F 187 20.74 -10.90 56.64
C SER F 187 21.12 -11.58 57.95
N SER F 188 21.31 -12.89 57.89
CA SER F 188 21.72 -13.65 59.06
C SER F 188 23.20 -14.04 58.96
N VAL F 189 23.82 -14.26 60.10
CA VAL F 189 25.19 -14.74 60.14
C VAL F 189 25.36 -15.75 61.27
N THR F 190 25.64 -16.99 60.90
CA THR F 190 25.76 -18.07 61.88
C THR F 190 27.21 -18.33 62.25
N VAL F 191 27.52 -18.20 63.53
CA VAL F 191 28.88 -18.41 64.02
C VAL F 191 28.87 -19.32 65.24
N THR F 192 30.05 -19.79 65.64
CA THR F 192 30.18 -20.67 66.81
C THR F 192 29.78 -19.93 68.08
N SER F 193 29.19 -20.66 69.02
CA SER F 193 28.79 -20.08 70.30
C SER F 193 30.00 -19.52 71.05
N SER F 194 31.16 -20.13 70.84
CA SER F 194 32.38 -19.71 71.49
C SER F 194 32.98 -18.45 70.84
N THR F 195 32.45 -18.10 69.68
CA THR F 195 32.95 -16.97 68.91
C THR F 195 32.20 -15.68 69.25
N TRP F 196 31.00 -15.82 69.80
CA TRP F 196 30.17 -14.66 70.13
C TRP F 196 29.45 -14.87 71.47
N PRO F 197 29.37 -13.79 72.29
CA PRO F 197 29.89 -12.45 72.00
C PRO F 197 31.38 -12.32 72.28
N SER F 198 32.07 -13.44 72.44
CA SER F 198 33.49 -13.44 72.72
C SER F 198 34.25 -12.51 71.76
N GLN F 199 33.94 -12.64 70.47
CA GLN F 199 34.58 -11.82 69.45
C GLN F 199 33.57 -10.82 68.89
N SER F 200 34.09 -9.76 68.28
CA SER F 200 33.24 -8.71 67.71
C SER F 200 32.67 -9.11 66.36
N ILE F 201 31.39 -8.79 66.16
CA ILE F 201 30.71 -9.03 64.89
C ILE F 201 29.89 -7.83 64.48
N THR F 202 30.40 -7.06 63.52
CA THR F 202 29.74 -5.83 63.09
C THR F 202 29.02 -6.01 61.75
N CYS F 203 27.93 -5.25 61.57
CA CYS F 203 27.15 -5.30 60.35
C CYS F 203 27.34 -4.03 59.52
N ASN F 204 27.77 -4.19 58.27
CA ASN F 204 28.01 -3.04 57.39
C ASN F 204 26.96 -2.91 56.30
N VAL F 205 26.20 -1.81 56.33
CA VAL F 205 25.16 -1.57 55.34
C VAL F 205 25.43 -0.29 54.54
N ALA F 206 25.50 -0.42 53.23
CA ALA F 206 25.82 0.72 52.37
C ALA F 206 24.67 1.07 51.43
N HIS F 207 24.31 2.34 51.36
CA HIS F 207 23.26 2.79 50.47
C HIS F 207 23.77 3.91 49.56
N PRO F 208 23.99 3.58 48.28
CA PRO F 208 24.51 4.53 47.27
C PRO F 208 23.70 5.82 47.18
N ALA F 209 22.38 5.70 47.18
CA ALA F 209 21.50 6.87 47.03
C ALA F 209 21.61 7.86 48.19
N SER F 210 21.88 7.35 49.39
CA SER F 210 21.97 8.22 50.56
C SER F 210 23.30 8.06 51.32
N SER F 211 23.31 7.25 52.37
CA SER F 211 24.49 7.08 53.22
C SER F 211 24.66 5.69 53.81
N THR F 212 25.84 5.42 54.34
CA THR F 212 26.21 4.10 54.84
C THR F 212 26.35 4.06 56.37
N LYS F 213 25.83 2.99 56.97
CA LYS F 213 25.88 2.82 58.43
C LYS F 213 26.64 1.56 58.83
N VAL F 214 27.17 1.57 60.04
CA VAL F 214 27.93 0.44 60.58
C VAL F 214 27.63 0.27 62.06
N ASP F 215 26.94 -0.82 62.41
CA ASP F 215 26.58 -1.06 63.81
C ASP F 215 26.99 -2.45 64.30
N LYS F 216 27.33 -2.53 65.58
CA LYS F 216 27.89 -3.75 66.17
C LYS F 216 26.83 -4.58 66.88
N LYS F 217 26.98 -5.89 66.82
CA LYS F 217 26.06 -6.81 67.50
C LYS F 217 26.50 -7.05 68.94
N ILE F 218 26.07 -6.17 69.83
CA ILE F 218 26.44 -6.29 71.24
C ILE F 218 25.40 -7.11 72.01
N GLU F 219 25.52 -7.13 73.33
CA GLU F 219 24.71 -8.00 74.18
C GLU F 219 25.00 -9.45 73.85
#